data_8DG8
#
_entry.id   8DG8
#
_cell.length_a   1.00
_cell.length_b   1.00
_cell.length_c   1.00
_cell.angle_alpha   90.00
_cell.angle_beta   90.00
_cell.angle_gamma   90.00
#
_symmetry.space_group_name_H-M   'P 1'
#
loop_
_entity.id
_entity.type
_entity.pdbx_description
1 polymer 'Fusion glycoprotein F0'
2 polymer '3x1 monoclonal antibody, VH region'
3 polymer '3x1 monoclonal antibody, VL region'
4 non-polymer 2-acetamido-2-deoxy-beta-D-glucopyranose
#
loop_
_entity_poly.entity_id
_entity_poly.type
_entity_poly.pdbx_seq_one_letter_code
_entity_poly.pdbx_strand_id
1 'polypeptide(L)'
;QIDITKLQHVGVLVNSPKGMKISQNFETRYLILSLIPKIEDSNSCGDQQIKQYKRLLDRLIIPLYDGLKLQKDVIVTNQE
SNENTDPRTERFFGGVIGTIALGVATSAQITAAVALVEAKQAKSDIEKLKEAIRDTNKAVQSVCSSVGNCIVAIKSVQDY
VNKEIVPSIARLGCEAAGLQLGIALTQHYSELTNCFGDNIGSLQEKGIKLQCIASLYRTNITEIFTTSTVDKYDIYDLLF
TESIKVRVIDVDLNDYSITLQVRLPLLTRLLNTQIYKVDSISYNIQNREWYIPLPSHIMTKGAFLGGADVKECIEAFSSY
ICPSDPGFVLNHEMESCLSGNISQCPRTTVTSDIVPRYAFVNGGVVANCITTTCTCNGIGNRINQPPDQGVKIITHKECN
TIGINGMLFNTNKEGTLAFYTPDDITLNNSVALDPIDISIELNKVKSDLEESKEWYRRSNQKLSAIEDKIEEILSKIYHI
ENEIARIKKLIGEAP
;
B,A,C
2 'polypeptide(L)'
;EVQLLESGGGLVQPGGSLRLSCAASGFTFSSFGMSWVRQSPGKGLEWVADISHSAGFLNYADSVKGRFTVSRDNSKSTLH
LQMKSLRAEDTAVYYCAKRLAGLPDLEWLLYPNFLDHWGQGTLVTVSS
;
H
3 'polypeptide(L)'
;SSELTQDPAVSVALGQTVRITCQGDILRTYYVSWYQQKPGQAPLLVIYGKNNRPSVIPDRFSGSTSGDTASLTITGAQAE
DEAEYYCSSRDRSGNHVLFGGGTKLTVL
;
L
#
loop_
_chem_comp.id
_chem_comp.type
_chem_comp.name
_chem_comp.formula
NAG D-saccharide, beta linking 2-acetamido-2-deoxy-beta-D-glucopyranose 'C8 H15 N O6'
#
# COMPACT_ATOMS: atom_id res chain seq x y z
N ILE A 2 -27.64 0.35 -20.60
CA ILE A 2 -26.93 -0.86 -20.98
C ILE A 2 -27.86 -1.77 -21.76
N ASP A 3 -27.40 -2.24 -22.92
CA ASP A 3 -28.15 -3.16 -23.76
C ASP A 3 -27.39 -4.47 -23.81
N ILE A 4 -27.89 -5.48 -23.10
CA ILE A 4 -27.20 -6.77 -23.03
C ILE A 4 -27.45 -7.59 -24.30
N THR A 5 -28.69 -7.65 -24.75
CA THR A 5 -28.97 -8.28 -26.03
C THR A 5 -28.44 -7.41 -27.16
N LYS A 6 -28.29 -8.02 -28.34
CA LYS A 6 -27.67 -7.41 -29.51
C LYS A 6 -26.21 -7.07 -29.24
N LEU A 7 -25.72 -7.40 -28.04
CA LEU A 7 -24.34 -7.16 -27.67
C LEU A 7 -23.54 -8.43 -27.53
N GLN A 8 -24.19 -9.55 -27.21
CA GLN A 8 -23.49 -10.82 -27.18
C GLN A 8 -23.01 -11.20 -28.58
N HIS A 9 -23.73 -10.78 -29.62
CA HIS A 9 -23.38 -11.11 -30.99
C HIS A 9 -22.12 -10.40 -31.46
N VAL A 10 -21.58 -9.47 -30.67
CA VAL A 10 -20.35 -8.77 -31.02
C VAL A 10 -19.15 -9.28 -30.25
N GLY A 11 -19.38 -10.06 -29.19
CA GLY A 11 -18.31 -10.49 -28.33
C GLY A 11 -18.21 -9.74 -27.03
N VAL A 12 -19.08 -8.77 -26.79
CA VAL A 12 -19.16 -8.06 -25.52
C VAL A 12 -20.21 -8.76 -24.68
N LEU A 13 -19.82 -9.20 -23.48
CA LEU A 13 -20.66 -10.04 -22.63
C LEU A 13 -20.88 -9.33 -21.30
N VAL A 14 -21.95 -8.52 -21.25
CA VAL A 14 -22.28 -7.80 -20.02
C VAL A 14 -22.67 -8.81 -18.95
N ASN A 15 -22.27 -8.53 -17.70
CA ASN A 15 -22.35 -9.53 -16.66
C ASN A 15 -22.83 -8.91 -15.36
N SER A 16 -23.77 -9.60 -14.70
CA SER A 16 -24.08 -9.40 -13.30
C SER A 16 -24.44 -7.97 -12.93
N PRO A 17 -25.65 -7.50 -13.25
CA PRO A 17 -26.09 -6.21 -12.72
C PRO A 17 -26.00 -6.19 -11.19
N LYS A 18 -25.40 -5.14 -10.66
CA LYS A 18 -25.15 -5.05 -9.23
C LYS A 18 -25.33 -3.62 -8.77
N GLY A 19 -25.57 -3.45 -7.48
CA GLY A 19 -25.79 -2.15 -6.89
C GLY A 19 -24.51 -1.38 -6.66
N MET A 20 -24.64 -0.27 -5.96
CA MET A 20 -23.51 0.62 -5.71
C MET A 20 -23.70 1.33 -4.37
N LYS A 21 -22.61 1.45 -3.62
CA LYS A 21 -22.62 2.18 -2.36
C LYS A 21 -21.38 3.08 -2.31
N ILE A 22 -21.54 4.27 -1.76
CA ILE A 22 -20.47 5.26 -1.71
C ILE A 22 -20.28 5.74 -0.27
N SER A 23 -19.03 6.03 0.08
CA SER A 23 -18.69 6.62 1.37
C SER A 23 -18.54 8.12 1.22
N GLN A 24 -19.67 8.78 0.95
CA GLN A 24 -19.65 10.20 0.64
C GLN A 24 -19.29 11.05 1.85
N ASN A 25 -19.63 10.60 3.06
CA ASN A 25 -19.28 11.31 4.28
C ASN A 25 -18.70 10.35 5.30
N PHE A 26 -17.87 10.88 6.18
CA PHE A 26 -17.14 10.09 7.15
C PHE A 26 -17.51 10.50 8.57
N GLU A 27 -17.47 9.54 9.48
CA GLU A 27 -17.64 9.79 10.91
C GLU A 27 -16.29 9.50 11.57
N THR A 28 -15.51 10.54 11.80
CA THR A 28 -14.15 10.37 12.27
C THR A 28 -14.12 9.88 13.71
N ARG A 29 -13.05 9.18 14.06
CA ARG A 29 -12.76 8.79 15.42
C ARG A 29 -11.28 9.08 15.69
N TYR A 30 -10.79 8.63 16.84
CA TYR A 30 -9.39 8.85 17.19
C TYR A 30 -8.88 7.63 17.95
N LEU A 31 -8.13 6.78 17.26
CA LEU A 31 -7.46 5.66 17.91
C LEU A 31 -6.19 6.15 18.59
N ILE A 32 -5.94 5.64 19.79
CA ILE A 32 -4.78 6.02 20.58
C ILE A 32 -4.07 4.74 21.02
N LEU A 33 -3.09 4.31 20.23
CA LEU A 33 -2.34 3.11 20.54
C LEU A 33 -1.29 3.40 21.60
N SER A 34 -1.24 2.58 22.63
CA SER A 34 -0.18 2.63 23.64
C SER A 34 0.66 1.38 23.46
N LEU A 35 1.88 1.56 22.96
CA LEU A 35 2.73 0.44 22.56
C LEU A 35 3.48 -0.19 23.73
N ILE A 36 3.02 0.02 24.95
CA ILE A 36 3.63 -0.61 26.13
C ILE A 36 2.54 -1.32 26.92
N PRO A 37 2.76 -2.55 27.38
CA PRO A 37 1.78 -3.22 28.23
C PRO A 37 2.00 -2.90 29.70
N LYS A 38 0.94 -3.12 30.47
CA LYS A 38 0.95 -2.86 31.90
C LYS A 38 0.99 -4.18 32.65
N ILE A 39 1.92 -4.28 33.61
CA ILE A 39 2.10 -5.49 34.41
C ILE A 39 1.64 -5.20 35.83
N GLU A 40 0.91 -6.15 36.41
CA GLU A 40 0.20 -5.94 37.66
C GLU A 40 0.81 -6.71 38.82
N ASP A 41 2.10 -7.00 38.76
CA ASP A 41 2.76 -7.74 39.84
C ASP A 41 4.25 -7.46 39.77
N SER A 42 4.81 -6.90 40.84
CA SER A 42 6.23 -6.60 40.97
C SER A 42 6.76 -5.94 39.70
N ASN A 43 7.79 -6.55 39.11
CA ASN A 43 8.34 -6.08 37.85
C ASN A 43 8.61 -7.29 36.96
N SER A 44 8.66 -7.04 35.66
CA SER A 44 9.08 -8.03 34.67
C SER A 44 10.47 -7.59 34.21
N CYS A 45 11.49 -8.33 34.62
CA CYS A 45 12.88 -7.90 34.42
C CYS A 45 13.21 -7.66 32.96
N GLY A 46 12.51 -8.31 32.04
CA GLY A 46 12.74 -8.08 30.62
C GLY A 46 12.02 -6.91 30.02
N ASP A 47 11.25 -6.15 30.82
CA ASP A 47 10.49 -5.03 30.25
C ASP A 47 11.42 -3.98 29.66
N GLN A 48 12.52 -3.67 30.36
CA GLN A 48 13.43 -2.64 29.88
C GLN A 48 14.03 -3.01 28.53
N GLN A 49 14.46 -4.25 28.37
CA GLN A 49 15.07 -4.66 27.10
C GLN A 49 14.04 -4.67 25.98
N ILE A 50 12.87 -5.25 26.22
CA ILE A 50 11.83 -5.25 25.20
C ILE A 50 11.33 -3.82 24.95
N LYS A 51 11.40 -2.96 25.97
CA LYS A 51 11.16 -1.54 25.74
C LYS A 51 12.19 -0.95 24.80
N GLN A 52 13.46 -1.33 24.98
CA GLN A 52 14.53 -0.79 24.16
C GLN A 52 14.34 -1.13 22.69
N TYR A 53 13.79 -2.32 22.40
CA TYR A 53 13.52 -2.69 21.02
C TYR A 53 12.51 -1.73 20.39
N LYS A 54 11.47 -1.36 21.15
CA LYS A 54 10.49 -0.41 20.63
C LYS A 54 11.09 0.96 20.39
N ARG A 55 12.12 1.32 21.16
CA ARG A 55 12.73 2.65 21.01
C ARG A 55 13.28 2.88 19.61
N LEU A 56 13.58 1.81 18.86
CA LEU A 56 14.08 2.00 17.51
C LEU A 56 13.00 2.48 16.56
N LEU A 57 11.74 2.10 16.81
CA LEU A 57 10.68 2.39 15.85
C LEU A 57 10.16 3.81 16.01
N ASP A 58 9.59 4.13 17.17
CA ASP A 58 8.92 5.43 17.35
C ASP A 58 9.91 6.59 17.29
N ARG A 59 11.15 6.37 17.72
CA ARG A 59 12.16 7.43 17.64
C ARG A 59 12.36 7.88 16.20
N LEU A 60 12.11 7.00 15.24
CA LEU A 60 12.08 7.40 13.84
C LEU A 60 10.83 8.20 13.49
N ILE A 61 9.75 8.03 14.24
CA ILE A 61 8.48 8.61 13.84
C ILE A 61 8.28 10.04 14.34
N ILE A 62 8.79 10.38 15.52
CA ILE A 62 8.66 11.73 16.04
C ILE A 62 9.33 12.76 15.13
N PRO A 63 10.42 12.45 14.42
CA PRO A 63 10.85 13.35 13.33
C PRO A 63 10.33 12.94 11.97
N LEU A 64 9.62 11.81 11.86
CA LEU A 64 8.91 11.50 10.63
C LEU A 64 7.73 12.43 10.42
N TYR A 65 7.19 13.00 11.50
CA TYR A 65 6.13 14.01 11.40
C TYR A 65 6.70 15.42 11.53
N ASP A 66 7.42 15.69 12.60
CA ASP A 66 8.09 16.98 12.73
C ASP A 66 9.14 17.12 11.64
N GLY A 67 9.10 18.25 10.93
CA GLY A 67 9.93 18.42 9.76
C GLY A 67 9.36 17.85 8.49
N LEU A 68 8.21 17.20 8.55
CA LEU A 68 7.47 16.77 7.37
C LEU A 68 6.23 17.61 7.12
N LYS A 69 5.57 18.09 8.18
CA LYS A 69 4.40 18.92 8.02
C LYS A 69 4.73 20.15 7.19
N LEU A 70 3.90 20.40 6.19
CA LEU A 70 4.09 21.51 5.27
C LEU A 70 3.48 22.80 5.80
N GLN A 71 2.90 22.76 7.01
CA GLN A 71 2.19 23.89 7.62
C GLN A 71 1.26 24.57 6.61
N LYS A 72 0.46 23.75 5.93
CA LYS A 72 -0.51 24.25 4.97
C LYS A 72 -1.56 25.13 5.61
N ASP A 73 -1.85 24.95 6.90
CA ASP A 73 -2.92 25.71 7.56
C ASP A 73 -2.38 26.27 8.88
N VAL A 74 -1.73 27.43 8.80
CA VAL A 74 -1.60 28.27 9.98
C VAL A 74 -2.90 29.01 10.22
N ILE A 75 -3.60 29.37 9.14
CA ILE A 75 -5.01 29.70 9.24
C ILE A 75 -5.75 28.49 9.77
N VAL A 76 -6.70 28.71 10.66
CA VAL A 76 -7.35 27.59 11.33
C VAL A 76 -8.87 27.61 11.10
N THR A 77 -9.28 27.05 9.96
CA THR A 77 -10.69 26.77 9.61
C THR A 77 -11.63 27.86 10.13
N ASN A 78 -11.30 29.10 9.80
CA ASN A 78 -12.02 30.28 10.30
C ASN A 78 -13.53 30.18 10.07
N ALA A 101 3.33 31.63 4.97
CA ALA A 101 4.26 30.96 4.07
C ALA A 101 3.73 29.58 3.69
N LEU A 102 2.48 29.54 3.24
CA LEU A 102 1.88 28.27 2.84
C LEU A 102 2.56 27.71 1.59
N GLY A 103 2.87 28.57 0.64
CA GLY A 103 3.61 28.19 -0.55
C GLY A 103 2.75 27.55 -1.62
N VAL A 104 2.43 26.26 -1.45
CA VAL A 104 1.54 25.56 -2.35
C VAL A 104 1.11 24.24 -1.71
N ALA A 105 -0.15 23.87 -1.91
CA ALA A 105 -0.68 22.60 -1.44
C ALA A 105 -2.03 22.39 -2.08
N THR A 106 -2.35 21.12 -2.35
CA THR A 106 -3.49 20.76 -3.19
C THR A 106 -4.62 20.18 -2.36
N SER A 107 -5.77 20.00 -3.03
CA SER A 107 -6.95 19.45 -2.37
C SER A 107 -6.71 18.07 -1.81
N ALA A 108 -5.75 17.32 -2.36
CA ALA A 108 -5.38 16.05 -1.75
C ALA A 108 -4.78 16.25 -0.37
N GLN A 109 -4.28 17.45 -0.07
CA GLN A 109 -3.80 17.81 1.25
C GLN A 109 -4.77 18.68 2.03
N ILE A 110 -5.53 19.54 1.33
CA ILE A 110 -6.52 20.39 2.01
C ILE A 110 -7.40 19.55 2.91
N THR A 111 -8.10 18.58 2.33
CA THR A 111 -8.94 17.69 3.12
C THR A 111 -8.10 16.83 4.05
N ALA A 112 -6.83 16.60 3.71
CA ALA A 112 -5.99 15.76 4.54
C ALA A 112 -5.63 16.44 5.86
N ALA A 113 -5.40 17.75 5.83
CA ALA A 113 -4.99 18.47 7.03
C ALA A 113 -6.10 19.29 7.67
N VAL A 114 -7.14 19.66 6.91
CA VAL A 114 -8.31 20.25 7.54
C VAL A 114 -8.94 19.26 8.52
N ALA A 115 -9.05 18.00 8.10
CA ALA A 115 -9.41 16.95 9.04
C ALA A 115 -8.38 16.82 10.15
N LEU A 116 -7.11 17.14 9.86
CA LEU A 116 -6.09 17.18 10.89
C LEU A 116 -6.15 18.47 11.71
N VAL A 117 -6.77 19.53 11.17
CA VAL A 117 -7.01 20.72 11.98
C VAL A 117 -7.94 20.40 13.14
N GLU A 118 -8.93 19.53 12.90
CA GLU A 118 -9.82 19.11 13.97
C GLU A 118 -9.08 18.34 15.07
N ALA A 119 -7.87 17.85 14.80
CA ALA A 119 -7.13 17.14 15.84
C ALA A 119 -6.76 18.07 16.99
N LYS A 120 -6.39 19.31 16.68
CA LYS A 120 -6.00 20.24 17.75
C LYS A 120 -7.14 20.53 18.70
N GLN A 121 -8.35 20.73 18.18
CA GLN A 121 -9.49 20.97 19.07
C GLN A 121 -9.78 19.75 19.93
N ALA A 122 -9.47 18.55 19.42
CA ALA A 122 -9.56 17.34 20.21
C ALA A 122 -8.24 16.98 20.90
N LYS A 123 -7.17 17.72 20.63
CA LYS A 123 -5.89 17.44 21.27
C LYS A 123 -5.99 17.61 22.79
N SER A 124 -6.65 18.68 23.24
CA SER A 124 -6.87 18.86 24.67
C SER A 124 -7.74 17.75 25.25
N ASP A 125 -8.53 17.10 24.41
CA ASP A 125 -9.39 15.99 24.84
C ASP A 125 -8.65 14.65 24.79
N ILE A 126 -7.98 14.36 23.68
CA ILE A 126 -7.25 13.10 23.55
C ILE A 126 -6.17 13.00 24.61
N GLU A 127 -5.44 14.09 24.84
CA GLU A 127 -4.42 14.09 25.88
C GLU A 127 -4.99 13.75 27.25
N LYS A 128 -6.23 14.13 27.51
CA LYS A 128 -6.83 13.84 28.81
C LYS A 128 -6.99 12.34 29.02
N LEU A 129 -7.32 11.60 27.95
CA LEU A 129 -7.35 10.15 28.04
C LEU A 129 -5.95 9.56 28.14
N LYS A 130 -5.00 10.10 27.38
CA LYS A 130 -3.64 9.57 27.40
C LYS A 130 -3.04 9.61 28.79
N GLU A 131 -3.47 10.56 29.62
CA GLU A 131 -3.03 10.61 31.02
C GLU A 131 -3.64 9.48 31.84
N ALA A 132 -4.72 8.86 31.37
CA ALA A 132 -5.43 7.83 32.11
C ALA A 132 -5.11 6.42 31.63
N ILE A 133 -5.14 6.20 30.30
CA ILE A 133 -4.87 4.88 29.75
C ILE A 133 -3.49 4.39 30.14
N ARG A 134 -2.59 5.30 30.49
CA ARG A 134 -1.24 4.92 30.88
C ARG A 134 -1.24 3.97 32.07
N ASP A 135 -2.14 4.18 33.03
CA ASP A 135 -2.16 3.42 34.27
C ASP A 135 -3.18 2.29 34.29
N THR A 136 -3.92 2.08 33.20
CA THR A 136 -4.95 1.04 33.21
C THR A 136 -4.33 -0.32 32.88
N ASN A 137 -5.17 -1.35 32.98
CA ASN A 137 -4.80 -2.72 32.63
C ASN A 137 -5.92 -3.36 31.82
N LYS A 138 -6.45 -2.60 30.87
CA LYS A 138 -7.56 -3.05 30.04
C LYS A 138 -7.20 -2.84 28.58
N ALA A 139 -7.59 -3.80 27.75
CA ALA A 139 -7.19 -3.80 26.36
C ALA A 139 -7.81 -2.64 25.59
N VAL A 140 -9.15 -2.59 25.55
CA VAL A 140 -9.87 -1.61 24.75
C VAL A 140 -10.79 -0.82 25.67
N GLN A 141 -10.72 0.51 25.58
CA GLN A 141 -11.61 1.41 26.30
C GLN A 141 -12.15 2.42 25.31
N SER A 142 -13.47 2.64 25.35
CA SER A 142 -14.12 3.49 24.36
C SER A 142 -14.69 4.75 25.01
N VAL A 143 -13.89 5.40 25.86
CA VAL A 143 -14.34 6.59 26.56
C VAL A 143 -14.57 7.71 25.57
N CYS A 144 -15.62 8.51 25.81
CA CYS A 144 -15.92 9.61 24.90
C CYS A 144 -16.72 10.72 25.54
N SER A 145 -16.80 11.83 24.80
CA SER A 145 -17.43 13.06 25.24
C SER A 145 -18.72 13.36 24.50
N SER A 146 -18.64 13.48 23.17
CA SER A 146 -19.83 13.78 22.40
C SER A 146 -20.76 12.57 22.38
N VAL A 147 -21.99 12.80 21.92
CA VAL A 147 -22.98 11.72 21.90
C VAL A 147 -22.59 10.63 20.91
N GLY A 148 -22.15 11.01 19.70
CA GLY A 148 -21.78 10.02 18.70
C GLY A 148 -20.31 9.67 18.67
N ASN A 149 -19.46 10.67 18.56
CA ASN A 149 -18.02 10.43 18.46
C ASN A 149 -17.49 9.80 19.74
N CYS A 150 -16.60 8.82 19.58
CA CYS A 150 -15.93 8.23 20.73
C CYS A 150 -14.49 7.85 20.42
N ILE A 151 -13.56 8.41 21.21
CA ILE A 151 -12.17 8.00 21.17
C ILE A 151 -12.03 6.62 21.80
N VAL A 152 -11.07 5.84 21.32
CA VAL A 152 -10.87 4.47 21.78
C VAL A 152 -9.39 4.26 22.07
N ALA A 153 -9.10 3.63 23.20
CA ALA A 153 -7.73 3.33 23.61
C ALA A 153 -7.45 1.84 23.44
N ILE A 154 -6.34 1.53 22.77
CA ILE A 154 -5.90 0.16 22.55
C ILE A 154 -4.49 0.03 23.10
N LYS A 155 -4.29 -0.89 24.04
CA LYS A 155 -2.96 -1.13 24.58
C LYS A 155 -2.21 -2.08 23.64
N SER A 156 -0.98 -2.45 24.01
CA SER A 156 -0.10 -3.13 23.05
C SER A 156 -0.40 -4.63 22.99
N VAL A 157 -0.16 -5.35 24.07
CA VAL A 157 -0.40 -6.79 24.10
C VAL A 157 -1.18 -7.15 25.36
N GLN A 158 -1.92 -6.17 25.90
CA GLN A 158 -2.64 -6.38 27.15
C GLN A 158 -3.63 -7.53 27.06
N ASP A 159 -4.10 -7.86 25.85
CA ASP A 159 -4.96 -9.03 25.70
C ASP A 159 -4.25 -10.30 26.13
N TYR A 160 -3.05 -10.55 25.59
CA TYR A 160 -2.31 -11.74 25.97
C TYR A 160 -1.60 -11.56 27.31
N VAL A 161 -1.31 -10.31 27.70
CA VAL A 161 -0.64 -10.09 28.98
C VAL A 161 -1.48 -10.63 30.12
N ASN A 162 -2.79 -10.35 30.11
CA ASN A 162 -3.67 -10.94 31.10
C ASN A 162 -3.73 -12.46 30.98
N LYS A 163 -3.42 -13.01 29.82
CA LYS A 163 -3.36 -14.45 29.62
C LYS A 163 -1.97 -15.02 29.82
N GLU A 164 -0.99 -14.20 30.18
CA GLU A 164 0.32 -14.69 30.59
C GLU A 164 0.69 -14.31 32.02
N ILE A 165 0.17 -13.20 32.55
CA ILE A 165 0.37 -12.92 33.96
C ILE A 165 -0.40 -13.91 34.82
N VAL A 166 -1.57 -14.35 34.36
CA VAL A 166 -2.32 -15.37 35.10
C VAL A 166 -1.54 -16.68 35.17
N PRO A 167 -0.98 -17.22 34.08
CA PRO A 167 -0.06 -18.34 34.24
C PRO A 167 1.22 -17.97 34.96
N SER A 168 1.60 -16.69 34.98
CA SER A 168 2.87 -16.29 35.58
C SER A 168 2.95 -16.67 37.06
N ILE A 169 1.79 -16.79 37.73
CA ILE A 169 1.79 -17.25 39.11
C ILE A 169 2.30 -18.67 39.19
N ALA A 170 2.12 -19.45 38.12
CA ALA A 170 2.63 -20.82 38.10
C ALA A 170 4.11 -20.87 37.76
N ARG A 171 4.60 -19.88 37.01
CA ARG A 171 5.98 -19.91 36.54
C ARG A 171 6.97 -19.30 37.54
N LEU A 172 6.50 -18.50 38.50
CA LEU A 172 7.30 -18.04 39.63
C LEU A 172 8.52 -17.23 39.19
N GLY A 173 8.28 -16.08 38.58
CA GLY A 173 9.40 -15.20 38.29
C GLY A 173 9.13 -13.94 37.50
N CYS A 174 9.99 -12.93 37.67
CA CYS A 174 10.01 -11.81 36.73
C CYS A 174 10.44 -12.29 35.35
N GLU A 175 11.37 -13.24 35.29
CA GLU A 175 11.70 -13.95 34.07
C GLU A 175 11.40 -15.42 34.35
N ALA A 176 11.72 -16.28 33.37
CA ALA A 176 11.21 -17.66 33.37
C ALA A 176 9.70 -17.64 33.54
N ALA A 177 9.07 -16.69 32.84
CA ALA A 177 7.70 -16.24 33.04
C ALA A 177 7.52 -14.95 32.26
N GLY A 178 8.30 -13.93 32.62
CA GLY A 178 8.43 -12.77 31.76
C GLY A 178 9.08 -13.11 30.43
N LEU A 179 9.79 -14.24 30.37
CA LEU A 179 10.27 -14.74 29.09
C LEU A 179 9.13 -14.91 28.11
N GLN A 180 7.99 -15.41 28.59
CA GLN A 180 6.78 -15.46 27.75
C GLN A 180 6.37 -14.07 27.31
N LEU A 181 6.46 -13.09 28.23
CA LEU A 181 6.30 -11.69 27.82
C LEU A 181 7.46 -11.27 26.91
N GLY A 182 8.67 -11.74 27.21
CA GLY A 182 9.83 -11.35 26.42
C GLY A 182 9.68 -11.74 24.97
N ILE A 183 9.24 -12.98 24.71
CA ILE A 183 8.98 -13.38 23.33
C ILE A 183 7.75 -12.66 22.80
N ALA A 184 6.78 -12.36 23.66
CA ALA A 184 5.51 -11.80 23.20
C ALA A 184 5.71 -10.44 22.54
N LEU A 185 6.37 -9.51 23.23
CA LEU A 185 6.52 -8.18 22.66
C LEU A 185 7.48 -8.18 21.48
N THR A 186 8.54 -8.99 21.55
CA THR A 186 9.44 -9.11 20.41
C THR A 186 8.69 -9.65 19.20
N GLN A 187 7.81 -10.64 19.40
CA GLN A 187 6.93 -11.06 18.33
C GLN A 187 6.00 -9.93 17.93
N HIS A 188 5.46 -9.20 18.91
CA HIS A 188 4.66 -8.03 18.60
C HIS A 188 5.49 -6.97 17.88
N TYR A 189 6.72 -6.76 18.34
CA TYR A 189 7.64 -5.88 17.61
C TYR A 189 7.91 -6.45 16.22
N SER A 190 8.04 -7.77 16.12
CA SER A 190 8.15 -8.39 14.80
C SER A 190 6.91 -8.14 13.97
N GLU A 191 5.74 -8.06 14.61
CA GLU A 191 4.53 -7.67 13.89
C GLU A 191 4.58 -6.19 13.52
N LEU A 192 5.05 -5.35 14.43
CA LEU A 192 5.19 -3.93 14.14
C LEU A 192 6.37 -3.70 13.20
N THR A 193 6.47 -2.45 12.71
CA THR A 193 7.49 -2.01 11.76
C THR A 193 7.20 -2.60 10.39
N ASN A 194 6.18 -3.46 10.30
CA ASN A 194 5.78 -4.01 9.00
C ASN A 194 4.97 -3.00 8.20
N CYS A 195 3.83 -2.58 8.74
CA CYS A 195 3.05 -1.52 8.09
C CYS A 195 3.51 -0.13 8.50
N PHE A 196 4.41 -0.02 9.47
CA PHE A 196 5.00 1.26 9.85
C PHE A 196 6.42 1.42 9.33
N GLY A 197 6.87 0.53 8.45
CA GLY A 197 8.22 0.60 7.91
C GLY A 197 8.31 1.44 6.65
N GLY A 207 -0.43 6.49 5.79
CA GLY A 207 -0.96 5.72 4.69
C GLY A 207 -1.25 4.28 5.07
N ILE A 208 -1.05 3.96 6.35
CA ILE A 208 -1.32 2.61 6.84
C ILE A 208 -2.79 2.28 6.65
N LYS A 209 -3.06 1.07 6.17
CA LYS A 209 -4.44 0.61 6.02
C LYS A 209 -4.93 0.02 7.32
N LEU A 210 -6.24 0.13 7.55
CA LEU A 210 -6.82 -0.26 8.84
C LEU A 210 -6.62 -1.73 9.14
N GLN A 211 -6.42 -2.57 8.12
CA GLN A 211 -6.26 -4.00 8.33
C GLN A 211 -5.09 -4.30 9.25
N CYS A 212 -3.96 -3.61 9.04
CA CYS A 212 -2.77 -3.89 9.85
C CYS A 212 -3.07 -3.69 11.33
N ILE A 213 -3.70 -2.57 11.69
CA ILE A 213 -3.93 -2.25 13.09
C ILE A 213 -4.77 -3.34 13.75
N ALA A 214 -5.82 -3.79 13.06
CA ALA A 214 -6.60 -4.91 13.58
C ALA A 214 -5.78 -6.19 13.61
N SER A 215 -4.80 -6.32 12.71
CA SER A 215 -4.01 -7.55 12.64
C SER A 215 -3.16 -7.74 13.89
N LEU A 216 -2.60 -6.66 14.44
CA LEU A 216 -1.75 -6.80 15.62
C LEU A 216 -2.49 -7.41 16.80
N TYR A 217 -3.74 -6.97 17.03
CA TYR A 217 -4.46 -7.33 18.25
C TYR A 217 -5.47 -8.44 18.03
N ARG A 218 -5.49 -9.04 16.84
CA ARG A 218 -6.38 -10.15 16.49
C ARG A 218 -7.86 -9.76 16.56
N THR A 219 -8.16 -8.49 16.77
CA THR A 219 -9.54 -8.05 16.91
C THR A 219 -10.08 -7.64 15.53
N ASN A 220 -11.28 -7.06 15.52
CA ASN A 220 -11.95 -6.70 14.28
C ASN A 220 -12.72 -5.41 14.49
N ILE A 221 -12.97 -4.70 13.39
CA ILE A 221 -13.47 -3.33 13.49
C ILE A 221 -14.92 -3.27 13.92
N THR A 222 -15.68 -4.34 13.76
CA THR A 222 -17.07 -4.32 14.20
C THR A 222 -17.22 -4.48 15.71
N GLU A 223 -16.14 -4.84 16.40
CA GLU A 223 -16.19 -5.01 17.85
C GLU A 223 -15.91 -3.72 18.61
N ILE A 224 -15.13 -2.82 18.03
CA ILE A 224 -14.60 -1.68 18.78
C ILE A 224 -15.06 -0.36 18.17
N PHE A 225 -15.32 -0.35 16.87
CA PHE A 225 -15.53 0.92 16.16
C PHE A 225 -16.90 0.98 15.50
N THR A 226 -17.95 0.62 16.23
CA THR A 226 -19.30 0.57 15.67
C THR A 226 -20.27 1.23 16.63
N THR A 227 -20.83 2.37 16.21
CA THR A 227 -21.83 3.09 16.99
C THR A 227 -22.92 3.64 16.06
N SER A 228 -24.16 3.55 16.51
CA SER A 228 -25.33 4.16 15.85
C SER A 228 -25.42 3.62 14.42
N THR A 229 -25.53 4.48 13.41
CA THR A 229 -25.60 4.01 12.01
C THR A 229 -24.26 3.49 11.51
N VAL A 230 -23.19 3.69 12.28
CA VAL A 230 -21.89 3.15 11.94
C VAL A 230 -21.68 1.78 12.59
N ASP A 231 -22.75 1.19 13.12
CA ASP A 231 -22.70 -0.07 13.83
C ASP A 231 -23.21 -1.24 13.00
N LYS A 232 -24.42 -1.13 12.43
CA LYS A 232 -24.95 -2.19 11.59
C LYS A 232 -24.09 -2.32 10.33
N TYR A 233 -23.42 -3.46 10.18
CA TYR A 233 -22.51 -3.69 9.08
C TYR A 233 -22.83 -5.02 8.41
N ASP A 234 -22.58 -5.07 7.11
CA ASP A 234 -22.61 -6.34 6.38
C ASP A 234 -21.25 -7.01 6.53
N ILE A 235 -21.01 -8.06 5.76
CA ILE A 235 -19.69 -8.65 5.71
C ILE A 235 -18.82 -7.95 4.67
N TYR A 236 -19.42 -7.47 3.58
CA TYR A 236 -18.67 -6.71 2.59
C TYR A 236 -18.37 -5.30 3.07
N ASP A 237 -19.28 -4.69 3.84
CA ASP A 237 -19.01 -3.39 4.44
C ASP A 237 -17.83 -3.46 5.39
N LEU A 238 -17.66 -4.60 6.07
CA LEU A 238 -16.57 -4.74 7.04
C LEU A 238 -15.21 -4.59 6.38
N LEU A 239 -15.03 -5.20 5.20
CA LEU A 239 -13.74 -5.15 4.52
C LEU A 239 -13.47 -3.78 3.91
N PHE A 240 -14.51 -3.07 3.46
CA PHE A 240 -14.30 -1.76 2.86
C PHE A 240 -13.71 -0.78 3.86
N THR A 241 -14.25 -0.75 5.08
CA THR A 241 -13.73 0.14 6.11
C THR A 241 -12.29 -0.22 6.46
N GLU A 242 -11.99 -1.52 6.50
CA GLU A 242 -10.62 -1.96 6.74
C GLU A 242 -9.68 -1.56 5.61
N SER A 243 -10.22 -1.25 4.43
CA SER A 243 -9.42 -0.87 3.27
C SER A 243 -9.20 0.63 3.17
N ILE A 244 -9.77 1.43 4.08
CA ILE A 244 -9.60 2.87 4.03
C ILE A 244 -8.23 3.25 4.58
N LYS A 245 -7.79 4.47 4.25
CA LYS A 245 -6.47 4.95 4.64
C LYS A 245 -6.54 5.60 6.02
N VAL A 246 -5.65 5.16 6.91
CA VAL A 246 -5.58 5.66 8.28
C VAL A 246 -4.38 6.58 8.40
N ARG A 247 -4.55 7.68 9.13
CA ARG A 247 -3.54 8.72 9.24
C ARG A 247 -2.98 8.77 10.66
N VAL A 248 -1.67 8.97 10.76
CA VAL A 248 -0.99 9.19 12.03
C VAL A 248 -0.84 10.69 12.24
N ILE A 249 -1.18 11.17 13.43
CA ILE A 249 -1.19 12.60 13.69
C ILE A 249 -0.34 13.01 14.89
N ASP A 250 0.10 12.06 15.72
CA ASP A 250 0.87 12.43 16.90
C ASP A 250 1.61 11.23 17.44
N VAL A 251 2.83 11.45 17.93
CA VAL A 251 3.62 10.46 18.63
C VAL A 251 4.24 11.13 19.85
N ASP A 252 4.02 10.54 21.03
CA ASP A 252 4.61 11.03 22.27
C ASP A 252 5.67 10.04 22.73
N LEU A 253 6.93 10.49 22.77
CA LEU A 253 8.03 9.61 23.12
C LEU A 253 7.92 9.09 24.55
N ASN A 254 7.52 9.95 25.48
CA ASN A 254 7.45 9.55 26.88
C ASN A 254 6.42 8.45 27.09
N ASP A 255 5.26 8.55 26.44
CA ASP A 255 4.22 7.55 26.58
C ASP A 255 4.34 6.42 25.55
N TYR A 256 5.25 6.54 24.59
CA TYR A 256 5.41 5.53 23.53
C TYR A 256 4.10 5.29 22.80
N SER A 257 3.31 6.34 22.62
CA SER A 257 1.97 6.23 22.09
C SER A 257 1.87 6.87 20.71
N ILE A 258 0.94 6.38 19.91
CA ILE A 258 0.67 6.90 18.57
C ILE A 258 -0.81 7.24 18.48
N THR A 259 -1.11 8.40 17.89
CA THR A 259 -2.49 8.85 17.74
C THR A 259 -2.90 8.68 16.28
N LEU A 260 -4.00 7.96 16.06
CA LEU A 260 -4.49 7.67 14.72
C LEU A 260 -5.90 8.23 14.56
N GLN A 261 -6.11 9.02 13.52
CA GLN A 261 -7.41 9.59 13.20
C GLN A 261 -7.99 8.82 12.03
N VAL A 262 -8.91 7.91 12.32
CA VAL A 262 -9.55 7.11 11.29
C VAL A 262 -10.79 7.84 10.78
N ARG A 263 -11.26 7.45 9.61
CA ARG A 263 -12.45 8.03 8.99
C ARG A 263 -13.43 6.91 8.69
N LEU A 264 -14.24 6.55 9.68
CA LEU A 264 -15.24 5.52 9.47
C LEU A 264 -16.30 6.01 8.50
N PRO A 265 -16.76 5.18 7.57
CA PRO A 265 -17.65 5.63 6.52
C PRO A 265 -19.13 5.47 6.87
N LEU A 266 -19.95 6.22 6.15
CA LEU A 266 -21.40 6.05 6.13
C LEU A 266 -21.80 5.77 4.70
N LEU A 267 -22.18 4.53 4.41
CA LEU A 267 -22.42 4.07 3.04
C LEU A 267 -23.90 4.17 2.73
N THR A 268 -24.25 5.14 1.91
CA THR A 268 -25.63 5.30 1.45
C THR A 268 -25.83 4.51 0.16
N ARG A 269 -26.97 3.83 0.06
CA ARG A 269 -27.29 3.05 -1.12
C ARG A 269 -27.65 3.98 -2.28
N LEU A 270 -26.65 4.43 -3.03
CA LEU A 270 -26.89 5.38 -4.10
C LEU A 270 -27.86 4.81 -5.12
N LEU A 271 -28.85 5.61 -5.50
CA LEU A 271 -29.95 5.12 -6.30
C LEU A 271 -29.61 5.12 -7.78
N ASN A 272 -30.22 4.17 -8.51
CA ASN A 272 -30.08 4.08 -9.97
C ASN A 272 -28.60 3.96 -10.38
N THR A 273 -27.85 3.14 -9.65
CA THR A 273 -26.43 2.93 -9.92
C THR A 273 -26.20 1.42 -10.06
N GLN A 274 -26.22 0.94 -11.29
CA GLN A 274 -25.95 -0.46 -11.59
C GLN A 274 -24.59 -0.58 -12.25
N ILE A 275 -23.77 -1.51 -11.76
CA ILE A 275 -22.40 -1.68 -12.23
C ILE A 275 -22.30 -3.05 -12.87
N TYR A 276 -22.25 -3.08 -14.20
CA TYR A 276 -22.20 -4.32 -14.97
C TYR A 276 -20.75 -4.62 -15.35
N LYS A 277 -20.25 -5.76 -14.92
CA LYS A 277 -18.95 -6.21 -15.38
C LYS A 277 -19.04 -6.62 -16.85
N VAL A 278 -17.97 -6.36 -17.60
CA VAL A 278 -17.95 -6.58 -19.04
C VAL A 278 -16.75 -7.46 -19.40
N ASP A 279 -16.99 -8.49 -20.20
CA ASP A 279 -15.96 -9.35 -20.74
C ASP A 279 -16.06 -9.36 -22.26
N SER A 280 -14.95 -9.68 -22.92
CA SER A 280 -14.91 -9.70 -24.38
C SER A 280 -14.33 -11.03 -24.84
N ILE A 281 -14.74 -11.44 -26.05
CA ILE A 281 -14.28 -12.67 -26.67
C ILE A 281 -13.85 -12.37 -28.10
N SER A 282 -13.20 -13.35 -28.72
CA SER A 282 -12.49 -13.15 -29.99
C SER A 282 -13.48 -13.16 -31.15
N TYR A 283 -14.12 -12.02 -31.36
CA TYR A 283 -15.02 -11.84 -32.49
C TYR A 283 -14.24 -11.96 -33.79
N ASN A 284 -14.46 -13.05 -34.53
CA ASN A 284 -13.68 -13.35 -35.73
C ASN A 284 -14.08 -12.48 -36.90
N ILE A 285 -13.09 -12.08 -37.70
CA ILE A 285 -13.31 -11.42 -38.99
C ILE A 285 -12.32 -12.02 -39.98
N GLN A 286 -12.81 -12.83 -40.91
CA GLN A 286 -12.00 -13.40 -41.99
C GLN A 286 -10.76 -14.11 -41.44
N ASN A 287 -11.01 -15.07 -40.55
CA ASN A 287 -10.01 -15.95 -39.94
C ASN A 287 -9.03 -15.23 -39.02
N ARG A 288 -9.19 -13.93 -38.81
CA ARG A 288 -8.35 -13.18 -37.88
C ARG A 288 -9.12 -12.92 -36.59
N GLU A 289 -8.40 -12.93 -35.48
CA GLU A 289 -9.02 -12.80 -34.16
C GLU A 289 -9.02 -11.35 -33.74
N TRP A 290 -10.21 -10.82 -33.47
CA TRP A 290 -10.37 -9.46 -32.96
C TRP A 290 -11.32 -9.50 -31.77
N TYR A 291 -11.21 -8.50 -30.91
CA TYR A 291 -12.10 -8.38 -29.77
C TYR A 291 -12.38 -6.90 -29.49
N ILE A 292 -13.47 -6.65 -28.78
CA ILE A 292 -13.91 -5.29 -28.48
C ILE A 292 -13.36 -4.90 -27.11
N PRO A 293 -12.52 -3.87 -27.02
CA PRO A 293 -11.75 -3.59 -25.79
C PRO A 293 -12.49 -2.73 -24.76
N LEU A 294 -13.51 -3.28 -24.14
CA LEU A 294 -14.23 -2.54 -23.11
C LEU A 294 -13.44 -2.48 -21.81
N PRO A 295 -13.71 -1.48 -20.96
CA PRO A 295 -13.02 -1.39 -19.67
C PRO A 295 -13.44 -2.50 -18.71
N SER A 296 -12.92 -2.45 -17.48
CA SER A 296 -13.19 -3.51 -16.53
C SER A 296 -14.64 -3.50 -16.05
N HIS A 297 -15.28 -2.34 -16.00
CA HIS A 297 -16.66 -2.26 -15.55
C HIS A 297 -17.36 -1.11 -16.25
N ILE A 298 -18.69 -1.21 -16.32
CA ILE A 298 -19.53 -0.19 -16.94
C ILE A 298 -20.71 0.08 -16.00
N MET A 299 -21.11 1.35 -15.90
CA MET A 299 -22.23 1.74 -15.07
C MET A 299 -23.29 2.47 -15.88
N THR A 300 -24.53 2.35 -15.43
CA THR A 300 -25.64 3.15 -15.91
C THR A 300 -26.20 3.93 -14.73
N LYS A 301 -26.19 5.26 -14.84
CA LYS A 301 -26.65 6.14 -13.77
C LYS A 301 -27.50 7.24 -14.41
N GLY A 302 -28.80 6.97 -14.54
CA GLY A 302 -29.63 7.88 -15.31
C GLY A 302 -29.13 7.92 -16.75
N ALA A 303 -28.83 9.12 -17.22
CA ALA A 303 -28.23 9.27 -18.54
C ALA A 303 -26.76 8.88 -18.55
N PHE A 304 -26.08 8.94 -17.40
CA PHE A 304 -24.67 8.56 -17.33
C PHE A 304 -24.51 7.09 -17.69
N LEU A 305 -23.55 6.82 -18.58
CA LEU A 305 -23.31 5.45 -19.06
C LEU A 305 -21.84 5.07 -19.05
N GLY A 306 -20.94 6.00 -18.71
CA GLY A 306 -19.53 5.72 -18.77
C GLY A 306 -19.10 4.63 -17.82
N GLY A 307 -17.91 4.09 -18.09
CA GLY A 307 -17.39 2.97 -17.33
C GLY A 307 -16.93 3.32 -15.94
N ALA A 308 -16.01 2.53 -15.41
CA ALA A 308 -15.54 2.73 -14.04
C ALA A 308 -14.18 2.08 -13.87
N ASP A 309 -13.46 2.51 -12.85
CA ASP A 309 -12.22 1.88 -12.40
C ASP A 309 -12.50 1.36 -10.99
N VAL A 310 -12.84 0.08 -10.90
CA VAL A 310 -13.31 -0.51 -9.65
C VAL A 310 -12.14 -1.26 -9.02
N LYS A 311 -10.93 -0.84 -9.36
CA LYS A 311 -9.74 -1.42 -8.75
C LYS A 311 -9.67 -1.15 -7.25
N GLU A 312 -10.44 -0.20 -6.75
CA GLU A 312 -10.40 0.20 -5.36
C GLU A 312 -11.61 -0.23 -4.55
N CYS A 313 -12.76 -0.37 -5.17
CA CYS A 313 -13.98 -0.69 -4.45
C CYS A 313 -13.99 -2.17 -4.03
N ILE A 314 -14.57 -2.42 -2.85
CA ILE A 314 -14.79 -3.79 -2.40
C ILE A 314 -16.09 -4.30 -2.98
N GLU A 315 -16.04 -5.43 -3.68
CA GLU A 315 -17.22 -5.99 -4.32
C GLU A 315 -18.08 -6.72 -3.31
N ALA A 316 -19.39 -6.48 -3.36
CA ALA A 316 -20.34 -7.14 -2.49
C ALA A 316 -21.13 -8.18 -3.28
N PHE A 317 -22.07 -8.82 -2.60
CA PHE A 317 -22.88 -9.85 -3.26
C PHE A 317 -23.76 -9.25 -4.36
N SER A 318 -24.34 -8.08 -4.10
CA SER A 318 -25.24 -7.45 -5.06
C SER A 318 -24.99 -5.95 -5.15
N SER A 319 -23.78 -5.50 -4.85
CA SER A 319 -23.48 -4.07 -4.86
C SER A 319 -21.97 -3.88 -4.88
N TYR A 320 -21.55 -2.66 -5.15
CA TYR A 320 -20.15 -2.25 -5.12
C TYR A 320 -19.99 -1.15 -4.08
N ILE A 321 -18.98 -1.28 -3.23
CA ILE A 321 -18.74 -0.35 -2.14
C ILE A 321 -17.53 0.48 -2.51
N CYS A 322 -17.77 1.69 -3.01
CA CYS A 322 -16.72 2.55 -3.52
C CYS A 322 -16.48 3.74 -2.60
N PRO A 323 -15.23 4.13 -2.37
CA PRO A 323 -14.95 5.34 -1.58
C PRO A 323 -15.48 6.59 -2.26
N SER A 324 -15.06 6.81 -3.49
CA SER A 324 -15.50 7.93 -4.30
C SER A 324 -16.55 7.45 -5.31
N ASP A 325 -16.89 8.31 -6.26
CA ASP A 325 -17.69 7.90 -7.40
C ASP A 325 -16.72 7.62 -8.55
N PRO A 326 -16.31 6.37 -8.77
CA PRO A 326 -15.22 6.09 -9.70
C PRO A 326 -15.55 6.36 -11.16
N GLY A 327 -16.81 6.64 -11.48
CA GLY A 327 -17.21 6.79 -12.87
C GLY A 327 -16.43 7.83 -13.64
N PHE A 328 -15.82 7.39 -14.74
CA PHE A 328 -15.16 8.27 -15.69
C PHE A 328 -15.82 8.06 -17.06
N VAL A 329 -16.08 9.16 -17.75
CA VAL A 329 -16.79 9.08 -19.02
C VAL A 329 -15.93 8.35 -20.04
N LEU A 330 -16.58 7.56 -20.89
CA LEU A 330 -15.91 6.87 -21.97
C LEU A 330 -15.87 7.76 -23.20
N ASN A 331 -15.35 7.21 -24.30
CA ASN A 331 -15.44 7.90 -25.57
C ASN A 331 -16.91 7.95 -26.02
N HIS A 332 -17.14 8.69 -27.11
CA HIS A 332 -18.46 8.61 -27.73
C HIS A 332 -18.67 7.24 -28.37
N GLU A 333 -17.62 6.66 -28.94
CA GLU A 333 -17.74 5.36 -29.58
C GLU A 333 -18.07 4.27 -28.57
N MET A 334 -17.29 4.18 -27.49
CA MET A 334 -17.53 3.14 -26.50
C MET A 334 -18.77 3.41 -25.66
N GLU A 335 -19.38 4.59 -25.77
CA GLU A 335 -20.67 4.84 -25.14
C GLU A 335 -21.83 4.69 -26.10
N SER A 336 -21.61 4.93 -27.39
CA SER A 336 -22.61 4.60 -28.39
C SER A 336 -22.66 3.11 -28.67
N CYS A 337 -21.53 2.42 -28.49
CA CYS A 337 -21.51 0.98 -28.68
C CYS A 337 -22.33 0.26 -27.63
N LEU A 338 -22.30 0.75 -26.39
CA LEU A 338 -22.99 0.12 -25.28
C LEU A 338 -24.43 0.58 -25.14
N SER A 339 -24.92 1.26 -26.12
CA SER A 339 -26.37 1.52 -26.09
C SER A 339 -26.86 0.96 -27.41
N GLY A 340 -26.13 -0.02 -27.92
CA GLY A 340 -26.48 -0.57 -29.23
C GLY A 340 -25.64 -0.02 -30.34
N ASN A 341 -26.22 0.18 -31.52
CA ASN A 341 -25.47 0.63 -32.72
C ASN A 341 -24.08 0.03 -32.71
N ILE A 342 -24.00 -1.30 -32.59
CA ILE A 342 -22.67 -1.96 -32.49
C ILE A 342 -21.84 -1.53 -33.70
N SER A 343 -22.45 -0.95 -34.74
CA SER A 343 -21.65 -0.42 -35.87
C SER A 343 -20.88 0.85 -35.47
N GLN A 344 -20.32 0.93 -34.27
CA GLN A 344 -19.44 1.99 -33.77
C GLN A 344 -18.32 1.49 -32.88
N CYS A 345 -18.35 0.24 -32.46
CA CYS A 345 -17.46 -0.22 -31.39
C CYS A 345 -16.00 -0.26 -31.87
N PRO A 346 -15.06 -0.08 -30.94
CA PRO A 346 -13.65 -0.29 -31.29
C PRO A 346 -13.34 -1.76 -31.49
N ARG A 347 -12.39 -2.04 -32.38
CA ARG A 347 -12.08 -3.41 -32.81
C ARG A 347 -10.57 -3.62 -32.75
N THR A 348 -10.08 -4.03 -31.58
CA THR A 348 -8.67 -4.32 -31.40
C THR A 348 -8.31 -5.65 -32.09
N THR A 349 -7.03 -5.81 -32.39
CA THR A 349 -6.51 -7.05 -32.95
C THR A 349 -5.89 -7.89 -31.84
N VAL A 350 -6.32 -9.16 -31.74
CA VAL A 350 -5.90 -10.01 -30.64
C VAL A 350 -4.40 -10.29 -30.73
N THR A 351 -3.73 -10.19 -29.58
CA THR A 351 -2.33 -10.59 -29.46
C THR A 351 -2.19 -11.31 -28.13
N SER A 352 -1.91 -12.63 -28.20
CA SER A 352 -1.73 -13.50 -27.04
C SER A 352 -3.09 -13.88 -26.48
N ASP A 353 -3.26 -15.15 -26.12
CA ASP A 353 -4.57 -15.68 -25.72
C ASP A 353 -4.94 -15.21 -24.31
N ILE A 354 -5.09 -13.90 -24.18
CA ILE A 354 -5.68 -13.33 -22.98
C ILE A 354 -7.19 -13.19 -23.12
N VAL A 355 -7.67 -12.86 -24.32
CA VAL A 355 -9.11 -12.81 -24.57
C VAL A 355 -9.60 -14.21 -24.89
N PRO A 356 -10.71 -14.65 -24.31
CA PRO A 356 -11.22 -15.99 -24.59
C PRO A 356 -11.79 -16.09 -26.00
N ARG A 357 -12.13 -17.31 -26.39
CA ARG A 357 -12.81 -17.57 -27.66
C ARG A 357 -14.18 -18.20 -27.47
N TYR A 358 -14.58 -18.46 -26.23
CA TYR A 358 -15.84 -19.11 -25.94
C TYR A 358 -16.21 -18.87 -24.49
N ALA A 359 -17.49 -18.59 -24.25
CA ALA A 359 -17.97 -18.31 -22.91
C ALA A 359 -19.41 -18.76 -22.78
N PHE A 360 -19.84 -18.97 -21.54
CA PHE A 360 -21.16 -19.51 -21.25
C PHE A 360 -22.12 -18.34 -21.01
N VAL A 361 -22.76 -17.86 -22.07
CA VAL A 361 -23.71 -16.76 -21.97
C VAL A 361 -25.08 -17.33 -21.66
N ASN A 362 -25.53 -17.12 -20.42
CA ASN A 362 -26.76 -17.71 -19.91
C ASN A 362 -26.62 -19.22 -19.85
N GLY A 363 -27.72 -19.95 -19.95
CA GLY A 363 -27.64 -21.39 -20.00
C GLY A 363 -26.87 -21.88 -21.21
N GLY A 364 -27.05 -21.24 -22.35
CA GLY A 364 -26.37 -21.65 -23.57
C GLY A 364 -24.92 -21.21 -23.59
N VAL A 365 -24.24 -21.57 -24.68
CA VAL A 365 -22.82 -21.32 -24.85
C VAL A 365 -22.62 -20.51 -26.13
N VAL A 366 -21.83 -19.44 -26.03
CA VAL A 366 -21.45 -18.62 -27.17
C VAL A 366 -19.95 -18.82 -27.41
N ALA A 367 -19.58 -19.06 -28.67
CA ALA A 367 -18.20 -19.38 -28.99
C ALA A 367 -17.85 -18.85 -30.38
N ASN A 368 -16.55 -18.67 -30.60
CA ASN A 368 -16.02 -18.37 -31.93
C ASN A 368 -15.67 -19.70 -32.59
N CYS A 369 -16.70 -20.30 -33.21
CA CYS A 369 -16.59 -21.68 -33.66
C CYS A 369 -15.62 -21.87 -34.81
N ILE A 370 -15.16 -20.80 -35.45
CA ILE A 370 -14.14 -20.96 -36.48
C ILE A 370 -12.79 -21.31 -35.86
N THR A 371 -12.40 -20.62 -34.79
CA THR A 371 -11.10 -20.86 -34.19
C THR A 371 -11.12 -22.02 -33.21
N THR A 372 -12.21 -22.20 -32.47
CA THR A 372 -12.36 -23.32 -31.56
C THR A 372 -13.49 -24.20 -32.02
N THR A 373 -13.35 -25.52 -31.81
CA THR A 373 -14.33 -26.47 -32.34
C THR A 373 -15.50 -26.61 -31.38
N CYS A 374 -16.71 -26.52 -31.92
CA CYS A 374 -17.94 -26.53 -31.14
C CYS A 374 -18.73 -27.83 -31.28
N THR A 375 -18.90 -28.31 -32.51
CA THR A 375 -19.32 -29.68 -32.82
C THR A 375 -20.77 -30.00 -32.49
N CYS A 376 -21.49 -29.08 -31.84
CA CYS A 376 -22.90 -29.32 -31.49
C CYS A 376 -23.08 -30.65 -30.76
N ASN A 377 -24.14 -31.38 -31.10
CA ASN A 377 -24.46 -32.65 -30.45
C ASN A 377 -23.39 -33.71 -30.66
N GLY A 378 -23.19 -34.13 -31.91
CA GLY A 378 -22.21 -35.16 -32.18
C GLY A 378 -20.81 -34.65 -31.97
N ILE A 379 -20.01 -35.41 -31.22
CA ILE A 379 -18.62 -35.01 -30.97
C ILE A 379 -17.87 -34.85 -32.30
N GLY A 380 -18.12 -35.74 -33.24
CA GLY A 380 -17.57 -35.60 -34.58
C GLY A 380 -18.34 -34.69 -35.50
N ASN A 381 -19.46 -34.13 -35.03
CA ASN A 381 -20.31 -33.29 -35.87
C ASN A 381 -19.86 -31.82 -35.82
N ARG A 382 -18.61 -31.60 -36.20
CA ARG A 382 -18.01 -30.27 -36.18
C ARG A 382 -18.84 -29.30 -37.02
N ILE A 383 -19.46 -28.32 -36.37
CA ILE A 383 -20.38 -27.41 -37.04
C ILE A 383 -19.61 -26.33 -37.76
N ASN A 384 -20.01 -26.06 -39.00
CA ASN A 384 -19.41 -25.00 -39.78
C ASN A 384 -19.97 -23.65 -39.37
N GLN A 385 -19.09 -22.66 -39.30
CA GLN A 385 -19.48 -21.28 -39.04
C GLN A 385 -19.12 -20.45 -40.26
N PRO A 386 -20.05 -19.64 -40.78
CA PRO A 386 -19.75 -18.84 -41.97
C PRO A 386 -18.59 -17.89 -41.71
N PRO A 387 -17.73 -17.67 -42.71
CA PRO A 387 -16.54 -16.84 -42.48
C PRO A 387 -16.86 -15.39 -42.14
N ASP A 388 -18.05 -14.91 -42.46
CA ASP A 388 -18.42 -13.52 -42.20
C ASP A 388 -19.09 -13.30 -40.85
N GLN A 389 -19.22 -14.35 -40.04
CA GLN A 389 -19.84 -14.25 -38.72
C GLN A 389 -18.78 -14.45 -37.63
N GLY A 390 -18.85 -13.63 -36.59
CA GLY A 390 -17.86 -13.67 -35.55
C GLY A 390 -18.02 -14.81 -34.58
N VAL A 391 -19.14 -14.84 -33.86
CA VAL A 391 -19.41 -15.88 -32.89
C VAL A 391 -20.78 -16.47 -33.16
N LYS A 392 -20.89 -17.79 -33.04
CA LYS A 392 -22.14 -18.49 -33.27
C LYS A 392 -22.78 -18.80 -31.92
N ILE A 393 -24.02 -18.35 -31.75
CA ILE A 393 -24.76 -18.58 -30.51
C ILE A 393 -25.34 -19.99 -30.53
N ILE A 394 -25.00 -20.79 -29.52
CA ILE A 394 -25.51 -22.15 -29.44
C ILE A 394 -26.46 -22.22 -28.24
N THR A 395 -27.76 -22.07 -28.50
CA THR A 395 -28.77 -22.08 -27.45
C THR A 395 -30.09 -22.47 -28.10
N HIS A 396 -31.19 -22.33 -27.36
CA HIS A 396 -32.52 -22.79 -27.75
C HIS A 396 -32.58 -24.29 -27.93
N LYS A 397 -31.64 -25.00 -27.30
CA LYS A 397 -31.63 -26.46 -27.24
C LYS A 397 -31.48 -27.11 -28.62
N GLU A 398 -30.95 -26.38 -29.60
CA GLU A 398 -30.58 -27.02 -30.85
C GLU A 398 -29.48 -28.06 -30.62
N CYS A 399 -28.51 -27.72 -29.79
CA CYS A 399 -27.48 -28.66 -29.35
C CYS A 399 -27.72 -28.92 -27.87
N ASN A 400 -28.50 -29.96 -27.57
CA ASN A 400 -28.72 -30.33 -26.17
C ASN A 400 -27.46 -30.89 -25.54
N THR A 401 -26.49 -31.30 -26.35
CA THR A 401 -25.17 -31.69 -25.87
C THR A 401 -24.14 -30.90 -26.66
N ILE A 402 -23.28 -30.17 -25.97
CA ILE A 402 -22.32 -29.28 -26.61
C ILE A 402 -20.92 -29.58 -26.08
N GLY A 403 -19.99 -29.83 -27.00
CA GLY A 403 -18.61 -30.05 -26.63
C GLY A 403 -17.66 -29.03 -27.21
N ILE A 404 -17.11 -28.16 -26.37
CA ILE A 404 -16.16 -27.14 -26.81
C ILE A 404 -14.78 -27.77 -26.81
N ASN A 405 -14.23 -27.96 -28.01
CA ASN A 405 -12.95 -28.63 -28.27
C ASN A 405 -12.75 -29.84 -27.37
N GLY A 406 -13.80 -30.62 -27.19
CA GLY A 406 -13.86 -31.66 -26.19
C GLY A 406 -14.95 -31.36 -25.17
N MET A 407 -15.03 -32.23 -24.16
CA MET A 407 -15.88 -32.00 -23.00
C MET A 407 -17.35 -32.10 -23.42
N LEU A 408 -18.29 -32.02 -22.48
CA LEU A 408 -19.69 -32.14 -22.83
C LEU A 408 -20.54 -31.38 -21.82
N PHE A 409 -21.66 -30.84 -22.31
CA PHE A 409 -22.53 -29.98 -21.51
C PHE A 409 -23.97 -30.11 -22.04
N ASN A 410 -24.87 -29.33 -21.45
CA ASN A 410 -26.29 -29.38 -21.83
C ASN A 410 -26.92 -28.01 -21.63
N THR A 411 -27.22 -27.32 -22.73
CA THR A 411 -27.80 -25.98 -22.66
C THR A 411 -29.17 -26.02 -21.98
N ASN A 412 -29.54 -24.90 -21.34
CA ASN A 412 -30.79 -24.83 -20.59
C ASN A 412 -31.80 -23.85 -21.18
N LYS A 413 -31.48 -22.56 -21.26
CA LYS A 413 -32.47 -21.56 -21.67
C LYS A 413 -31.83 -20.18 -21.70
N GLU A 414 -32.50 -19.26 -22.39
CA GLU A 414 -32.32 -17.81 -22.32
C GLU A 414 -30.98 -17.33 -22.85
N GLY A 415 -30.22 -18.15 -23.56
CA GLY A 415 -29.00 -17.66 -24.17
C GLY A 415 -29.17 -16.92 -25.47
N THR A 416 -30.39 -16.85 -26.00
CA THR A 416 -30.66 -16.17 -27.26
C THR A 416 -32.14 -15.87 -27.36
N LEU A 417 -32.51 -15.19 -28.43
CA LEU A 417 -33.90 -14.88 -28.75
C LEU A 417 -34.26 -15.68 -30.00
N ALA A 418 -34.69 -16.93 -29.79
CA ALA A 418 -35.05 -17.84 -30.87
C ALA A 418 -33.94 -17.95 -31.91
N PHE A 419 -32.72 -18.20 -31.42
CA PHE A 419 -31.51 -18.27 -32.25
C PHE A 419 -31.34 -16.97 -33.03
N TYR A 420 -31.27 -15.88 -32.27
CA TYR A 420 -31.36 -14.54 -32.85
C TYR A 420 -30.16 -14.23 -33.72
N THR A 421 -30.39 -14.14 -35.03
CA THR A 421 -29.32 -13.85 -35.97
C THR A 421 -29.46 -12.40 -36.43
N PRO A 422 -28.53 -11.52 -36.09
CA PRO A 422 -28.65 -10.11 -36.45
C PRO A 422 -28.20 -9.87 -37.88
N ASP A 423 -28.22 -8.60 -38.28
CA ASP A 423 -27.77 -8.21 -39.61
C ASP A 423 -26.25 -8.36 -39.70
N ASP A 424 -25.71 -8.04 -40.87
CA ASP A 424 -24.26 -8.11 -41.08
C ASP A 424 -23.60 -6.97 -40.31
N ILE A 425 -23.13 -7.26 -39.10
CA ILE A 425 -22.54 -6.26 -38.24
C ILE A 425 -21.16 -5.88 -38.76
N THR A 426 -21.07 -4.77 -39.48
CA THR A 426 -19.81 -4.31 -40.05
C THR A 426 -19.16 -3.34 -39.06
N LEU A 427 -18.06 -3.77 -38.45
CA LEU A 427 -17.32 -2.93 -37.52
C LEU A 427 -16.33 -2.06 -38.28
N ASN A 428 -16.35 -0.76 -38.00
CA ASN A 428 -15.53 0.20 -38.71
C ASN A 428 -14.29 0.63 -37.93
N ASN A 429 -14.40 0.81 -36.62
CA ASN A 429 -13.35 1.43 -35.82
C ASN A 429 -12.39 0.35 -35.35
N SER A 430 -11.31 0.17 -36.11
CA SER A 430 -10.21 -0.69 -35.71
C SER A 430 -9.14 0.15 -35.02
N VAL A 431 -8.89 -0.13 -33.75
CA VAL A 431 -7.97 0.65 -32.95
C VAL A 431 -6.85 -0.27 -32.48
N ALA A 432 -5.64 0.29 -32.40
CA ALA A 432 -4.46 -0.42 -31.93
C ALA A 432 -3.97 0.23 -30.65
N LEU A 433 -3.72 -0.58 -29.62
CA LEU A 433 -3.39 -0.09 -28.31
C LEU A 433 -1.88 0.10 -28.11
N ASP A 434 -1.08 -0.15 -29.13
CA ASP A 434 0.33 0.16 -28.88
C ASP A 434 0.70 1.49 -29.52
N PRO A 435 1.46 2.32 -28.82
CA PRO A 435 1.84 3.63 -29.40
C PRO A 435 2.70 3.51 -30.64
N ILE A 436 3.40 2.40 -30.84
CA ILE A 436 4.26 2.25 -32.00
C ILE A 436 3.43 2.20 -33.28
N ASP A 437 2.39 1.36 -33.29
CA ASP A 437 1.55 1.25 -34.48
C ASP A 437 0.86 2.56 -34.80
N ILE A 438 0.38 3.26 -33.77
CA ILE A 438 -0.24 4.56 -33.98
C ILE A 438 0.76 5.52 -34.62
N SER A 439 1.98 5.54 -34.08
CA SER A 439 3.01 6.43 -34.61
C SER A 439 3.39 6.05 -36.03
N ILE A 440 3.56 4.75 -36.30
CA ILE A 440 3.94 4.31 -37.64
C ILE A 440 2.84 4.65 -38.64
N GLU A 441 1.58 4.42 -38.26
CA GLU A 441 0.48 4.66 -39.19
C GLU A 441 0.38 6.13 -39.57
N LEU A 442 0.51 7.03 -38.60
CA LEU A 442 0.46 8.45 -38.92
C LEU A 442 1.68 8.88 -39.71
N ASN A 443 2.81 8.19 -39.54
CA ASN A 443 3.97 8.47 -40.37
C ASN A 443 3.64 8.27 -41.85
N LYS A 444 2.93 7.18 -42.15
CA LYS A 444 2.38 7.03 -43.50
C LYS A 444 1.36 8.11 -43.79
N VAL A 445 0.51 8.42 -42.81
CA VAL A 445 -0.47 9.50 -42.98
C VAL A 445 0.24 10.84 -43.15
N LYS A 446 1.38 11.02 -42.49
CA LYS A 446 2.16 12.24 -42.71
C LYS A 446 2.84 12.21 -44.08
N SER A 447 3.38 11.05 -44.46
CA SER A 447 4.14 10.96 -45.70
C SER A 447 3.27 11.25 -46.92
N ASP A 448 2.15 10.55 -47.05
CA ASP A 448 1.27 10.77 -48.20
C ASP A 448 0.59 12.12 -48.15
N LEU A 449 0.45 12.71 -46.97
CA LEU A 449 -0.10 14.07 -46.88
C LEU A 449 0.77 15.05 -47.64
N GLU A 450 2.09 14.93 -47.50
CA GLU A 450 2.99 15.75 -48.29
C GLU A 450 2.83 15.46 -49.77
N GLU A 451 2.69 14.18 -50.13
CA GLU A 451 2.46 13.83 -51.53
C GLU A 451 1.08 14.26 -51.99
N SER A 452 0.10 14.30 -51.09
CA SER A 452 -1.27 14.62 -51.48
C SER A 452 -1.40 16.07 -51.96
N LYS A 453 -0.65 16.99 -51.37
CA LYS A 453 -0.82 18.41 -51.68
C LYS A 453 -0.36 18.77 -53.10
N GLU A 454 0.33 17.88 -53.78
CA GLU A 454 0.67 18.10 -55.19
C GLU A 454 -0.10 17.15 -56.09
N GLN B 3 -18.45 8.72 50.71
CA GLN B 3 -17.15 9.39 50.73
C GLN B 3 -17.24 10.78 51.35
N LEU B 4 -16.28 11.11 52.20
CA LEU B 4 -16.24 12.37 52.91
C LEU B 4 -14.99 13.14 52.53
N LEU B 5 -15.14 14.44 52.27
CA LEU B 5 -14.00 15.24 51.84
C LEU B 5 -14.23 16.71 52.21
N GLU B 6 -13.57 17.17 53.25
CA GLU B 6 -13.49 18.59 53.61
C GLU B 6 -12.53 18.75 54.78
N SER B 7 -11.82 19.87 54.79
CA SER B 7 -10.96 20.26 55.90
C SER B 7 -11.27 21.65 56.45
N GLY B 8 -11.56 22.61 55.58
CA GLY B 8 -12.00 23.93 56.02
C GLY B 8 -10.87 24.79 56.57
N GLY B 9 -11.25 26.00 56.99
CA GLY B 9 -10.32 26.93 57.60
C GLY B 9 -9.91 28.09 56.71
N GLY B 10 -10.49 29.27 56.93
CA GLY B 10 -10.08 30.45 56.21
C GLY B 10 -10.65 31.76 56.70
N LEU B 11 -9.77 32.73 56.94
CA LEU B 11 -10.14 34.09 57.32
C LEU B 11 -9.02 35.02 56.88
N VAL B 12 -9.29 35.91 55.93
CA VAL B 12 -8.26 36.71 55.28
C VAL B 12 -8.76 38.15 55.14
N GLN B 13 -7.91 38.97 54.52
CA GLN B 13 -8.08 40.39 54.24
C GLN B 13 -7.84 40.61 52.76
N PRO B 14 -8.49 41.61 52.16
CA PRO B 14 -8.29 41.86 50.73
C PRO B 14 -6.81 42.05 50.40
N GLY B 15 -6.38 41.43 49.30
CA GLY B 15 -4.99 41.41 48.92
C GLY B 15 -4.15 40.37 49.64
N GLY B 16 -4.75 39.58 50.54
CA GLY B 16 -4.02 38.59 51.31
C GLY B 16 -3.87 37.27 50.59
N SER B 17 -3.45 36.26 51.35
CA SER B 17 -3.21 34.93 50.83
C SER B 17 -3.80 33.89 51.77
N LEU B 18 -4.12 32.72 51.22
CA LEU B 18 -4.73 31.64 51.98
C LEU B 18 -4.46 30.33 51.25
N ARG B 19 -4.69 29.22 51.94
CA ARG B 19 -4.47 27.90 51.34
C ARG B 19 -5.58 26.96 51.84
N LEU B 20 -6.56 26.71 50.98
CA LEU B 20 -7.64 25.79 51.33
C LEU B 20 -7.20 24.35 51.09
N SER B 21 -7.86 23.43 51.79
CA SER B 21 -7.51 22.02 51.69
C SER B 21 -8.75 21.17 51.96
N CYS B 22 -8.68 19.92 51.50
CA CYS B 22 -9.75 18.95 51.73
C CYS B 22 -9.18 17.56 51.59
N ALA B 23 -9.50 16.67 52.53
CA ALA B 23 -9.00 15.31 52.56
C ALA B 23 -10.14 14.34 52.26
N ALA B 24 -9.96 13.52 51.23
CA ALA B 24 -10.99 12.57 50.80
C ALA B 24 -10.81 11.26 51.55
N SER B 25 -11.35 11.21 52.76
CA SER B 25 -11.30 9.99 53.55
C SER B 25 -12.24 8.93 52.97
N GLY B 26 -11.78 7.69 52.98
CA GLY B 26 -12.56 6.59 52.43
C GLY B 26 -12.84 6.77 50.96
N PHE B 27 -11.81 7.13 50.19
CA PHE B 27 -12.00 7.54 48.81
C PHE B 27 -10.68 7.38 48.08
N THR B 28 -10.70 6.74 46.92
CA THR B 28 -9.48 6.51 46.16
C THR B 28 -9.02 7.84 45.54
N PHE B 29 -8.26 8.61 46.31
CA PHE B 29 -7.91 9.97 45.90
C PHE B 29 -7.09 9.97 44.62
N SER B 30 -6.08 9.09 44.53
CA SER B 30 -5.23 9.08 43.36
C SER B 30 -5.96 8.60 42.11
N SER B 31 -6.87 7.64 42.27
CA SER B 31 -7.55 7.05 41.12
C SER B 31 -8.62 7.96 40.53
N PHE B 32 -9.11 8.94 41.29
CA PHE B 32 -10.22 9.78 40.85
C PHE B 32 -9.76 11.22 40.75
N GLY B 33 -10.35 11.96 39.80
CA GLY B 33 -10.04 13.35 39.63
C GLY B 33 -10.57 14.21 40.77
N MET B 34 -10.39 15.52 40.61
CA MET B 34 -10.80 16.48 41.64
C MET B 34 -11.27 17.76 40.97
N SER B 35 -11.96 18.58 41.77
CA SER B 35 -12.56 19.81 41.25
C SER B 35 -13.03 20.67 42.41
N TRP B 36 -12.95 21.98 42.23
CA TRP B 36 -13.47 22.95 43.18
C TRP B 36 -14.61 23.74 42.53
N VAL B 37 -15.54 24.22 43.35
CA VAL B 37 -16.65 25.04 42.89
C VAL B 37 -16.90 26.16 43.89
N ARG B 38 -17.09 27.37 43.36
CA ARG B 38 -17.35 28.56 44.17
C ARG B 38 -18.83 28.89 44.14
N GLN B 39 -19.36 29.33 45.28
CA GLN B 39 -20.75 29.75 45.39
C GLN B 39 -20.81 31.09 46.11
N SER B 40 -21.14 32.14 45.38
CA SER B 40 -21.33 33.45 46.01
C SER B 40 -22.53 33.41 46.94
N PRO B 41 -22.48 34.10 48.08
CA PRO B 41 -23.60 34.01 49.04
C PRO B 41 -24.93 34.49 48.46
N GLY B 42 -24.91 35.47 47.58
CA GLY B 42 -26.12 35.96 46.95
C GLY B 42 -26.38 35.45 45.56
N LYS B 43 -25.56 34.52 45.06
CA LYS B 43 -25.71 34.02 43.69
C LYS B 43 -25.64 32.49 43.67
N GLY B 44 -25.60 31.92 42.48
CA GLY B 44 -25.47 30.49 42.31
C GLY B 44 -24.04 30.03 42.25
N LEU B 45 -23.85 28.81 41.78
CA LEU B 45 -22.52 28.22 41.70
C LEU B 45 -21.78 28.74 40.47
N GLU B 46 -20.46 28.57 40.49
CA GLU B 46 -19.62 28.98 39.38
C GLU B 46 -18.32 28.19 39.42
N TRP B 47 -17.55 28.32 38.34
CA TRP B 47 -16.42 27.44 38.06
C TRP B 47 -15.11 28.10 38.44
N VAL B 48 -14.21 27.33 39.08
CA VAL B 48 -12.93 27.89 39.50
C VAL B 48 -11.72 27.12 38.98
N ALA B 49 -11.59 25.84 39.32
CA ALA B 49 -10.34 25.14 39.00
C ALA B 49 -10.58 23.62 38.94
N ASP B 50 -9.78 22.95 38.11
CA ASP B 50 -9.91 21.53 37.86
C ASP B 50 -8.55 20.83 38.03
N ILE B 51 -8.60 19.56 38.42
CA ILE B 51 -7.42 18.72 38.58
C ILE B 51 -7.73 17.33 38.02
N SER B 52 -6.74 16.73 37.37
CA SER B 52 -6.86 15.36 36.88
C SER B 52 -6.48 14.38 37.99
N HIS B 53 -6.54 13.07 37.68
CA HIS B 53 -6.19 12.08 38.68
C HIS B 53 -4.73 12.20 39.08
N SER B 54 -3.85 12.43 38.10
CA SER B 54 -2.48 12.82 38.36
C SER B 54 -2.34 14.33 38.16
N ALA B 55 -1.18 14.85 38.55
CA ALA B 55 -0.92 16.28 38.46
C ALA B 55 -0.62 16.74 37.04
N GLY B 56 -0.84 15.89 36.03
CA GLY B 56 -0.43 16.20 34.68
C GLY B 56 -1.16 17.37 34.04
N PHE B 57 -2.47 17.51 34.28
CA PHE B 57 -3.25 18.57 33.68
C PHE B 57 -3.92 19.38 34.78
N LEU B 58 -3.60 20.67 34.82
CA LEU B 58 -4.25 21.63 35.72
C LEU B 58 -5.04 22.60 34.87
N ASN B 59 -6.35 22.68 35.12
CA ASN B 59 -7.24 23.57 34.37
C ASN B 59 -7.83 24.58 35.33
N TYR B 60 -7.74 25.86 34.96
CA TYR B 60 -8.17 26.95 35.83
C TYR B 60 -9.13 27.87 35.08
N ALA B 61 -10.06 28.44 35.84
CA ALA B 61 -10.95 29.47 35.33
C ALA B 61 -11.15 30.54 36.40
N ASP B 62 -10.12 30.81 37.19
CA ASP B 62 -10.21 31.75 38.29
C ASP B 62 -10.41 33.16 37.75
N SER B 63 -11.64 33.66 37.83
CA SER B 63 -12.04 34.90 37.15
C SER B 63 -11.70 34.81 35.66
N VAL B 64 -11.75 33.60 35.11
CA VAL B 64 -11.40 33.31 33.72
C VAL B 64 -9.96 33.76 33.49
N LYS B 65 -9.11 33.60 34.51
CA LYS B 65 -7.68 33.87 34.36
C LYS B 65 -6.92 33.09 35.42
N GLY B 66 -5.61 33.29 35.46
CA GLY B 66 -4.77 32.62 36.42
C GLY B 66 -4.31 33.50 37.57
N ARG B 67 -4.95 33.33 38.74
CA ARG B 67 -4.51 33.99 39.96
C ARG B 67 -4.44 33.05 41.14
N PHE B 68 -4.97 31.84 41.02
CA PHE B 68 -4.93 30.84 42.07
C PHE B 68 -4.20 29.62 41.55
N THR B 69 -3.65 28.82 42.48
CA THR B 69 -3.02 27.56 42.13
C THR B 69 -3.58 26.47 43.04
N VAL B 70 -4.10 25.41 42.43
CA VAL B 70 -4.63 24.26 43.16
C VAL B 70 -3.70 23.09 42.93
N SER B 71 -3.29 22.45 44.03
CA SER B 71 -2.23 21.45 44.02
C SER B 71 -2.79 20.11 44.47
N ARG B 72 -2.42 19.05 43.76
CA ARG B 72 -2.83 17.69 44.09
C ARG B 72 -1.68 16.95 44.74
N ASP B 73 -1.99 16.13 45.75
CA ASP B 73 -1.00 15.34 46.45
C ASP B 73 -1.57 13.95 46.71
N ASN B 74 -1.07 12.95 45.99
CA ASN B 74 -1.55 11.59 46.15
C ASN B 74 -1.03 10.94 47.42
N SER B 75 0.08 11.42 47.98
CA SER B 75 0.69 10.76 49.13
C SER B 75 -0.24 10.81 50.35
N LYS B 76 -0.71 12.01 50.69
CA LYS B 76 -1.58 12.21 51.83
C LYS B 76 -3.05 12.29 51.45
N SER B 77 -3.38 12.11 50.16
CA SER B 77 -4.76 12.09 49.68
C SER B 77 -5.51 13.37 50.05
N THR B 78 -4.85 14.51 49.87
CA THR B 78 -5.47 15.80 50.14
C THR B 78 -5.35 16.69 48.91
N LEU B 79 -6.32 17.59 48.76
CA LEU B 79 -6.39 18.52 47.64
C LEU B 79 -6.24 19.93 48.18
N HIS B 80 -5.23 20.65 47.71
CA HIS B 80 -4.87 21.96 48.25
C HIS B 80 -5.01 23.01 47.16
N LEU B 81 -5.67 24.12 47.50
CA LEU B 81 -5.79 25.27 46.62
C LEU B 81 -5.11 26.48 47.28
N GLN B 82 -4.24 27.14 46.53
CA GLN B 82 -3.49 28.28 47.04
C GLN B 82 -4.21 29.56 46.67
N MET B 83 -4.45 30.41 47.67
CA MET B 83 -5.18 31.65 47.49
C MET B 83 -4.20 32.82 47.63
N LYS B 84 -4.36 33.83 46.78
CA LYS B 84 -3.54 35.03 46.90
C LYS B 84 -4.21 36.16 46.14
N SER B 85 -4.03 37.38 46.65
CA SER B 85 -4.50 38.61 46.00
C SER B 85 -6.02 38.58 45.81
N LEU B 86 -6.73 38.32 46.90
CA LEU B 86 -8.20 38.35 46.85
C LEU B 86 -8.67 39.79 46.75
N ARG B 87 -9.63 40.05 45.85
CA ARG B 87 -10.16 41.40 45.73
C ARG B 87 -11.56 41.35 45.11
N ALA B 88 -12.57 41.70 45.92
CA ALA B 88 -13.89 42.10 45.43
C ALA B 88 -14.61 41.05 44.61
N GLU B 89 -14.00 39.87 44.43
CA GLU B 89 -14.56 38.86 43.55
C GLU B 89 -14.54 37.45 44.12
N ASP B 90 -14.01 37.26 45.33
CA ASP B 90 -13.84 35.93 45.87
C ASP B 90 -14.64 35.67 47.14
N THR B 91 -15.30 36.69 47.71
CA THR B 91 -16.09 36.46 48.91
C THR B 91 -17.26 35.54 48.59
N ALA B 92 -17.17 34.31 49.07
CA ALA B 92 -18.11 33.24 48.70
C ALA B 92 -17.89 32.07 49.64
N VAL B 93 -18.49 30.93 49.32
CA VAL B 93 -18.22 29.69 50.01
C VAL B 93 -17.59 28.72 49.01
N TYR B 94 -16.83 27.76 49.53
CA TYR B 94 -16.07 26.83 48.70
C TYR B 94 -16.40 25.40 49.09
N TYR B 95 -16.69 24.57 48.09
CA TYR B 95 -16.92 23.14 48.27
C TYR B 95 -15.81 22.36 47.59
N CYS B 96 -15.22 21.41 48.30
CA CYS B 96 -14.33 20.45 47.68
C CYS B 96 -15.16 19.36 47.01
N ALA B 97 -14.87 19.08 45.75
CA ALA B 97 -15.67 18.17 44.96
C ALA B 97 -14.79 17.11 44.32
N LYS B 98 -15.39 15.95 44.05
CA LYS B 98 -14.70 14.83 43.41
C LYS B 98 -15.49 14.40 42.19
N ARG B 99 -14.79 14.26 41.07
CA ARG B 99 -15.44 13.84 39.83
C ARG B 99 -15.94 12.41 39.94
N LEU B 100 -17.07 12.14 39.28
CA LEU B 100 -17.66 10.80 39.32
C LEU B 100 -16.74 9.75 38.73
N ALA B 101 -16.11 10.08 37.60
CA ALA B 101 -15.36 9.09 36.84
C ALA B 101 -14.02 8.80 37.54
N GLY B 102 -13.19 8.00 36.87
CA GLY B 102 -11.91 7.63 37.42
C GLY B 102 -11.38 6.40 36.71
N LEU B 103 -10.28 5.87 37.24
CA LEU B 103 -9.63 4.73 36.60
C LEU B 103 -10.54 3.51 36.48
N PRO B 104 -11.23 3.05 37.53
CA PRO B 104 -12.07 1.85 37.36
C PRO B 104 -13.19 2.03 36.34
N ASP B 105 -13.78 3.22 36.25
CA ASP B 105 -14.85 3.51 35.28
C ASP B 105 -14.46 4.81 34.59
N LEU B 106 -13.71 4.69 33.48
CA LEU B 106 -13.23 5.85 32.76
C LEU B 106 -14.24 6.38 31.75
N GLU B 107 -15.39 5.73 31.61
CA GLU B 107 -16.34 6.08 30.55
C GLU B 107 -16.73 7.55 30.62
N TRP B 108 -16.78 8.12 31.82
CA TRP B 108 -17.16 9.51 32.01
C TRP B 108 -15.96 10.40 32.34
N LEU B 109 -14.75 9.95 32.03
CA LEU B 109 -13.55 10.75 32.35
C LEU B 109 -13.53 12.05 31.56
N LEU B 110 -14.02 12.04 30.32
CA LEU B 110 -13.98 13.21 29.47
C LEU B 110 -14.95 14.29 29.92
N TYR B 111 -15.85 14.00 30.87
CA TYR B 111 -16.78 15.00 31.36
C TYR B 111 -16.32 15.54 32.70
N PRO B 112 -15.93 16.81 32.80
CA PRO B 112 -15.48 17.36 34.07
C PRO B 112 -16.57 17.99 34.92
N ASN B 113 -17.82 17.95 34.49
CA ASN B 113 -18.93 18.53 35.25
C ASN B 113 -19.80 17.48 35.91
N PHE B 114 -19.41 16.22 35.88
CA PHE B 114 -20.16 15.16 36.57
C PHE B 114 -19.58 14.97 37.96
N LEU B 115 -19.77 16.01 38.79
CA LEU B 115 -19.22 16.02 40.14
C LEU B 115 -20.10 15.17 41.04
N ASP B 116 -19.58 14.01 41.45
CA ASP B 116 -20.39 13.02 42.15
C ASP B 116 -20.81 13.47 43.54
N HIS B 117 -19.85 13.69 44.43
CA HIS B 117 -20.16 14.02 45.82
C HIS B 117 -19.38 15.26 46.23
N TRP B 118 -20.02 16.12 47.00
CA TRP B 118 -19.47 17.43 47.34
C TRP B 118 -19.29 17.53 48.84
N GLY B 119 -18.19 18.16 49.25
CA GLY B 119 -17.95 18.36 50.66
C GLY B 119 -18.70 19.55 51.22
N GLN B 120 -18.62 19.71 52.54
CA GLN B 120 -19.26 20.82 53.21
C GLN B 120 -18.58 22.14 52.84
N GLY B 121 -19.38 23.20 52.73
CA GLY B 121 -18.86 24.48 52.28
C GLY B 121 -17.91 25.09 53.29
N THR B 122 -16.84 25.69 52.79
CA THR B 122 -15.90 26.44 53.61
C THR B 122 -16.07 27.93 53.33
N LEU B 123 -15.68 28.76 54.31
CA LEU B 123 -15.94 30.18 54.28
C LEU B 123 -14.67 30.96 53.94
N VAL B 124 -14.82 31.94 53.05
CA VAL B 124 -13.80 32.94 52.78
C VAL B 124 -14.47 34.31 52.81
N THR B 125 -13.67 35.34 53.07
CA THR B 125 -14.20 36.68 53.24
C THR B 125 -13.27 37.70 52.61
N VAL B 126 -13.86 38.66 51.91
CA VAL B 126 -13.14 39.79 51.33
C VAL B 126 -13.70 41.05 51.98
N SER B 127 -12.92 41.66 52.87
CA SER B 127 -13.35 42.85 53.59
C SER B 127 -13.23 44.10 52.72
N GLU C 3 -23.12 31.72 28.52
CA GLU C 3 -23.37 30.53 29.31
C GLU C 3 -24.82 30.08 29.19
N LEU C 4 -25.08 28.82 29.53
CA LEU C 4 -26.44 28.30 29.48
C LEU C 4 -27.30 28.94 30.57
N THR C 5 -28.58 29.11 30.26
CA THR C 5 -29.51 29.75 31.16
C THR C 5 -30.73 28.86 31.38
N GLN C 6 -31.60 29.30 32.27
CA GLN C 6 -32.80 28.56 32.62
C GLN C 6 -33.78 29.52 33.29
N ASP C 7 -34.94 29.00 33.66
CA ASP C 7 -35.96 29.83 34.29
C ASP C 7 -35.47 30.31 35.66
N PRO C 8 -35.72 31.58 36.01
CA PRO C 8 -35.26 32.06 37.32
C PRO C 8 -35.86 31.31 38.50
N ALA C 9 -37.13 30.94 38.43
CA ALA C 9 -37.81 30.26 39.53
C ALA C 9 -39.14 29.73 39.05
N VAL C 10 -39.71 28.81 39.83
CA VAL C 10 -41.02 28.24 39.53
C VAL C 10 -41.56 27.63 40.82
N SER C 11 -42.89 27.69 40.98
CA SER C 11 -43.54 27.13 42.16
C SER C 11 -44.79 26.38 41.74
N VAL C 12 -45.16 25.38 42.54
CA VAL C 12 -46.30 24.52 42.28
C VAL C 12 -47.01 24.25 43.59
N ALA C 13 -48.07 23.44 43.51
CA ALA C 13 -48.77 22.95 44.69
C ALA C 13 -48.07 21.70 45.23
N LEU C 14 -48.70 21.07 46.22
CA LEU C 14 -48.11 19.91 46.89
C LEU C 14 -48.54 18.63 46.18
N GLY C 15 -47.98 18.43 44.99
CA GLY C 15 -48.21 17.20 44.25
C GLY C 15 -47.95 17.32 42.76
N GLN C 16 -48.83 16.72 41.96
CA GLN C 16 -48.82 16.71 40.48
C GLN C 16 -47.38 16.48 40.00
N THR C 17 -46.89 17.21 39.00
CA THR C 17 -45.55 17.02 38.47
C THR C 17 -44.96 18.37 38.12
N VAL C 18 -43.65 18.40 37.93
CA VAL C 18 -42.92 19.64 37.69
C VAL C 18 -41.87 19.40 36.62
N ARG C 19 -41.72 20.37 35.73
CA ARG C 19 -40.69 20.35 34.69
C ARG C 19 -39.78 21.56 34.86
N ILE C 20 -38.48 21.35 34.67
CA ILE C 20 -37.49 22.41 34.75
C ILE C 20 -36.76 22.49 33.42
N THR C 21 -36.72 23.67 32.83
CA THR C 21 -36.14 23.87 31.51
C THR C 21 -34.70 24.35 31.59
N CYS C 22 -34.02 24.29 30.46
CA CYS C 22 -32.62 24.68 30.36
C CYS C 22 -32.26 24.84 28.89
N GLN C 23 -31.64 25.97 28.54
CA GLN C 23 -31.30 26.25 27.15
C GLN C 23 -30.08 27.16 27.10
N GLY C 24 -29.32 27.04 26.03
CA GLY C 24 -28.14 27.87 25.86
C GLY C 24 -27.39 27.47 24.60
N ASP C 25 -26.20 28.06 24.45
CA ASP C 25 -25.30 27.80 23.33
C ASP C 25 -24.65 26.41 23.42
N ILE C 26 -25.01 25.65 24.44
CA ILE C 26 -24.46 24.32 24.68
C ILE C 26 -25.62 23.35 24.78
N LEU C 27 -25.32 22.08 25.10
CA LEU C 27 -26.24 20.95 25.26
C LEU C 27 -26.68 20.40 23.92
N ARG C 28 -26.25 20.98 22.79
CA ARG C 28 -26.60 20.42 21.50
C ARG C 28 -25.91 19.08 21.27
N THR C 29 -24.66 18.96 21.72
CA THR C 29 -23.86 17.75 21.55
C THR C 29 -23.14 17.40 22.84
N TYR C 30 -23.76 17.69 23.98
CA TYR C 30 -23.14 17.45 25.27
C TYR C 30 -24.22 17.07 26.28
N TYR C 31 -23.88 16.15 27.19
CA TYR C 31 -24.82 15.71 28.20
C TYR C 31 -25.04 16.81 29.24
N VAL C 32 -25.97 16.56 30.16
CA VAL C 32 -26.41 17.54 31.13
C VAL C 32 -26.23 16.95 32.53
N SER C 33 -25.99 17.83 33.51
CA SER C 33 -25.82 17.39 34.88
C SER C 33 -26.61 18.33 35.79
N TRP C 34 -27.86 17.96 36.06
CA TRP C 34 -28.73 18.77 36.91
C TRP C 34 -28.33 18.63 38.37
N TYR C 35 -28.25 19.76 39.06
CA TYR C 35 -27.86 19.78 40.46
C TYR C 35 -28.94 20.43 41.32
N GLN C 36 -29.18 19.83 42.49
CA GLN C 36 -29.97 20.43 43.55
C GLN C 36 -29.12 20.60 44.80
N GLN C 37 -29.32 21.70 45.51
CA GLN C 37 -28.80 21.87 46.86
C GLN C 37 -29.90 22.46 47.73
N LYS C 38 -30.20 21.78 48.83
CA LYS C 38 -31.05 22.37 49.83
C LYS C 38 -30.34 23.59 50.42
N PRO C 39 -31.03 24.73 50.52
CA PRO C 39 -30.34 25.97 50.90
C PRO C 39 -29.61 25.82 52.23
N GLY C 40 -28.29 26.02 52.19
CA GLY C 40 -27.44 25.78 53.33
C GLY C 40 -26.69 24.46 53.29
N GLN C 41 -26.78 23.70 52.20
CA GLN C 41 -26.14 22.39 52.11
C GLN C 41 -25.47 22.25 50.75
N ALA C 42 -24.54 21.31 50.67
CA ALA C 42 -23.81 21.06 49.44
C ALA C 42 -24.74 20.47 48.38
N PRO C 43 -24.50 20.79 47.11
CA PRO C 43 -25.37 20.27 46.05
C PRO C 43 -25.19 18.78 45.83
N LEU C 44 -26.19 18.20 45.16
CA LEU C 44 -26.22 16.78 44.85
C LEU C 44 -26.46 16.62 43.36
N LEU C 45 -25.97 15.50 42.82
CA LEU C 45 -26.20 15.18 41.42
C LEU C 45 -27.43 14.30 41.31
N VAL C 46 -28.22 14.53 40.26
CA VAL C 46 -29.43 13.74 40.05
C VAL C 46 -29.36 13.01 38.71
N ILE C 47 -28.90 13.70 37.66
CA ILE C 47 -28.87 13.14 36.32
C ILE C 47 -27.51 13.43 35.72
N TYR C 48 -26.70 12.39 35.52
CA TYR C 48 -25.44 12.52 34.78
C TYR C 48 -25.62 11.81 33.45
N GLY C 49 -25.37 12.52 32.36
CA GLY C 49 -25.62 11.96 31.04
C GLY C 49 -27.10 11.75 30.81
N LYS C 50 -27.49 10.53 30.45
CA LYS C 50 -28.89 10.15 30.36
C LYS C 50 -29.31 9.27 31.53
N ASN C 51 -28.36 8.76 32.31
CA ASN C 51 -28.65 7.83 33.40
C ASN C 51 -29.14 8.57 34.63
N ASN C 52 -29.21 7.87 35.76
CA ASN C 52 -29.70 8.45 37.00
C ASN C 52 -28.90 7.88 38.16
N ARG C 53 -28.70 8.71 39.17
CA ARG C 53 -28.03 8.26 40.38
C ARG C 53 -29.00 7.40 41.20
N PRO C 54 -28.51 6.29 41.77
CA PRO C 54 -29.41 5.38 42.49
C PRO C 54 -30.08 6.00 43.71
N SER C 55 -29.38 6.93 44.38
CA SER C 55 -29.93 7.57 45.56
C SER C 55 -31.20 8.32 45.25
N VAL C 56 -31.35 8.79 44.01
CA VAL C 56 -32.54 9.52 43.59
C VAL C 56 -33.78 8.66 43.70
N ASP C 59 -36.94 5.94 38.98
CA ASP C 59 -37.18 6.00 40.42
C ASP C 59 -38.19 7.10 40.77
N ARG C 60 -37.77 8.36 40.69
CA ARG C 60 -38.70 9.46 40.93
C ARG C 60 -38.68 10.49 39.80
N PHE C 61 -37.52 10.68 39.16
CA PHE C 61 -37.40 11.63 38.07
C PHE C 61 -36.13 11.34 37.29
N SER C 62 -36.20 11.51 35.97
CA SER C 62 -35.08 11.21 35.10
C SER C 62 -34.73 12.30 34.10
N GLY C 63 -35.63 13.25 33.85
CA GLY C 63 -35.33 14.32 32.91
C GLY C 63 -35.35 13.89 31.46
N SER C 64 -35.14 14.84 30.56
CA SER C 64 -35.17 14.55 29.12
C SER C 64 -34.32 15.58 28.40
N THR C 65 -33.31 15.11 27.67
CA THR C 65 -32.50 15.98 26.84
C THR C 65 -33.12 16.11 25.46
N SER C 66 -33.03 17.31 24.87
CA SER C 66 -33.56 17.59 23.56
C SER C 66 -32.45 18.11 22.64
N GLY C 67 -32.84 18.49 21.42
CA GLY C 67 -31.85 18.90 20.45
C GLY C 67 -31.08 20.14 20.87
N ASP C 68 -31.80 21.16 21.35
CA ASP C 68 -31.18 22.40 21.77
C ASP C 68 -31.46 22.77 23.22
N THR C 69 -32.37 22.08 23.89
CA THR C 69 -32.75 22.40 25.26
C THR C 69 -32.66 21.14 26.12
N ALA C 70 -32.54 21.35 27.42
CA ALA C 70 -32.61 20.28 28.40
C ALA C 70 -33.87 20.46 29.24
N SER C 71 -34.32 19.36 29.83
CA SER C 71 -35.56 19.39 30.61
C SER C 71 -35.51 18.27 31.64
N LEU C 72 -35.62 18.64 32.91
CA LEU C 72 -35.71 17.68 34.00
C LEU C 72 -37.15 17.67 34.51
N THR C 73 -37.80 16.52 34.42
CA THR C 73 -39.20 16.36 34.77
C THR C 73 -39.31 15.55 36.05
N ILE C 74 -39.98 16.11 37.05
CA ILE C 74 -40.16 15.47 38.34
C ILE C 74 -41.64 15.46 38.67
N THR C 75 -42.06 14.45 39.44
CA THR C 75 -43.45 14.27 39.81
C THR C 75 -43.60 14.23 41.32
N GLY C 76 -44.75 14.68 41.80
CA GLY C 76 -45.04 14.69 43.21
C GLY C 76 -44.38 15.86 43.93
N ALA C 77 -44.64 15.92 45.24
CA ALA C 77 -44.08 16.98 46.08
C ALA C 77 -44.15 16.52 47.53
N GLN C 78 -43.02 16.57 48.23
CA GLN C 78 -42.92 16.13 49.61
C GLN C 78 -42.03 17.12 50.35
N ALA C 79 -41.50 16.70 51.50
CA ALA C 79 -40.56 17.53 52.26
C ALA C 79 -39.27 17.77 51.48
N GLU C 80 -39.17 17.19 50.28
CA GLU C 80 -38.08 17.47 49.36
C GLU C 80 -38.54 18.49 48.33
N ASP C 81 -37.62 18.85 47.42
CA ASP C 81 -37.86 19.71 46.26
C ASP C 81 -38.10 21.18 46.60
N GLU C 82 -37.86 21.60 47.84
CA GLU C 82 -37.95 23.03 48.15
C GLU C 82 -36.61 23.74 47.92
N ALA C 83 -36.01 23.45 46.77
CA ALA C 83 -34.70 23.99 46.45
C ALA C 83 -34.59 24.19 44.94
N GLU C 84 -33.64 25.02 44.54
CA GLU C 84 -33.43 25.37 43.16
C GLU C 84 -32.64 24.29 42.41
N TYR C 85 -32.67 24.39 41.09
CA TYR C 85 -32.01 23.43 40.22
C TYR C 85 -30.93 24.14 39.42
N TYR C 86 -29.73 23.57 39.39
CA TYR C 86 -28.65 24.08 38.57
C TYR C 86 -28.42 23.17 37.38
N CYS C 87 -28.50 23.74 36.19
CA CYS C 87 -28.28 23.01 34.95
C CYS C 87 -26.85 23.28 34.50
N SER C 88 -26.05 22.21 34.40
CA SER C 88 -24.63 22.34 34.13
C SER C 88 -24.25 21.48 32.93
N SER C 89 -23.10 21.80 32.34
CA SER C 89 -22.62 21.09 31.18
C SER C 89 -21.12 21.22 31.09
N ARG C 90 -20.51 20.32 30.32
CA ARG C 90 -19.11 20.46 29.96
C ARG C 90 -18.92 21.64 29.01
N ASP C 91 -17.77 22.29 29.12
CA ASP C 91 -17.46 23.43 28.25
C ASP C 91 -17.40 23.00 26.80
N ARG C 92 -17.51 23.99 25.91
CA ARG C 92 -17.47 23.72 24.48
C ARG C 92 -16.13 23.12 24.06
N SER C 93 -15.04 23.62 24.63
CA SER C 93 -13.71 23.12 24.30
C SER C 93 -13.34 21.90 25.11
N GLY C 94 -13.82 21.78 26.34
CA GLY C 94 -13.53 20.62 27.16
C GLY C 94 -12.68 20.96 28.38
N ASN C 95 -12.52 22.24 28.66
CA ASN C 95 -11.66 22.70 29.75
C ASN C 95 -12.45 23.13 30.97
N HIS C 96 -13.51 23.93 30.79
CA HIS C 96 -14.24 24.50 31.90
C HIS C 96 -15.53 23.74 32.15
N VAL C 97 -16.33 24.22 33.10
CA VAL C 97 -17.71 23.81 33.27
C VAL C 97 -18.56 25.07 33.36
N LEU C 98 -19.84 24.94 33.01
CA LEU C 98 -20.75 26.07 32.97
C LEU C 98 -21.94 25.80 33.87
N PHE C 99 -22.37 26.83 34.60
CA PHE C 99 -23.46 26.72 35.54
C PHE C 99 -24.48 27.83 35.28
N GLY C 100 -25.76 27.48 35.37
CA GLY C 100 -26.84 28.43 35.23
C GLY C 100 -27.42 28.86 36.56
N GLY C 101 -28.17 29.96 36.51
CA GLY C 101 -28.85 30.47 37.69
C GLY C 101 -29.87 29.51 38.26
N GLY C 102 -29.86 29.32 39.57
CA GLY C 102 -30.77 28.40 40.21
C GLY C 102 -32.25 28.71 40.03
N THR C 103 -33.04 27.71 39.65
CA THR C 103 -34.47 27.87 39.46
C THR C 103 -35.17 27.49 40.77
N LYS C 104 -35.45 28.49 41.61
CA LYS C 104 -36.01 28.23 42.92
C LYS C 104 -37.36 27.55 42.82
N LEU C 105 -37.53 26.48 43.60
CA LEU C 105 -38.73 25.65 43.56
C LEU C 105 -39.31 25.49 44.95
N THR C 106 -40.62 25.65 45.07
CA THR C 106 -41.35 25.41 46.31
C THR C 106 -42.52 24.48 46.02
N VAL C 107 -42.82 23.60 46.96
CA VAL C 107 -43.92 22.66 46.81
C VAL C 107 -45.24 23.35 47.13
N ILE D 2 12.22 28.90 -15.97
CA ILE D 2 11.01 28.72 -15.20
C ILE D 2 10.52 30.04 -14.62
N ASP D 3 9.27 30.39 -14.92
CA ASP D 3 8.59 31.49 -14.25
C ASP D 3 7.36 30.93 -13.56
N ILE D 4 7.22 31.21 -12.27
CA ILE D 4 6.07 30.73 -11.52
C ILE D 4 4.88 31.65 -11.72
N THR D 5 5.10 32.95 -11.67
CA THR D 5 4.03 33.90 -11.98
C THR D 5 3.72 33.84 -13.48
N LYS D 6 2.49 34.21 -13.81
CA LYS D 6 1.90 34.19 -15.16
C LYS D 6 1.72 32.75 -15.63
N LEU D 7 2.19 31.79 -14.83
CA LEU D 7 1.94 30.38 -15.07
C LEU D 7 0.82 29.84 -14.19
N GLN D 8 0.56 30.49 -13.06
CA GLN D 8 -0.56 30.13 -12.20
C GLN D 8 -1.89 30.43 -12.85
N HIS D 9 -1.92 31.16 -13.96
CA HIS D 9 -3.15 31.47 -14.67
C HIS D 9 -3.77 30.26 -15.35
N VAL D 10 -3.05 29.15 -15.46
CA VAL D 10 -3.57 27.94 -16.08
C VAL D 10 -3.57 26.77 -15.11
N GLY D 11 -3.54 27.04 -13.82
CA GLY D 11 -3.56 25.95 -12.87
C GLY D 11 -2.31 25.08 -12.90
N VAL D 12 -1.14 25.70 -12.98
CA VAL D 12 0.13 25.02 -12.78
C VAL D 12 0.79 25.66 -11.57
N LEU D 13 1.04 24.86 -10.54
CA LEU D 13 1.47 25.35 -9.24
C LEU D 13 2.85 24.82 -8.93
N VAL D 14 3.87 25.56 -9.35
CA VAL D 14 5.26 25.17 -9.10
C VAL D 14 5.55 25.27 -7.61
N ASN D 15 6.09 24.20 -7.04
CA ASN D 15 6.40 24.16 -5.61
C ASN D 15 7.69 24.93 -5.34
N SER D 16 8.20 24.78 -4.12
CA SER D 16 9.41 25.49 -3.74
C SER D 16 10.63 24.90 -4.46
N PRO D 17 11.55 25.73 -4.94
CA PRO D 17 12.78 25.20 -5.53
C PRO D 17 13.59 24.42 -4.52
N LYS D 18 14.30 23.41 -5.01
CA LYS D 18 15.12 22.55 -4.18
C LYS D 18 16.42 22.24 -4.90
N GLY D 19 17.43 21.88 -4.12
CA GLY D 19 18.72 21.56 -4.70
C GLY D 19 18.76 20.17 -5.30
N MET D 20 19.79 19.95 -6.12
CA MET D 20 20.01 18.68 -6.81
C MET D 20 21.40 18.16 -6.48
N LYS D 21 21.46 17.19 -5.57
CA LYS D 21 22.70 16.52 -5.22
C LYS D 21 22.72 15.15 -5.87
N ILE D 22 23.81 14.83 -6.57
CA ILE D 22 23.97 13.55 -7.23
C ILE D 22 25.09 12.77 -6.55
N SER D 23 25.06 11.45 -6.74
CA SER D 23 26.11 10.56 -6.23
C SER D 23 27.13 10.32 -7.33
N GLN D 24 27.84 11.39 -7.67
CA GLN D 24 28.75 11.36 -8.83
C GLN D 24 29.86 10.35 -8.63
N ASN D 25 30.46 10.31 -7.45
CA ASN D 25 31.56 9.40 -7.17
C ASN D 25 31.15 8.40 -6.11
N PHE D 26 31.66 7.18 -6.24
CA PHE D 26 31.30 6.07 -5.35
C PHE D 26 32.52 5.60 -4.59
N GLU D 27 32.38 5.46 -3.28
CA GLU D 27 33.36 4.75 -2.48
C GLU D 27 33.17 3.25 -2.71
N THR D 28 33.91 2.44 -1.97
CA THR D 28 33.73 1.00 -2.03
C THR D 28 34.06 0.39 -0.68
N ARG D 29 33.26 -0.59 -0.27
CA ARG D 29 33.47 -1.31 0.97
C ARG D 29 33.04 -2.74 0.77
N TYR D 30 33.48 -3.62 1.66
CA TYR D 30 33.22 -5.05 1.54
C TYR D 30 32.53 -5.54 2.79
N LEU D 31 31.21 -5.69 2.72
CA LEU D 31 30.48 -6.42 3.76
C LEU D 31 30.78 -7.90 3.62
N ILE D 32 31.17 -8.53 4.72
CA ILE D 32 31.44 -9.96 4.77
C ILE D 32 30.54 -10.55 5.85
N LEU D 33 29.34 -10.95 5.46
CA LEU D 33 28.36 -11.45 6.40
C LEU D 33 28.64 -12.90 6.75
N SER D 34 28.46 -13.25 8.02
CA SER D 34 28.58 -14.62 8.48
C SER D 34 27.28 -14.97 9.21
N LEU D 35 26.47 -15.82 8.60
CA LEU D 35 25.14 -16.12 9.09
C LEU D 35 25.13 -17.19 10.16
N ILE D 36 26.27 -17.44 10.81
CA ILE D 36 26.34 -18.44 11.87
C ILE D 36 26.92 -17.81 13.14
N PRO D 37 26.14 -17.70 14.20
CA PRO D 37 26.66 -17.15 15.46
C PRO D 37 27.78 -18.00 16.05
N LYS D 38 28.38 -17.52 17.15
CA LYS D 38 29.45 -18.23 17.83
C LYS D 38 29.04 -18.42 19.28
N ILE D 39 29.17 -19.66 19.77
CA ILE D 39 28.81 -20.02 21.13
C ILE D 39 30.05 -20.52 21.84
N GLU D 40 30.13 -20.30 23.16
CA GLU D 40 31.32 -20.64 23.91
C GLU D 40 31.61 -22.13 23.87
N ASP D 41 30.60 -22.97 24.12
CA ASP D 41 30.79 -24.42 24.18
C ASP D 41 29.42 -25.09 24.23
N SER D 42 29.45 -26.42 24.32
CA SER D 42 28.26 -27.25 24.55
C SER D 42 27.25 -27.13 23.41
N ASN D 43 27.71 -26.74 22.21
CA ASN D 43 26.87 -26.64 21.03
C ASN D 43 25.64 -25.76 21.27
N SER D 44 25.76 -24.80 22.18
CA SER D 44 24.62 -23.98 22.63
C SER D 44 23.47 -24.86 23.07
N CYS D 45 23.80 -25.91 23.84
CA CYS D 45 22.86 -26.95 24.22
C CYS D 45 22.20 -27.57 22.99
N GLY D 46 23.03 -28.04 22.07
CA GLY D 46 22.54 -28.74 20.90
C GLY D 46 21.74 -27.88 19.94
N ASP D 47 22.22 -26.68 19.64
CA ASP D 47 21.51 -25.79 18.72
C ASP D 47 21.89 -26.00 17.26
N GLN D 48 22.80 -26.93 16.95
CA GLN D 48 23.30 -27.09 15.58
C GLN D 48 22.17 -27.23 14.57
N GLN D 49 20.96 -27.55 15.04
CA GLN D 49 19.78 -27.55 14.16
C GLN D 49 19.58 -26.19 13.49
N ILE D 50 20.02 -25.11 14.14
CA ILE D 50 19.96 -23.78 13.55
C ILE D 50 20.75 -23.77 12.24
N LYS D 51 21.89 -24.47 12.23
CA LYS D 51 22.74 -24.51 11.05
C LYS D 51 22.03 -25.07 9.84
N GLN D 52 21.01 -25.91 10.05
CA GLN D 52 20.32 -26.54 8.94
C GLN D 52 19.45 -25.54 8.17
N TYR D 53 18.97 -24.49 8.84
CA TYR D 53 18.04 -23.57 8.19
C TYR D 53 18.69 -22.83 7.04
N LYS D 54 19.91 -22.33 7.23
CA LYS D 54 20.60 -21.65 6.13
C LYS D 54 20.83 -22.57 4.95
N ARG D 55 20.98 -23.88 5.21
CA ARG D 55 21.16 -24.84 4.12
C ARG D 55 19.99 -24.82 3.14
N LEU D 56 18.82 -24.38 3.57
CA LEU D 56 17.72 -24.18 2.64
C LEU D 56 17.84 -22.84 1.90
N LEU D 57 18.69 -21.93 2.38
CA LEU D 57 18.77 -20.58 1.83
C LEU D 57 20.06 -20.34 1.03
N ASP D 58 21.23 -20.54 1.64
CA ASP D 58 22.46 -20.24 0.93
C ASP D 58 22.80 -21.31 -0.09
N ARG D 59 22.37 -22.55 0.14
CA ARG D 59 22.70 -23.63 -0.79
C ARG D 59 22.09 -23.38 -2.16
N LEU D 60 20.94 -22.73 -2.23
CA LEU D 60 20.40 -22.35 -3.54
C LEU D 60 21.09 -21.11 -4.08
N ILE D 61 21.77 -20.35 -3.23
CA ILE D 61 22.43 -19.13 -3.69
C ILE D 61 23.64 -19.45 -4.55
N ILE D 62 24.47 -20.42 -4.13
CA ILE D 62 25.72 -20.70 -4.83
C ILE D 62 25.51 -21.06 -6.31
N PRO D 63 24.47 -21.81 -6.71
CA PRO D 63 24.20 -21.91 -8.15
C PRO D 63 23.40 -20.74 -8.68
N LEU D 64 22.67 -20.03 -7.83
CA LEU D 64 21.90 -18.87 -8.28
C LEU D 64 22.80 -17.77 -8.80
N TYR D 65 23.88 -17.48 -8.07
CA TYR D 65 24.87 -16.49 -8.52
C TYR D 65 26.22 -17.13 -8.82
N ASP D 66 26.84 -17.77 -7.82
CA ASP D 66 28.21 -18.25 -8.01
C ASP D 66 28.30 -19.34 -9.06
N GLY D 67 27.34 -20.27 -9.06
CA GLY D 67 27.38 -21.36 -10.00
C GLY D 67 27.26 -20.89 -11.44
N LEU D 68 26.47 -19.85 -11.68
CA LEU D 68 26.22 -19.36 -13.03
C LEU D 68 26.31 -17.85 -13.08
N LYS D 69 27.37 -17.36 -13.71
CA LYS D 69 27.45 -15.98 -14.20
C LYS D 69 27.53 -16.03 -15.72
N LEU D 70 27.70 -14.87 -16.32
CA LEU D 70 28.02 -14.77 -17.74
C LEU D 70 29.52 -14.70 -17.99
N GLN D 71 30.31 -14.47 -16.94
CA GLN D 71 31.77 -14.37 -17.04
C GLN D 71 32.17 -13.39 -18.15
N LYS D 72 31.57 -12.19 -18.08
CA LYS D 72 31.67 -11.26 -19.19
C LYS D 72 33.06 -10.67 -19.34
N ASP D 73 33.89 -10.78 -18.31
CA ASP D 73 35.24 -10.21 -18.35
C ASP D 73 36.25 -11.32 -18.10
N VAL D 74 36.56 -12.06 -19.17
CA VAL D 74 37.76 -12.88 -19.21
C VAL D 74 38.84 -12.23 -20.06
N ILE D 75 38.47 -11.37 -21.00
CA ILE D 75 39.43 -10.49 -21.67
C ILE D 75 40.13 -9.62 -20.65
N VAL D 76 41.37 -9.26 -20.94
CA VAL D 76 42.20 -8.56 -19.96
C VAL D 76 41.57 -7.22 -19.60
N THR D 77 41.66 -6.88 -18.31
CA THR D 77 41.20 -5.60 -17.79
C THR D 77 42.31 -4.57 -17.72
N ASN D 78 43.31 -4.66 -18.61
CA ASN D 78 44.45 -3.77 -18.59
C ASN D 78 44.05 -2.31 -18.64
N ALA D 101 33.63 -17.84 -26.10
CA ALA D 101 33.22 -16.47 -26.38
C ALA D 101 32.76 -15.77 -25.12
N LEU D 102 32.88 -14.43 -25.11
CA LEU D 102 32.41 -13.65 -23.97
C LEU D 102 30.91 -13.70 -23.81
N GLY D 103 30.16 -14.03 -24.86
CA GLY D 103 28.72 -13.94 -24.83
C GLY D 103 28.26 -12.57 -25.24
N VAL D 104 27.20 -12.06 -24.61
CA VAL D 104 26.69 -10.72 -24.86
C VAL D 104 26.30 -10.09 -23.54
N ALA D 105 26.70 -8.82 -23.35
CA ALA D 105 26.23 -8.03 -22.22
C ALA D 105 26.23 -6.56 -22.59
N THR D 106 25.32 -5.81 -21.98
CA THR D 106 25.23 -4.38 -22.18
C THR D 106 26.14 -3.65 -21.21
N SER D 107 26.11 -2.31 -21.31
CA SER D 107 26.96 -1.49 -20.45
C SER D 107 26.64 -1.71 -18.98
N ALA D 108 25.36 -1.82 -18.65
CA ALA D 108 24.95 -2.02 -17.27
C ALA D 108 25.61 -3.26 -16.67
N GLN D 109 25.64 -4.35 -17.43
CA GLN D 109 26.36 -5.53 -16.97
C GLN D 109 27.86 -5.28 -16.93
N ILE D 110 28.39 -4.55 -17.92
CA ILE D 110 29.82 -4.27 -17.96
C ILE D 110 30.24 -3.49 -16.74
N THR D 111 29.53 -2.40 -16.44
CA THR D 111 29.80 -1.64 -15.23
C THR D 111 29.74 -2.54 -14.00
N ALA D 112 28.71 -3.40 -13.93
CA ALA D 112 28.65 -4.38 -12.87
C ALA D 112 29.83 -5.34 -12.94
N ALA D 113 30.18 -5.78 -14.15
CA ALA D 113 31.29 -6.73 -14.31
C ALA D 113 32.61 -6.11 -13.85
N VAL D 114 32.84 -4.84 -14.18
CA VAL D 114 34.08 -4.17 -13.77
C VAL D 114 34.23 -4.20 -12.26
N ALA D 115 33.12 -3.97 -11.54
CA ALA D 115 33.17 -3.97 -10.07
C ALA D 115 33.62 -5.33 -9.55
N LEU D 116 33.19 -6.42 -10.19
CA LEU D 116 33.62 -7.75 -9.75
C LEU D 116 35.13 -7.91 -9.92
N VAL D 117 35.70 -7.38 -11.01
CA VAL D 117 37.14 -7.45 -11.20
C VAL D 117 37.87 -6.72 -10.08
N GLU D 118 37.30 -5.60 -9.62
CA GLU D 118 37.91 -4.88 -8.50
C GLU D 118 37.98 -5.74 -7.25
N ALA D 119 37.05 -6.68 -7.10
CA ALA D 119 37.09 -7.56 -5.94
C ALA D 119 38.29 -8.50 -5.99
N LYS D 120 38.78 -8.81 -7.20
CA LYS D 120 39.92 -9.71 -7.32
C LYS D 120 41.17 -9.12 -6.67
N GLN D 121 41.39 -7.82 -6.85
CA GLN D 121 42.53 -7.17 -6.22
C GLN D 121 42.44 -7.25 -4.70
N ALA D 122 41.25 -7.03 -4.15
CA ALA D 122 41.03 -7.10 -2.72
C ALA D 122 40.59 -8.47 -2.24
N LYS D 123 40.55 -9.46 -3.14
CA LYS D 123 40.07 -10.79 -2.75
C LYS D 123 40.93 -11.38 -1.64
N SER D 124 42.26 -11.27 -1.76
CA SER D 124 43.14 -11.89 -0.78
C SER D 124 42.86 -11.37 0.63
N ASP D 125 42.55 -10.07 0.75
CA ASP D 125 42.21 -9.51 2.05
C ASP D 125 40.92 -10.11 2.59
N ILE D 126 39.99 -10.50 1.71
CA ILE D 126 38.70 -11.01 2.17
C ILE D 126 38.89 -12.29 2.98
N GLU D 127 39.70 -13.22 2.47
CA GLU D 127 39.94 -14.45 3.22
C GLU D 127 40.76 -14.19 4.47
N LYS D 128 41.59 -13.14 4.47
CA LYS D 128 42.35 -12.81 5.67
C LYS D 128 41.43 -12.48 6.83
N LEU D 129 40.41 -11.66 6.58
CA LEU D 129 39.40 -11.42 7.62
C LEU D 129 38.51 -12.63 7.82
N LYS D 130 38.16 -13.32 6.73
CA LYS D 130 37.37 -14.54 6.84
C LYS D 130 38.08 -15.59 7.67
N GLU D 131 39.42 -15.57 7.67
CA GLU D 131 40.17 -16.49 8.51
C GLU D 131 40.01 -16.18 9.99
N ALA D 132 39.80 -14.90 10.33
CA ALA D 132 39.69 -14.48 11.71
C ALA D 132 38.25 -14.39 12.21
N ILE D 133 37.31 -14.08 11.33
CA ILE D 133 35.91 -13.94 11.76
C ILE D 133 35.35 -15.28 12.23
N ARG D 134 35.91 -16.39 11.74
CA ARG D 134 35.40 -17.70 12.11
C ARG D 134 35.50 -17.96 13.61
N ASP D 135 36.45 -17.31 14.28
CA ASP D 135 36.63 -17.43 15.72
C ASP D 135 36.16 -16.15 16.40
N THR D 136 36.37 -16.09 17.71
CA THR D 136 35.99 -14.96 18.57
C THR D 136 34.47 -14.80 18.60
N ASN D 137 33.99 -13.84 19.40
CA ASN D 137 32.55 -13.67 19.58
C ASN D 137 32.12 -12.21 19.51
N LYS D 138 32.95 -11.32 18.98
CA LYS D 138 32.56 -9.93 18.82
C LYS D 138 31.68 -9.78 17.60
N ALA D 139 30.59 -9.02 17.74
CA ALA D 139 29.60 -8.94 16.67
C ALA D 139 30.17 -8.34 15.41
N VAL D 140 30.96 -7.27 15.54
CA VAL D 140 31.49 -6.55 14.40
C VAL D 140 33.01 -6.46 14.52
N GLN D 141 33.71 -6.77 13.44
CA GLN D 141 35.15 -6.60 13.34
C GLN D 141 35.45 -5.78 12.11
N SER D 142 36.57 -5.04 12.15
CA SER D 142 36.94 -4.17 11.05
C SER D 142 38.45 -4.15 10.91
N VAL D 143 38.96 -4.53 9.74
CA VAL D 143 40.35 -4.36 9.38
C VAL D 143 40.39 -3.63 8.04
N CYS D 144 41.48 -2.92 7.79
CA CYS D 144 41.57 -2.08 6.62
C CYS D 144 42.98 -2.14 6.05
N SER D 145 43.07 -2.25 4.73
CA SER D 145 44.36 -2.38 4.04
C SER D 145 44.76 -1.14 3.27
N SER D 146 43.81 -0.43 2.67
CA SER D 146 44.08 0.79 1.93
C SER D 146 43.13 1.88 2.40
N VAL D 147 43.56 3.14 2.23
CA VAL D 147 42.82 4.27 2.78
C VAL D 147 41.41 4.34 2.20
N GLY D 148 41.22 3.85 0.98
CA GLY D 148 39.91 3.84 0.36
C GLY D 148 39.20 2.50 0.33
N ASN D 149 39.72 1.48 1.01
CA ASN D 149 39.10 0.16 0.99
C ASN D 149 39.34 -0.50 2.34
N CYS D 150 38.35 -0.40 3.23
CA CYS D 150 38.33 -1.13 4.49
C CYS D 150 37.28 -2.23 4.43
N ILE D 151 37.38 -3.19 5.34
CA ILE D 151 36.50 -4.35 5.35
C ILE D 151 35.95 -4.52 6.75
N VAL D 152 34.66 -4.80 6.85
CA VAL D 152 33.96 -4.96 8.12
C VAL D 152 33.22 -6.28 8.14
N ALA D 153 33.31 -6.99 9.26
CA ALA D 153 32.70 -8.29 9.42
C ALA D 153 31.52 -8.21 10.37
N ILE D 154 30.39 -8.79 9.96
CA ILE D 154 29.16 -8.79 10.75
C ILE D 154 28.73 -10.22 10.98
N LYS D 155 28.58 -10.59 12.26
CA LYS D 155 27.98 -11.87 12.60
C LYS D 155 26.46 -11.77 12.51
N SER D 156 25.80 -12.93 12.42
CA SER D 156 24.37 -12.96 12.20
C SER D 156 23.57 -12.34 13.33
N VAL D 157 23.56 -12.99 14.49
CA VAL D 157 22.74 -12.55 15.61
C VAL D 157 23.60 -12.50 16.87
N GLN D 158 24.91 -12.38 16.68
CA GLN D 158 25.90 -12.48 17.75
C GLN D 158 25.63 -11.52 18.90
N ASP D 159 25.22 -10.30 18.58
CA ASP D 159 24.90 -9.33 19.63
C ASP D 159 23.78 -9.84 20.53
N TYR D 160 22.72 -10.37 19.92
CA TYR D 160 21.67 -11.02 20.68
C TYR D 160 22.21 -12.24 21.40
N VAL D 161 23.12 -12.97 20.76
CA VAL D 161 23.77 -14.11 21.41
C VAL D 161 24.61 -13.64 22.59
N ASN D 162 25.29 -12.48 22.42
CA ASN D 162 26.20 -12.00 23.45
C ASN D 162 25.49 -11.76 24.78
N LYS D 163 24.19 -11.50 24.76
CA LYS D 163 23.47 -11.26 26.00
C LYS D 163 22.76 -12.51 26.52
N GLU D 164 22.36 -13.43 25.64
CA GLU D 164 21.66 -14.63 26.07
C GLU D 164 22.58 -15.73 26.55
N ILE D 165 23.89 -15.55 26.44
CA ILE D 165 24.82 -16.54 26.98
C ILE D 165 24.75 -16.59 28.49
N VAL D 166 24.54 -15.43 29.13
CA VAL D 166 24.37 -15.40 30.59
C VAL D 166 23.15 -16.19 31.03
N PRO D 167 21.96 -16.05 30.39
CA PRO D 167 20.82 -16.92 30.74
C PRO D 167 21.11 -18.42 30.76
N SER D 168 22.21 -18.85 30.13
CA SER D 168 22.59 -20.25 30.25
C SER D 168 22.85 -20.63 31.70
N ILE D 169 23.43 -19.71 32.47
CA ILE D 169 23.64 -19.92 33.89
C ILE D 169 22.75 -19.02 34.75
N ALA D 170 22.46 -17.79 34.30
CA ALA D 170 21.60 -16.91 35.09
C ALA D 170 20.20 -17.49 35.24
N ARG D 171 19.64 -18.03 34.17
CA ARG D 171 18.36 -18.70 34.23
C ARG D 171 18.50 -20.19 34.55
N LEU D 172 19.73 -20.65 34.79
CA LEU D 172 20.00 -22.02 35.23
C LEU D 172 19.54 -23.06 34.21
N GLY D 173 19.54 -22.70 32.93
CA GLY D 173 19.14 -23.66 31.91
C GLY D 173 19.64 -23.35 30.51
N CYS D 174 20.28 -24.33 29.88
CA CYS D 174 20.57 -24.23 28.46
C CYS D 174 19.28 -24.17 27.64
N GLU D 175 18.30 -24.99 27.99
CA GLU D 175 17.00 -24.91 27.36
C GLU D 175 16.30 -23.62 27.79
N ALA D 176 15.35 -23.19 26.95
CA ALA D 176 14.66 -21.91 27.07
C ALA D 176 15.62 -20.76 26.79
N ALA D 177 16.89 -21.09 26.54
CA ALA D 177 17.89 -20.16 26.01
C ALA D 177 18.32 -20.56 24.61
N GLY D 178 18.70 -21.84 24.42
CA GLY D 178 18.88 -22.33 23.07
C GLY D 178 17.58 -22.35 22.28
N LEU D 179 16.48 -22.71 22.95
CA LEU D 179 15.16 -22.56 22.34
C LEU D 179 14.89 -21.10 22.01
N GLN D 180 15.23 -20.20 22.93
CA GLN D 180 15.14 -18.77 22.65
C GLN D 180 16.05 -18.38 21.50
N LEU D 181 17.25 -18.97 21.44
CA LEU D 181 18.14 -18.74 20.31
C LEU D 181 17.55 -19.31 19.03
N GLY D 182 16.93 -20.48 19.10
CA GLY D 182 16.42 -21.12 17.89
C GLY D 182 15.33 -20.31 17.23
N ILE D 183 14.37 -19.82 18.02
CA ILE D 183 13.29 -19.02 17.45
C ILE D 183 13.82 -17.71 16.91
N ALA D 184 14.82 -17.12 17.57
CA ALA D 184 15.40 -15.87 17.09
C ALA D 184 16.04 -16.04 15.72
N LEU D 185 16.87 -17.07 15.56
CA LEU D 185 17.42 -17.36 14.23
C LEU D 185 16.31 -17.76 13.27
N THR D 186 15.32 -18.50 13.75
CA THR D 186 14.14 -18.78 12.93
C THR D 186 13.49 -17.49 12.47
N GLN D 187 13.35 -16.52 13.39
CA GLN D 187 12.92 -15.19 12.98
C GLN D 187 13.94 -14.53 12.07
N HIS D 188 15.23 -14.65 12.42
CA HIS D 188 16.27 -14.04 11.60
C HIS D 188 16.34 -14.69 10.22
N TYR D 189 16.21 -16.02 10.16
CA TYR D 189 16.15 -16.69 8.87
C TYR D 189 14.94 -16.21 8.08
N SER D 190 13.80 -16.04 8.73
CA SER D 190 12.65 -15.43 8.08
C SER D 190 12.97 -14.01 7.64
N GLU D 191 13.69 -13.26 8.48
CA GLU D 191 14.12 -11.93 8.08
C GLU D 191 15.03 -11.99 6.86
N LEU D 192 15.94 -12.96 6.82
CA LEU D 192 16.83 -13.11 5.68
C LEU D 192 16.05 -13.41 4.41
N THR D 193 15.05 -14.31 4.51
CA THR D 193 14.37 -14.80 3.33
C THR D 193 13.54 -13.72 2.63
N ASN D 194 13.25 -12.61 3.30
CA ASN D 194 12.37 -11.60 2.73
C ASN D 194 12.92 -11.05 1.41
N CYS D 195 14.05 -10.35 1.48
CA CYS D 195 14.65 -9.76 0.30
C CYS D 195 15.73 -10.63 -0.33
N PHE D 196 16.02 -11.79 0.26
CA PHE D 196 16.85 -12.80 -0.39
C PHE D 196 16.03 -13.87 -1.09
N GLY D 197 14.71 -13.75 -1.08
CA GLY D 197 13.85 -14.73 -1.73
C GLY D 197 13.64 -14.46 -3.20
N GLY D 207 17.49 -5.45 -6.58
CA GLY D 207 18.17 -6.51 -5.85
C GLY D 207 18.20 -6.27 -4.36
N ILE D 208 19.31 -6.66 -3.71
CA ILE D 208 19.43 -6.46 -2.28
C ILE D 208 19.53 -4.96 -1.98
N LYS D 209 18.81 -4.54 -0.96
CA LYS D 209 18.80 -3.15 -0.52
C LYS D 209 19.28 -3.04 0.93
N LEU D 210 20.13 -2.04 1.18
CA LEU D 210 20.96 -2.04 2.39
C LEU D 210 20.11 -2.00 3.65
N GLN D 211 18.91 -1.44 3.58
CA GLN D 211 18.01 -1.44 4.73
C GLN D 211 17.81 -2.85 5.27
N CYS D 212 17.63 -3.84 4.37
CA CYS D 212 17.73 -5.23 4.79
C CYS D 212 18.97 -5.46 5.63
N ILE D 213 20.15 -5.21 5.05
CA ILE D 213 21.40 -5.44 5.75
C ILE D 213 21.43 -4.64 7.05
N ALA D 214 20.73 -3.51 7.08
CA ALA D 214 20.59 -2.78 8.33
C ALA D 214 19.53 -3.41 9.22
N SER D 215 18.30 -3.55 8.69
CA SER D 215 17.19 -4.00 9.51
C SER D 215 17.32 -5.47 9.91
N LEU D 216 17.84 -6.31 9.01
CA LEU D 216 18.06 -7.72 9.38
C LEU D 216 18.95 -7.82 10.60
N TYR D 217 19.95 -6.96 10.69
CA TYR D 217 20.78 -6.82 11.87
C TYR D 217 20.31 -5.69 12.78
N ARG D 218 19.25 -4.98 12.38
CA ARG D 218 18.61 -3.93 13.17
C ARG D 218 19.57 -2.82 13.56
N THR D 219 20.52 -2.51 12.69
CA THR D 219 21.68 -1.71 13.06
C THR D 219 21.66 -0.30 12.48
N ASN D 220 22.81 0.35 12.59
CA ASN D 220 23.11 1.74 12.26
C ASN D 220 24.18 1.81 11.18
N ILE D 221 23.84 2.43 10.05
CA ILE D 221 24.81 2.51 8.95
C ILE D 221 25.97 3.43 9.33
N THR D 222 25.73 4.40 10.21
CA THR D 222 26.83 5.18 10.75
C THR D 222 27.77 4.32 11.60
N GLU D 223 27.24 3.32 12.31
CA GLU D 223 28.14 2.40 12.99
C GLU D 223 28.87 1.46 12.04
N ILE D 224 28.67 1.56 10.74
CA ILE D 224 29.31 0.67 9.79
C ILE D 224 30.20 1.48 8.87
N PHE D 225 31.39 0.95 8.60
CA PHE D 225 32.43 1.49 7.72
C PHE D 225 33.16 2.68 8.34
N THR D 226 32.62 3.24 9.42
CA THR D 226 33.30 4.22 10.29
C THR D 226 34.21 5.16 9.49
N THR D 227 33.67 5.72 8.42
CA THR D 227 34.47 6.45 7.45
C THR D 227 34.11 7.93 7.44
N SER D 228 35.09 8.77 7.11
CA SER D 228 34.86 10.19 6.93
C SER D 228 33.99 10.49 5.71
N THR D 229 33.77 9.51 4.84
CA THR D 229 32.87 9.68 3.71
C THR D 229 31.44 9.30 4.04
N VAL D 230 31.16 8.87 5.27
CA VAL D 230 29.81 8.56 5.70
C VAL D 230 29.38 9.35 6.93
N ASP D 231 30.31 9.83 7.75
CA ASP D 231 29.94 10.57 8.96
C ASP D 231 29.23 11.88 8.61
N LYS D 232 29.70 12.58 7.59
CA LYS D 232 29.14 13.88 7.22
C LYS D 232 27.89 13.71 6.37
N TYR D 233 26.96 12.87 6.83
CA TYR D 233 25.72 12.60 6.13
C TYR D 233 24.55 13.19 6.91
N ASP D 234 23.73 13.97 6.22
CA ASP D 234 22.46 14.39 6.78
C ASP D 234 21.54 13.19 6.92
N ILE D 235 20.49 13.34 7.74
CA ILE D 235 19.54 12.26 7.93
C ILE D 235 18.90 11.87 6.61
N TYR D 236 18.54 12.86 5.80
CA TYR D 236 18.07 12.58 4.44
C TYR D 236 19.19 11.96 3.60
N ASP D 237 20.41 12.49 3.73
CA ASP D 237 21.54 11.92 3.00
C ASP D 237 21.83 10.49 3.48
N LEU D 238 21.77 10.27 4.78
CA LEU D 238 21.99 8.92 5.30
C LEU D 238 20.87 7.98 4.92
N LEU D 239 19.67 8.52 4.67
CA LEU D 239 18.56 7.67 4.25
C LEU D 239 18.72 7.25 2.79
N PHE D 240 19.33 8.09 1.96
CA PHE D 240 19.50 7.75 0.55
C PHE D 240 20.42 6.55 0.38
N THR D 241 21.56 6.56 1.06
CA THR D 241 22.53 5.46 0.91
C THR D 241 21.97 4.13 1.41
N GLU D 242 20.87 4.17 2.18
CA GLU D 242 20.19 2.96 2.58
C GLU D 242 19.48 2.27 1.42
N SER D 243 19.33 2.95 0.28
CA SER D 243 18.55 2.44 -0.84
C SER D 243 19.40 1.91 -1.99
N ILE D 244 20.72 2.14 -1.99
CA ILE D 244 21.55 1.70 -3.09
C ILE D 244 21.69 0.19 -3.07
N LYS D 245 21.67 -0.41 -4.26
CA LYS D 245 21.72 -1.87 -4.37
C LYS D 245 23.03 -2.43 -3.86
N VAL D 246 22.94 -3.50 -3.08
CA VAL D 246 24.11 -4.24 -2.61
C VAL D 246 24.29 -5.48 -3.47
N ARG D 247 25.54 -5.75 -3.85
CA ARG D 247 25.85 -6.86 -4.74
C ARG D 247 26.39 -8.04 -3.94
N VAL D 248 26.32 -9.23 -4.57
CA VAL D 248 26.87 -10.45 -4.01
C VAL D 248 28.01 -10.90 -4.92
N ILE D 249 29.17 -11.19 -4.34
CA ILE D 249 30.35 -11.54 -5.14
C ILE D 249 30.84 -12.93 -4.78
N ASP D 250 30.59 -13.38 -3.55
CA ASP D 250 31.11 -14.66 -3.11
C ASP D 250 30.18 -15.27 -2.08
N VAL D 251 30.12 -16.60 -2.06
CA VAL D 251 29.41 -17.36 -1.05
C VAL D 251 30.30 -18.52 -0.63
N ASP D 252 30.46 -18.71 0.68
CA ASP D 252 31.30 -19.77 1.23
C ASP D 252 30.40 -20.71 2.02
N LEU D 253 29.97 -21.80 1.37
CA LEU D 253 29.08 -22.76 2.02
C LEU D 253 29.74 -23.45 3.20
N ASN D 254 31.07 -23.51 3.22
CA ASN D 254 31.75 -24.10 4.37
C ASN D 254 31.50 -23.30 5.64
N ASP D 255 31.52 -21.97 5.53
CA ASP D 255 31.27 -21.09 6.67
C ASP D 255 29.96 -20.32 6.56
N TYR D 256 29.14 -20.63 5.55
CA TYR D 256 27.82 -20.00 5.36
C TYR D 256 27.92 -18.50 5.16
N SER D 257 29.09 -18.00 4.77
CA SER D 257 29.35 -16.57 4.69
C SER D 257 29.00 -16.02 3.32
N ILE D 258 28.46 -14.81 3.31
CA ILE D 258 28.14 -14.08 2.08
C ILE D 258 28.98 -12.82 2.07
N THR D 259 29.74 -12.63 1.00
CA THR D 259 30.60 -11.45 0.85
C THR D 259 29.89 -10.45 -0.05
N LEU D 260 29.53 -9.30 0.51
CA LEU D 260 28.77 -8.27 -0.20
C LEU D 260 29.69 -7.11 -0.53
N GLN D 261 29.78 -6.76 -1.81
CA GLN D 261 30.52 -5.58 -2.24
C GLN D 261 29.58 -4.40 -2.15
N VAL D 262 29.55 -3.76 -0.99
CA VAL D 262 28.66 -2.64 -0.73
C VAL D 262 29.32 -1.37 -1.25
N ARG D 263 28.50 -0.49 -1.81
CA ARG D 263 28.99 0.73 -2.43
C ARG D 263 28.47 1.94 -1.67
N LEU D 264 29.38 2.83 -1.28
CA LEU D 264 28.97 4.06 -0.64
C LEU D 264 29.15 5.24 -1.58
N PRO D 265 28.20 6.16 -1.63
CA PRO D 265 28.30 7.30 -2.53
C PRO D 265 28.94 8.52 -1.87
N LEU D 266 29.45 9.40 -2.72
CA LEU D 266 29.96 10.71 -2.31
C LEU D 266 29.02 11.75 -2.89
N LEU D 267 28.18 12.33 -2.04
CA LEU D 267 27.07 13.17 -2.49
C LEU D 267 27.57 14.60 -2.69
N THR D 268 28.09 14.87 -3.88
CA THR D 268 28.41 16.23 -4.26
C THR D 268 27.13 16.99 -4.59
N ARG D 269 27.17 18.31 -4.42
CA ARG D 269 26.00 19.15 -4.66
C ARG D 269 26.15 19.80 -6.03
N LEU D 270 25.56 19.16 -7.03
CA LEU D 270 25.56 19.69 -8.39
C LEU D 270 24.93 21.07 -8.42
N LEU D 271 25.74 22.07 -8.75
CA LEU D 271 25.33 23.46 -8.68
C LEU D 271 24.50 23.84 -9.92
N ASN D 272 23.79 24.96 -9.82
CA ASN D 272 22.99 25.52 -10.91
C ASN D 272 21.87 24.56 -11.31
N THR D 273 21.28 23.88 -10.33
CA THR D 273 20.22 22.89 -10.56
C THR D 273 19.08 23.17 -9.59
N GLN D 274 17.91 23.46 -10.14
CA GLN D 274 16.70 23.71 -9.34
C GLN D 274 15.68 22.63 -9.66
N ILE D 275 15.15 21.99 -8.62
CA ILE D 275 14.10 20.99 -8.75
C ILE D 275 12.81 21.58 -8.20
N TYR D 276 11.76 21.59 -9.01
CA TYR D 276 10.44 22.01 -8.56
C TYR D 276 9.46 20.85 -8.65
N LYS D 277 8.58 20.77 -7.66
CA LYS D 277 7.41 19.90 -7.76
C LYS D 277 6.29 20.68 -8.43
N VAL D 278 5.63 20.05 -9.40
CA VAL D 278 4.64 20.74 -10.22
C VAL D 278 3.32 19.99 -10.13
N ASP D 279 2.24 20.72 -9.88
CA ASP D 279 0.89 20.19 -9.79
C ASP D 279 0.04 20.81 -10.89
N SER D 280 -1.19 20.32 -11.02
CA SER D 280 -2.12 20.84 -12.01
C SER D 280 -3.47 21.09 -11.37
N ILE D 281 -4.20 22.06 -11.93
CA ILE D 281 -5.50 22.48 -11.41
C ILE D 281 -6.47 22.56 -12.57
N SER D 282 -7.75 22.35 -12.28
CA SER D 282 -8.76 22.24 -13.33
C SER D 282 -9.04 23.57 -13.99
N TYR D 283 -8.28 23.91 -15.03
CA TYR D 283 -8.53 25.12 -15.80
C TYR D 283 -9.77 24.92 -16.65
N ASN D 284 -10.94 25.21 -16.09
CA ASN D 284 -12.19 24.92 -16.76
C ASN D 284 -12.38 25.77 -18.00
N ILE D 285 -13.00 25.19 -19.02
CA ILE D 285 -13.39 25.91 -20.24
C ILE D 285 -14.82 25.51 -20.58
N GLN D 286 -15.71 26.49 -20.61
CA GLN D 286 -17.12 26.27 -20.97
C GLN D 286 -17.73 25.15 -20.12
N ASN D 287 -17.46 25.21 -18.81
CA ASN D 287 -17.91 24.27 -17.80
C ASN D 287 -17.30 22.88 -17.97
N ARG D 288 -16.47 22.65 -18.98
CA ARG D 288 -15.76 21.40 -19.14
C ARG D 288 -14.41 21.51 -18.46
N GLU D 289 -14.09 20.54 -17.61
CA GLU D 289 -12.89 20.60 -16.78
C GLU D 289 -11.72 19.98 -17.55
N TRP D 290 -10.74 20.79 -17.88
CA TRP D 290 -9.47 20.35 -18.43
C TRP D 290 -8.37 20.57 -17.40
N TYR D 291 -7.15 20.17 -17.76
CA TYR D 291 -5.98 20.51 -16.97
C TYR D 291 -4.74 20.33 -17.83
N ILE D 292 -3.61 20.77 -17.29
CA ILE D 292 -2.35 20.78 -18.02
C ILE D 292 -1.50 19.64 -17.47
N PRO D 293 -1.21 18.59 -18.26
CA PRO D 293 -0.58 17.36 -17.74
C PRO D 293 0.95 17.41 -17.64
N LEU D 294 1.44 18.10 -16.61
CA LEU D 294 2.87 18.21 -16.40
C LEU D 294 3.42 16.96 -15.69
N PRO D 295 4.72 16.71 -15.82
CA PRO D 295 5.33 15.60 -15.06
C PRO D 295 5.29 15.84 -13.57
N SER D 296 5.75 14.86 -12.80
CA SER D 296 5.71 14.99 -11.34
C SER D 296 6.69 16.05 -10.85
N HIS D 297 7.79 16.27 -11.56
CA HIS D 297 8.79 17.24 -11.13
C HIS D 297 9.42 17.88 -12.35
N ILE D 298 9.93 19.10 -12.16
CA ILE D 298 10.56 19.88 -13.22
C ILE D 298 11.90 20.37 -12.73
N MET D 299 12.92 20.30 -13.58
CA MET D 299 14.26 20.76 -13.22
C MET D 299 14.75 21.80 -14.21
N THR D 300 15.79 22.51 -13.81
CA THR D 300 16.39 23.56 -14.61
C THR D 300 17.89 23.56 -14.38
N LYS D 301 18.67 23.40 -15.45
CA LYS D 301 20.13 23.38 -15.38
C LYS D 301 20.66 24.38 -16.41
N GLY D 302 20.74 25.64 -16.02
CA GLY D 302 21.27 26.67 -16.89
C GLY D 302 20.34 27.02 -18.02
N ALA D 303 20.19 26.09 -18.97
CA ALA D 303 19.24 26.24 -20.07
C ALA D 303 18.40 24.98 -20.22
N PHE D 304 18.96 23.85 -19.80
CA PHE D 304 18.26 22.58 -19.84
C PHE D 304 17.02 22.62 -18.96
N LEU D 305 15.85 22.59 -19.58
CA LEU D 305 14.59 22.79 -18.88
C LEU D 305 13.71 21.54 -18.93
N GLY D 306 14.34 20.36 -18.96
CA GLY D 306 13.60 19.13 -19.00
C GLY D 306 12.99 18.75 -17.68
N GLY D 307 12.18 17.70 -17.71
CA GLY D 307 11.53 17.19 -16.52
C GLY D 307 12.52 16.47 -15.62
N ALA D 308 11.99 15.57 -14.80
CA ALA D 308 12.81 14.84 -13.85
C ALA D 308 12.04 13.65 -13.32
N ASP D 309 12.72 12.83 -12.53
CA ASP D 309 12.14 11.70 -11.84
C ASP D 309 12.59 11.70 -10.39
N VAL D 310 11.75 11.18 -9.51
CA VAL D 310 12.04 11.10 -8.09
C VAL D 310 11.82 9.70 -7.53
N LYS D 311 11.20 8.80 -8.31
CA LYS D 311 10.91 7.45 -7.82
C LYS D 311 12.15 6.73 -7.30
N GLU D 312 13.30 7.01 -7.87
CA GLU D 312 14.56 6.46 -7.39
C GLU D 312 15.32 7.42 -6.49
N CYS D 313 14.82 8.64 -6.31
CA CYS D 313 15.52 9.68 -5.57
C CYS D 313 15.04 9.72 -4.13
N ILE D 314 15.59 10.67 -3.37
CA ILE D 314 15.26 10.85 -1.96
C ILE D 314 15.03 12.33 -1.72
N GLU D 315 13.98 12.64 -0.96
CA GLU D 315 13.59 14.02 -0.67
C GLU D 315 14.29 14.49 0.60
N ALA D 316 15.07 15.56 0.48
CA ALA D 316 15.70 16.19 1.63
C ALA D 316 14.97 17.48 2.00
N PHE D 317 15.46 18.14 3.03
CA PHE D 317 14.84 19.37 3.50
C PHE D 317 14.94 20.48 2.46
N SER D 318 16.12 20.62 1.83
CA SER D 318 16.33 21.70 0.87
C SER D 318 17.06 21.24 -0.39
N SER D 319 17.06 19.95 -0.69
CA SER D 319 17.75 19.45 -1.86
C SER D 319 17.21 18.08 -2.23
N TYR D 320 17.59 17.61 -3.41
CA TYR D 320 17.27 16.27 -3.88
C TYR D 320 18.55 15.45 -3.98
N ILE D 321 18.45 14.19 -3.59
CA ILE D 321 19.57 13.25 -3.71
C ILE D 321 19.13 12.10 -4.61
N CYS D 322 19.90 11.87 -5.67
CA CYS D 322 19.61 10.82 -6.63
C CYS D 322 20.88 10.04 -6.94
N PRO D 323 20.77 8.75 -7.22
CA PRO D 323 21.92 7.97 -7.66
C PRO D 323 22.27 8.15 -9.14
N SER D 324 21.65 9.11 -9.81
CA SER D 324 21.88 9.37 -11.23
C SER D 324 21.46 10.80 -11.52
N ASP D 325 21.30 11.13 -12.80
CA ASP D 325 20.76 12.42 -13.20
C ASP D 325 19.41 12.18 -13.87
N PRO D 326 18.30 12.25 -13.13
CA PRO D 326 17.00 11.86 -13.70
C PRO D 326 16.50 12.79 -14.78
N GLY D 327 17.13 13.94 -14.99
CA GLY D 327 16.65 14.89 -15.96
C GLY D 327 16.50 14.31 -17.35
N PHE D 328 15.30 14.39 -17.90
CA PHE D 328 15.00 13.92 -19.25
C PHE D 328 14.31 15.04 -20.02
N VAL D 329 14.68 15.20 -21.28
CA VAL D 329 14.18 16.30 -22.07
C VAL D 329 12.67 16.16 -22.26
N LEU D 330 11.96 17.28 -22.16
CA LEU D 330 10.53 17.31 -22.39
C LEU D 330 10.26 17.69 -23.84
N ASN D 331 8.98 17.74 -24.18
CA ASN D 331 8.60 18.17 -25.53
C ASN D 331 8.88 19.65 -25.69
N HIS D 332 8.93 20.09 -26.95
CA HIS D 332 9.06 21.51 -27.22
C HIS D 332 7.86 22.28 -26.69
N GLU D 333 6.65 21.72 -26.85
CA GLU D 333 5.46 22.37 -26.34
C GLU D 333 5.49 22.46 -24.82
N MET D 334 5.82 21.36 -24.15
CA MET D 334 5.85 21.36 -22.69
C MET D 334 7.09 22.02 -22.14
N GLU D 335 8.08 22.32 -22.97
CA GLU D 335 9.22 23.13 -22.54
C GLU D 335 8.99 24.62 -22.79
N SER D 336 8.36 24.97 -23.91
CA SER D 336 7.99 26.36 -24.15
C SER D 336 6.87 26.81 -23.23
N CYS D 337 6.06 25.88 -22.73
CA CYS D 337 5.00 26.24 -21.78
C CYS D 337 5.59 26.80 -20.50
N LEU D 338 6.64 26.18 -19.98
CA LEU D 338 7.22 26.53 -18.69
C LEU D 338 8.21 27.67 -18.77
N SER D 339 8.54 28.13 -19.97
CA SER D 339 9.43 29.27 -20.15
C SER D 339 8.68 30.59 -20.27
N GLY D 340 7.40 30.61 -19.89
CA GLY D 340 6.58 31.79 -19.94
C GLY D 340 5.65 31.88 -21.13
N ASN D 341 5.99 31.20 -22.24
CA ASN D 341 5.08 31.12 -23.38
C ASN D 341 3.97 30.15 -23.04
N ILE D 342 2.84 30.68 -22.55
CA ILE D 342 1.83 29.85 -21.94
C ILE D 342 0.71 29.45 -22.90
N SER D 343 0.62 30.08 -24.07
CA SER D 343 -0.38 29.66 -25.05
C SER D 343 -0.19 28.21 -25.46
N GLN D 344 1.06 27.81 -25.70
CA GLN D 344 1.36 26.42 -26.07
C GLN D 344 1.65 25.58 -24.83
N CYS D 345 0.57 25.03 -24.27
CA CYS D 345 0.64 24.03 -23.23
C CYS D 345 -0.34 22.90 -23.56
N PRO D 346 -0.03 21.66 -23.20
CA PRO D 346 -0.98 20.58 -23.42
C PRO D 346 -2.23 20.75 -22.57
N ARG D 347 -3.36 20.31 -23.11
CA ARG D 347 -4.68 20.64 -22.54
C ARG D 347 -5.56 19.39 -22.64
N THR D 348 -5.55 18.59 -21.58
CA THR D 348 -6.25 17.30 -21.55
C THR D 348 -7.54 17.38 -20.76
N THR D 349 -8.53 16.60 -21.18
CA THR D 349 -9.80 16.54 -20.45
C THR D 349 -9.64 15.74 -19.16
N VAL D 350 -10.31 16.18 -18.12
CA VAL D 350 -10.28 15.52 -16.81
C VAL D 350 -11.19 14.30 -16.85
N THR D 351 -10.73 13.21 -16.24
CA THR D 351 -11.54 12.02 -16.05
C THR D 351 -11.36 11.60 -14.60
N SER D 352 -12.44 11.67 -13.82
CA SER D 352 -12.47 11.33 -12.40
C SER D 352 -11.77 12.40 -11.58
N ASP D 353 -11.89 12.34 -10.25
CA ASP D 353 -11.31 13.37 -9.40
C ASP D 353 -9.87 12.99 -9.06
N ILE D 354 -8.96 13.35 -9.97
CA ILE D 354 -7.53 13.24 -9.76
C ILE D 354 -6.85 14.60 -9.80
N VAL D 355 -7.57 15.65 -10.17
CA VAL D 355 -7.06 17.01 -10.19
C VAL D 355 -7.73 17.78 -9.05
N PRO D 356 -6.97 18.48 -8.21
CA PRO D 356 -7.52 19.03 -6.96
C PRO D 356 -8.69 19.99 -7.14
N ARG D 357 -8.69 20.76 -8.23
CA ARG D 357 -9.72 21.75 -8.55
C ARG D 357 -9.64 22.97 -7.64
N TYR D 358 -8.81 22.91 -6.60
CA TYR D 358 -8.57 24.04 -5.72
C TYR D 358 -7.32 23.78 -4.90
N ALA D 359 -6.49 24.80 -4.72
CA ALA D 359 -5.22 24.61 -4.04
C ALA D 359 -4.77 25.92 -3.42
N PHE D 360 -3.88 25.81 -2.44
CA PHE D 360 -3.42 26.96 -1.66
C PHE D 360 -2.08 27.45 -2.21
N VAL D 361 -2.13 28.07 -3.38
CA VAL D 361 -0.92 28.64 -3.96
C VAL D 361 -0.58 29.94 -3.23
N ASN D 362 0.58 29.95 -2.58
CA ASN D 362 1.01 31.06 -1.74
C ASN D 362 0.04 31.26 -0.58
N GLY D 363 -0.38 32.49 -0.35
CA GLY D 363 -1.34 32.76 0.70
C GLY D 363 -2.77 32.76 0.20
N GLY D 364 -2.96 33.23 -1.03
CA GLY D 364 -4.29 33.41 -1.59
C GLY D 364 -4.71 32.21 -2.42
N VAL D 365 -5.91 31.69 -2.11
CA VAL D 365 -6.42 30.52 -2.78
C VAL D 365 -6.67 30.81 -4.25
N VAL D 366 -6.37 29.83 -5.10
CA VAL D 366 -6.78 29.81 -6.50
C VAL D 366 -7.47 28.49 -6.76
N ALA D 367 -8.56 28.53 -7.51
CA ALA D 367 -9.43 27.36 -7.64
C ALA D 367 -10.22 27.48 -8.93
N ASN D 368 -11.09 26.49 -9.18
CA ASN D 368 -12.03 26.50 -10.28
C ASN D 368 -13.41 26.69 -9.65
N CYS D 369 -13.85 27.95 -9.58
CA CYS D 369 -14.95 28.32 -8.70
C CYS D 369 -16.33 27.92 -9.24
N ILE D 370 -16.43 27.45 -10.48
CA ILE D 370 -17.70 26.97 -10.99
C ILE D 370 -17.77 25.46 -10.83
N THR D 371 -16.85 24.90 -10.05
CA THR D 371 -16.90 23.48 -9.70
C THR D 371 -16.77 23.32 -8.19
N THR D 372 -16.14 24.29 -7.54
CA THR D 372 -16.09 24.36 -6.09
C THR D 372 -16.65 25.71 -5.66
N THR D 373 -17.35 25.72 -4.52
CA THR D 373 -18.10 26.89 -4.09
C THR D 373 -17.17 27.87 -3.41
N CYS D 374 -16.92 29.01 -4.05
CA CYS D 374 -16.00 30.02 -3.56
C CYS D 374 -16.74 31.14 -2.85
N THR D 375 -16.19 31.63 -1.75
CA THR D 375 -16.82 32.65 -0.94
C THR D 375 -15.78 33.63 -0.41
N CYS D 376 -16.25 34.82 -0.06
CA CYS D 376 -15.46 35.80 0.68
C CYS D 376 -16.24 36.34 1.87
N ASN D 377 -15.60 36.32 3.04
CA ASN D 377 -16.08 37.01 4.24
C ASN D 377 -17.40 36.46 4.76
N GLY D 378 -17.86 35.36 4.18
CA GLY D 378 -19.11 34.77 4.60
C GLY D 378 -19.61 33.72 3.63
N ILE D 379 -20.47 32.82 4.12
CA ILE D 379 -20.97 31.74 3.27
C ILE D 379 -21.84 32.28 2.14
N GLY D 380 -22.60 33.35 2.41
CA GLY D 380 -23.55 33.86 1.44
C GLY D 380 -22.96 34.63 0.28
N ASN D 381 -21.67 34.99 0.34
CA ASN D 381 -21.04 35.80 -0.70
C ASN D 381 -20.29 34.87 -1.66
N ARG D 382 -21.05 34.21 -2.54
CA ARG D 382 -20.43 33.33 -3.52
C ARG D 382 -19.71 34.14 -4.60
N ILE D 383 -18.70 33.52 -5.20
CA ILE D 383 -17.91 34.12 -6.26
C ILE D 383 -18.23 33.41 -7.56
N ASN D 384 -18.48 34.19 -8.61
CA ASN D 384 -18.81 33.66 -9.93
C ASN D 384 -17.74 34.06 -10.93
N GLN D 385 -17.13 33.07 -11.57
CA GLN D 385 -16.18 33.39 -12.62
C GLN D 385 -16.92 33.70 -13.92
N PRO D 386 -16.34 34.54 -14.77
CA PRO D 386 -16.94 34.78 -16.09
C PRO D 386 -16.92 33.51 -16.92
N PRO D 387 -17.81 33.39 -17.91
CA PRO D 387 -17.92 32.14 -18.67
C PRO D 387 -16.72 31.88 -19.58
N ASP D 388 -15.75 32.78 -19.59
CA ASP D 388 -14.55 32.61 -20.41
C ASP D 388 -13.29 32.36 -19.59
N GLN D 389 -13.17 33.01 -18.44
CA GLN D 389 -12.01 32.82 -17.58
C GLN D 389 -11.99 31.40 -17.01
N GLY D 390 -10.79 30.91 -16.73
CA GLY D 390 -10.63 29.64 -16.08
C GLY D 390 -10.53 29.78 -14.57
N VAL D 391 -9.40 29.40 -14.01
CA VAL D 391 -9.20 29.55 -12.57
C VAL D 391 -9.19 31.04 -12.21
N LYS D 392 -9.54 31.32 -10.95
CA LYS D 392 -9.63 32.68 -10.45
C LYS D 392 -8.59 32.92 -9.36
N ILE D 393 -7.92 34.06 -9.44
CA ILE D 393 -6.90 34.44 -8.48
C ILE D 393 -7.57 35.21 -7.34
N ILE D 394 -7.30 34.79 -6.11
CA ILE D 394 -7.90 35.37 -4.92
C ILE D 394 -6.78 35.73 -3.95
N THR D 395 -6.81 36.95 -3.43
CA THR D 395 -5.73 37.48 -2.61
C THR D 395 -6.29 38.18 -1.39
N HIS D 396 -5.47 38.29 -0.34
CA HIS D 396 -5.87 38.97 0.89
C HIS D 396 -6.14 40.44 0.66
N LYS D 397 -5.66 41.01 -0.44
CA LYS D 397 -6.02 42.36 -0.83
C LYS D 397 -7.36 42.43 -1.56
N GLU D 398 -8.00 41.28 -1.79
CA GLU D 398 -9.27 41.22 -2.50
C GLU D 398 -10.29 40.42 -1.71
N CYS D 399 -9.81 39.47 -0.91
CA CYS D 399 -10.67 38.55 -0.18
C CYS D 399 -10.00 38.23 1.15
N ASN D 400 -10.49 38.85 2.23
CA ASN D 400 -9.85 38.69 3.53
C ASN D 400 -10.06 37.30 4.10
N THR D 401 -11.29 36.79 4.03
CA THR D 401 -11.62 35.47 4.56
C THR D 401 -12.37 34.69 3.49
N ILE D 402 -11.94 33.46 3.24
CA ILE D 402 -12.43 32.69 2.10
C ILE D 402 -12.77 31.26 2.50
N GLY D 403 -13.99 30.83 2.21
CA GLY D 403 -14.39 29.44 2.37
C GLY D 403 -14.66 28.82 1.01
N ILE D 404 -14.25 27.57 0.85
CA ILE D 404 -14.36 26.85 -0.41
C ILE D 404 -15.23 25.62 -0.19
N ASN D 405 -16.37 25.58 -0.89
CA ASN D 405 -17.38 24.52 -0.82
C ASN D 405 -17.53 23.97 0.60
N GLY D 406 -17.82 24.88 1.52
CA GLY D 406 -17.71 24.62 2.95
C GLY D 406 -16.44 25.23 3.50
N MET D 407 -16.24 25.01 4.80
CA MET D 407 -15.02 25.46 5.48
C MET D 407 -14.90 26.98 5.44
N LEU D 408 -13.87 27.53 6.07
CA LEU D 408 -13.62 28.96 5.99
C LEU D 408 -12.16 29.21 6.32
N PHE D 409 -11.55 30.13 5.58
CA PHE D 409 -10.13 30.44 5.75
C PHE D 409 -9.92 31.94 5.57
N ASN D 410 -9.12 32.53 6.45
CA ASN D 410 -8.67 33.91 6.26
C ASN D 410 -7.39 33.90 5.44
N THR D 411 -7.27 34.87 4.54
CA THR D 411 -6.18 34.87 3.57
C THR D 411 -4.94 35.49 4.19
N ASN D 412 -4.01 34.63 4.59
CA ASN D 412 -2.73 35.08 5.12
C ASN D 412 -1.97 35.85 4.03
N LYS D 413 -1.31 36.93 4.44
CA LYS D 413 -0.52 37.73 3.51
C LYS D 413 0.63 36.91 2.93
N GLU D 414 0.82 37.05 1.61
CA GLU D 414 1.89 36.35 0.91
C GLU D 414 2.04 36.89 -0.51
N GLY D 415 2.88 36.26 -1.33
CA GLY D 415 3.32 36.80 -2.59
C GLY D 415 2.35 36.82 -3.75
N THR D 416 1.36 35.93 -3.77
CA THR D 416 0.39 35.89 -4.87
C THR D 416 -0.27 37.25 -5.05
N LEU D 417 -0.30 37.72 -6.30
CA LEU D 417 -0.61 39.12 -6.59
C LEU D 417 -1.64 39.24 -7.72
N ALA D 418 -2.90 39.42 -7.32
CA ALA D 418 -3.96 39.94 -8.18
C ALA D 418 -4.29 39.07 -9.39
N PHE D 419 -5.38 39.41 -10.08
CA PHE D 419 -5.69 38.77 -11.34
C PHE D 419 -4.66 39.11 -12.42
N TYR D 420 -4.11 40.33 -12.35
CA TYR D 420 -3.06 40.83 -13.23
C TYR D 420 -3.56 41.08 -14.66
N THR D 421 -4.82 40.75 -14.94
CA THR D 421 -5.44 41.00 -16.24
C THR D 421 -4.68 40.39 -17.42
N PRO D 422 -4.52 39.06 -17.45
CA PRO D 422 -4.07 38.42 -18.70
C PRO D 422 -5.16 38.52 -19.75
N ASP D 423 -4.75 38.65 -21.01
CA ASP D 423 -5.71 38.65 -22.11
C ASP D 423 -6.39 37.28 -22.21
N ASP D 424 -7.41 37.21 -23.05
CA ASP D 424 -8.06 35.94 -23.32
C ASP D 424 -7.01 34.88 -23.67
N ILE D 425 -6.89 33.88 -22.81
CA ILE D 425 -5.78 32.94 -22.87
C ILE D 425 -6.24 31.66 -23.56
N THR D 426 -6.12 31.63 -24.88
CA THR D 426 -6.54 30.47 -25.65
C THR D 426 -5.45 29.41 -25.65
N LEU D 427 -5.84 28.15 -25.48
CA LEU D 427 -4.93 27.01 -25.52
C LEU D 427 -5.23 26.20 -26.77
N ASN D 428 -4.20 25.85 -27.52
CA ASN D 428 -4.34 25.33 -28.88
C ASN D 428 -3.92 23.87 -28.95
N ASN D 429 -3.93 23.19 -27.81
CA ASN D 429 -3.16 21.96 -27.74
C ASN D 429 -3.88 20.80 -27.07
N SER D 430 -5.12 20.50 -27.50
CA SER D 430 -5.83 19.33 -27.00
C SER D 430 -4.96 18.08 -27.11
N VAL D 431 -4.83 17.37 -25.99
CA VAL D 431 -3.98 16.18 -25.92
C VAL D 431 -4.70 15.10 -25.13
N ALA D 432 -5.03 14.00 -25.81
CA ALA D 432 -5.72 12.88 -25.18
C ALA D 432 -4.74 11.77 -24.87
N LEU D 433 -4.82 11.23 -23.65
CA LEU D 433 -3.90 10.20 -23.18
C LEU D 433 -4.51 8.80 -23.27
N ASP D 434 -5.54 8.63 -24.10
CA ASP D 434 -6.10 7.31 -24.36
C ASP D 434 -5.58 6.82 -25.70
N PRO D 435 -4.78 5.76 -25.74
CA PRO D 435 -4.33 5.22 -27.02
C PRO D 435 -5.48 4.89 -27.95
N ILE D 436 -6.59 4.44 -27.34
CA ILE D 436 -7.81 4.20 -28.12
C ILE D 436 -8.31 5.50 -28.73
N ASP D 437 -8.37 6.57 -27.94
CA ASP D 437 -8.88 7.84 -28.44
C ASP D 437 -7.99 8.39 -29.55
N ILE D 438 -6.66 8.29 -29.37
CA ILE D 438 -5.74 8.70 -30.43
C ILE D 438 -5.98 7.88 -31.69
N SER D 439 -6.13 6.56 -31.54
CA SER D 439 -6.37 5.71 -32.69
C SER D 439 -7.72 6.01 -33.33
N ILE D 440 -8.74 6.24 -32.52
CA ILE D 440 -10.06 6.58 -33.05
C ILE D 440 -10.00 7.86 -33.86
N GLU D 441 -9.32 8.88 -33.33
CA GLU D 441 -9.35 10.20 -33.95
C GLU D 441 -8.67 10.18 -35.32
N LEU D 442 -7.50 9.54 -35.43
CA LEU D 442 -6.79 9.54 -36.69
C LEU D 442 -7.50 8.73 -37.77
N ASN D 443 -8.34 7.77 -37.38
CA ASN D 443 -9.15 7.07 -38.36
C ASN D 443 -10.03 8.04 -39.13
N LYS D 444 -10.64 9.00 -38.42
CA LYS D 444 -11.34 10.07 -39.09
C LYS D 444 -10.39 10.92 -39.93
N VAL D 445 -9.19 11.17 -39.40
CA VAL D 445 -8.20 11.93 -40.16
C VAL D 445 -7.84 11.20 -41.44
N LYS D 446 -7.66 9.89 -41.37
CA LYS D 446 -7.41 9.11 -42.57
C LYS D 446 -8.59 9.18 -43.53
N SER D 447 -9.81 9.13 -42.99
CA SER D 447 -11.00 9.20 -43.85
C SER D 447 -11.07 10.53 -44.57
N ASP D 448 -10.72 11.63 -43.90
CA ASP D 448 -10.78 12.94 -44.52
C ASP D 448 -9.81 13.04 -45.69
N LEU D 449 -8.58 12.53 -45.52
CA LEU D 449 -7.55 12.69 -46.54
C LEU D 449 -7.77 11.77 -47.74
N GLU D 450 -8.47 10.65 -47.56
CA GLU D 450 -8.69 9.74 -48.68
C GLU D 450 -9.54 10.37 -49.77
N GLU D 451 -10.51 11.19 -49.39
CA GLU D 451 -11.40 11.84 -50.35
C GLU D 451 -10.94 13.24 -50.73
N SER D 452 -9.80 13.69 -50.21
CA SER D 452 -9.37 15.07 -50.41
C SER D 452 -8.89 15.36 -51.84
N LYS D 453 -8.69 14.33 -52.66
CA LYS D 453 -8.19 14.53 -54.02
C LYS D 453 -9.06 13.85 -55.06
N GLU D 454 -10.33 13.61 -54.75
CA GLU D 454 -11.24 12.95 -55.68
C GLU D 454 -12.28 13.92 -56.22
N ILE E 2 16.16 -15.02 -38.66
CA ILE E 2 16.78 -13.92 -37.93
C ILE E 2 18.29 -13.91 -38.19
N ASP E 3 18.80 -12.75 -38.60
CA ASP E 3 20.21 -12.58 -38.91
C ASP E 3 20.83 -11.71 -37.83
N ILE E 4 21.56 -12.34 -36.90
CA ILE E 4 22.25 -11.59 -35.86
C ILE E 4 23.29 -10.68 -36.49
N THR E 5 24.07 -11.20 -37.42
CA THR E 5 25.02 -10.38 -38.16
C THR E 5 24.27 -9.40 -39.06
N LYS E 6 24.86 -8.21 -39.24
CA LYS E 6 24.30 -7.13 -40.06
C LYS E 6 23.10 -6.51 -39.33
N LEU E 7 22.70 -7.12 -38.22
CA LEU E 7 21.77 -6.51 -37.30
C LEU E 7 22.48 -5.65 -36.26
N GLN E 8 23.74 -5.97 -35.95
CA GLN E 8 24.53 -5.17 -35.03
C GLN E 8 24.95 -3.83 -35.60
N HIS E 9 24.82 -3.63 -36.91
CA HIS E 9 25.22 -2.37 -37.53
C HIS E 9 24.26 -1.22 -37.20
N VAL E 10 23.13 -1.51 -36.56
CA VAL E 10 22.18 -0.48 -36.19
C VAL E 10 21.99 -0.37 -34.68
N GLY E 11 22.21 -1.46 -33.93
CA GLY E 11 22.02 -1.47 -32.50
C GLY E 11 21.11 -2.58 -32.01
N VAL E 12 20.31 -3.17 -32.89
CA VAL E 12 19.52 -4.32 -32.50
C VAL E 12 20.50 -5.45 -32.29
N LEU E 13 20.80 -5.76 -31.03
CA LEU E 13 21.97 -6.54 -30.67
C LEU E 13 21.48 -7.84 -30.02
N VAL E 14 21.28 -8.86 -30.85
CA VAL E 14 20.61 -10.09 -30.42
C VAL E 14 21.56 -10.93 -29.58
N ASN E 15 21.03 -11.47 -28.47
CA ASN E 15 21.82 -12.25 -27.54
C ASN E 15 21.78 -13.73 -27.91
N SER E 16 22.25 -14.58 -26.99
CA SER E 16 22.40 -16.00 -27.28
C SER E 16 21.04 -16.70 -27.34
N PRO E 17 20.87 -17.64 -28.26
CA PRO E 17 19.63 -18.42 -28.30
C PRO E 17 19.48 -19.30 -27.06
N LYS E 18 18.23 -19.69 -26.80
CA LYS E 18 17.89 -20.56 -25.69
C LYS E 18 16.69 -21.40 -26.07
N GLY E 19 16.49 -22.50 -25.33
CA GLY E 19 15.44 -23.43 -25.64
C GLY E 19 14.09 -23.04 -25.07
N MET E 20 13.07 -23.79 -25.47
CA MET E 20 11.69 -23.50 -25.12
C MET E 20 11.01 -24.76 -24.59
N LYS E 21 10.23 -24.62 -23.53
CA LYS E 21 9.47 -25.73 -22.97
C LYS E 21 8.11 -25.24 -22.51
N ILE E 22 7.08 -26.01 -22.81
CA ILE E 22 5.70 -25.66 -22.49
C ILE E 22 5.02 -26.83 -21.80
N SER E 23 4.23 -26.53 -20.78
CA SER E 23 3.45 -27.55 -20.07
C SER E 23 2.08 -27.64 -20.74
N GLN E 24 1.98 -28.52 -21.74
CA GLN E 24 0.75 -28.64 -22.49
C GLN E 24 -0.33 -29.34 -21.68
N ASN E 25 -0.09 -30.58 -21.29
CA ASN E 25 -1.08 -31.41 -20.60
C ASN E 25 -0.73 -31.47 -19.12
N PHE E 26 -1.41 -30.65 -18.33
CA PHE E 26 -1.27 -30.74 -16.88
C PHE E 26 -1.86 -32.06 -16.39
N GLU E 27 -1.21 -32.66 -15.40
CA GLU E 27 -1.74 -33.82 -14.70
C GLU E 27 -1.95 -33.43 -13.24
N THR E 28 -3.12 -33.78 -12.71
CA THR E 28 -3.55 -33.24 -11.43
C THR E 28 -3.21 -34.17 -10.28
N ARG E 29 -2.90 -33.57 -9.13
CA ARG E 29 -2.71 -34.28 -7.88
C ARG E 29 -3.48 -33.53 -6.80
N TYR E 30 -3.74 -34.21 -5.69
CA TYR E 30 -4.58 -33.69 -4.63
C TYR E 30 -3.79 -33.56 -3.33
N LEU E 31 -3.92 -32.42 -2.69
CA LEU E 31 -3.30 -32.16 -1.39
C LEU E 31 -4.36 -32.05 -0.31
N ILE E 32 -3.98 -32.41 0.91
CA ILE E 32 -4.85 -32.33 2.07
C ILE E 32 -4.04 -31.68 3.18
N LEU E 33 -4.31 -30.41 3.46
CA LEU E 33 -3.57 -29.66 4.47
C LEU E 33 -4.38 -29.67 5.76
N SER E 34 -4.05 -30.62 6.64
CA SER E 34 -4.71 -30.72 7.94
C SER E 34 -4.03 -29.75 8.89
N LEU E 35 -4.59 -28.55 9.00
CA LEU E 35 -3.99 -27.48 9.80
C LEU E 35 -4.25 -27.73 11.29
N ILE E 36 -3.65 -28.81 11.78
CA ILE E 36 -3.74 -29.18 13.20
C ILE E 36 -2.69 -30.23 13.51
N PRO E 37 -1.92 -30.08 14.57
CA PRO E 37 -0.98 -31.14 14.97
C PRO E 37 -1.68 -32.25 15.72
N LYS E 38 -0.92 -33.22 16.20
CA LYS E 38 -1.48 -34.32 16.98
C LYS E 38 -0.53 -34.65 18.12
N ILE E 39 -1.08 -34.72 19.33
CA ILE E 39 -0.30 -35.09 20.51
C ILE E 39 -0.44 -36.58 20.74
N GLU E 40 0.70 -37.26 20.89
CA GLU E 40 0.72 -38.72 20.77
C GLU E 40 -0.04 -39.41 21.90
N ASP E 41 0.25 -39.05 23.15
CA ASP E 41 -0.15 -39.87 24.29
C ASP E 41 -1.19 -39.21 25.19
N SER E 42 -0.92 -38.02 25.71
CA SER E 42 -1.75 -37.43 26.75
C SER E 42 -2.11 -35.99 26.39
N ASN E 43 -3.29 -35.58 26.85
CA ASN E 43 -3.75 -34.21 26.61
C ASN E 43 -2.81 -33.22 27.29
N SER E 44 -2.15 -32.40 26.48
CA SER E 44 -1.21 -31.41 26.99
C SER E 44 -1.95 -30.15 27.42
N CYS E 45 -1.19 -29.21 27.99
CA CYS E 45 -1.73 -27.92 28.39
C CYS E 45 -1.52 -26.85 27.33
N GLY E 46 -0.99 -27.21 26.16
CA GLY E 46 -0.84 -26.26 25.08
C GLY E 46 -1.89 -26.45 24.01
N ASP E 47 -2.49 -27.64 23.97
CA ASP E 47 -3.52 -27.91 22.97
C ASP E 47 -4.82 -27.17 23.25
N GLN E 48 -4.97 -26.57 24.43
CA GLN E 48 -6.15 -25.77 24.71
C GLN E 48 -6.22 -24.55 23.79
N GLN E 49 -5.08 -23.95 23.47
CA GLN E 49 -5.03 -22.74 22.67
C GLN E 49 -4.68 -22.97 21.21
N ILE E 50 -4.27 -24.19 20.83
CA ILE E 50 -3.93 -24.44 19.43
C ILE E 50 -5.14 -24.21 18.55
N LYS E 51 -6.32 -24.59 19.03
CA LYS E 51 -7.55 -24.39 18.28
C LYS E 51 -7.97 -22.92 18.29
N GLN E 52 -7.84 -22.26 19.44
CA GLN E 52 -8.40 -20.91 19.60
C GLN E 52 -7.74 -19.92 18.65
N TYR E 53 -6.42 -19.96 18.51
CA TYR E 53 -5.77 -19.08 17.55
C TYR E 53 -6.07 -19.47 16.11
N LYS E 54 -6.56 -20.68 15.86
CA LYS E 54 -6.98 -21.08 14.53
C LYS E 54 -8.42 -20.69 14.21
N ARG E 55 -9.15 -20.10 15.17
CA ARG E 55 -10.51 -19.66 14.91
C ARG E 55 -10.54 -18.65 13.77
N LEU E 56 -9.63 -17.68 13.78
CA LEU E 56 -9.71 -16.57 12.84
C LEU E 56 -9.59 -17.05 11.39
N LEU E 57 -8.60 -17.91 11.11
CA LEU E 57 -8.30 -18.27 9.73
C LEU E 57 -9.42 -19.11 9.11
N ASP E 58 -9.99 -20.03 9.87
CA ASP E 58 -10.93 -21.00 9.30
C ASP E 58 -12.21 -20.32 8.84
N ARG E 59 -12.79 -19.46 9.67
CA ARG E 59 -14.08 -18.85 9.34
C ARG E 59 -13.95 -17.62 8.44
N LEU E 60 -12.74 -17.21 8.07
CA LEU E 60 -12.57 -16.29 6.96
C LEU E 60 -12.34 -17.03 5.64
N ILE E 61 -12.42 -18.35 5.66
CA ILE E 61 -12.21 -19.17 4.47
C ILE E 61 -13.53 -19.77 3.97
N ILE E 62 -14.23 -20.51 4.84
CA ILE E 62 -15.43 -21.23 4.41
C ILE E 62 -16.51 -20.31 3.84
N PRO E 63 -16.81 -19.13 4.39
CA PRO E 63 -17.83 -18.29 3.73
C PRO E 63 -17.28 -17.63 2.48
N LEU E 64 -16.00 -17.27 2.48
CA LEU E 64 -15.39 -16.73 1.28
C LEU E 64 -15.31 -17.79 0.18
N TYR E 65 -15.08 -19.05 0.55
CA TYR E 65 -15.11 -20.12 -0.45
C TYR E 65 -16.54 -20.41 -0.91
N ASP E 66 -17.48 -20.52 0.02
CA ASP E 66 -18.84 -20.87 -0.36
C ASP E 66 -19.42 -19.80 -1.29
N GLY E 67 -19.18 -18.53 -0.97
CA GLY E 67 -19.56 -17.47 -1.87
C GLY E 67 -18.72 -17.44 -3.13
N LEU E 68 -17.47 -17.92 -3.05
CA LEU E 68 -16.60 -17.90 -4.21
C LEU E 68 -17.15 -18.77 -5.34
N LYS E 69 -17.50 -20.01 -5.03
CA LYS E 69 -17.88 -20.97 -6.05
C LYS E 69 -19.32 -20.69 -6.50
N LEU E 70 -19.49 -19.52 -7.10
CA LEU E 70 -20.68 -19.31 -7.91
C LEU E 70 -20.60 -20.25 -9.10
N GLN E 71 -21.63 -21.08 -9.27
CA GLN E 71 -21.50 -22.21 -10.18
C GLN E 71 -21.48 -21.73 -11.62
N LYS E 72 -20.40 -22.09 -12.31
CA LYS E 72 -20.17 -21.66 -13.68
C LYS E 72 -20.39 -22.79 -14.67
N ASP E 73 -20.62 -24.00 -14.17
CA ASP E 73 -20.82 -25.18 -15.00
C ASP E 73 -21.98 -25.98 -14.42
N VAL E 74 -23.07 -25.30 -14.08
CA VAL E 74 -24.25 -25.90 -13.46
C VAL E 74 -24.63 -27.16 -14.23
N ILE E 75 -24.72 -27.01 -15.56
CA ILE E 75 -24.97 -28.15 -16.42
C ILE E 75 -23.76 -29.07 -16.39
N VAL E 76 -24.02 -30.36 -16.18
CA VAL E 76 -22.95 -31.28 -15.81
C VAL E 76 -22.07 -31.60 -17.02
N THR E 77 -20.84 -32.00 -16.74
CA THR E 77 -19.95 -32.49 -17.78
C THR E 77 -20.31 -33.91 -18.15
N ASN E 78 -19.98 -34.29 -19.39
CA ASN E 78 -20.29 -35.61 -19.93
C ASN E 78 -21.78 -35.90 -19.83
N ALA E 101 -29.33 -20.17 -16.09
CA ALA E 101 -28.96 -19.42 -14.90
C ALA E 101 -27.46 -19.45 -14.68
N LEU E 102 -26.72 -18.89 -15.63
CA LEU E 102 -25.26 -18.85 -15.56
C LEU E 102 -24.69 -17.44 -15.61
N GLY E 103 -25.30 -16.54 -16.39
CA GLY E 103 -24.77 -15.21 -16.56
C GLY E 103 -23.72 -15.19 -17.65
N VAL E 104 -22.45 -15.20 -17.26
CA VAL E 104 -21.37 -15.44 -18.21
C VAL E 104 -20.16 -15.97 -17.46
N ALA E 105 -19.47 -16.93 -18.07
CA ALA E 105 -18.19 -17.43 -17.57
C ALA E 105 -17.24 -17.57 -18.75
N THR E 106 -16.12 -16.87 -18.70
CA THR E 106 -15.19 -16.87 -19.81
C THR E 106 -14.46 -18.21 -19.90
N SER E 107 -13.75 -18.41 -21.01
CA SER E 107 -13.02 -19.65 -21.23
C SER E 107 -12.07 -19.94 -20.09
N ALA E 108 -11.38 -18.92 -19.60
CA ALA E 108 -10.47 -19.11 -18.49
C ALA E 108 -11.21 -19.59 -17.24
N GLN E 109 -12.40 -19.04 -16.99
CA GLN E 109 -13.16 -19.43 -15.81
C GLN E 109 -13.59 -20.90 -15.89
N ILE E 110 -14.21 -21.30 -16.99
CA ILE E 110 -14.72 -22.66 -17.10
C ILE E 110 -13.58 -23.66 -17.16
N THR E 111 -12.47 -23.30 -17.81
CA THR E 111 -11.31 -24.18 -17.83
C THR E 111 -10.79 -24.45 -16.42
N ALA E 112 -10.88 -23.47 -15.53
CA ALA E 112 -10.55 -23.65 -14.13
C ALA E 112 -11.75 -24.10 -13.30
N ALA E 113 -12.93 -24.19 -13.90
CA ALA E 113 -14.11 -24.68 -13.20
C ALA E 113 -14.31 -26.17 -13.40
N VAL E 114 -13.98 -26.68 -14.59
CA VAL E 114 -14.06 -28.13 -14.83
C VAL E 114 -13.07 -28.86 -13.94
N ALA E 115 -11.91 -28.25 -13.69
CA ALA E 115 -10.96 -28.83 -12.75
C ALA E 115 -11.58 -28.96 -11.36
N LEU E 116 -12.51 -28.07 -11.01
CA LEU E 116 -13.23 -28.21 -9.75
C LEU E 116 -14.16 -29.41 -9.76
N VAL E 117 -14.64 -29.81 -10.94
CA VAL E 117 -15.54 -30.95 -11.04
C VAL E 117 -14.84 -32.24 -10.64
N GLU E 118 -13.54 -32.34 -10.94
CA GLU E 118 -12.81 -33.58 -10.71
C GLU E 118 -12.81 -33.99 -9.24
N ALA E 119 -13.02 -33.05 -8.32
CA ALA E 119 -13.11 -33.40 -6.90
C ALA E 119 -14.32 -34.27 -6.60
N LYS E 120 -15.34 -34.26 -7.47
CA LYS E 120 -16.53 -35.06 -7.22
C LYS E 120 -16.20 -36.55 -7.20
N GLN E 121 -15.40 -37.01 -8.15
CA GLN E 121 -15.10 -38.44 -8.23
C GLN E 121 -14.10 -38.86 -7.15
N ALA E 122 -13.20 -37.97 -6.76
CA ALA E 122 -12.15 -38.33 -5.81
C ALA E 122 -12.59 -38.18 -4.36
N LYS E 123 -13.79 -37.66 -4.11
CA LYS E 123 -14.22 -37.39 -2.74
C LYS E 123 -14.20 -38.64 -1.86
N SER E 124 -14.39 -39.82 -2.47
CA SER E 124 -14.33 -41.06 -1.70
C SER E 124 -12.99 -41.20 -0.99
N ASP E 125 -11.90 -41.30 -1.75
CA ASP E 125 -10.58 -41.37 -1.14
C ASP E 125 -10.24 -40.10 -0.39
N ILE E 126 -10.74 -38.95 -0.86
CA ILE E 126 -10.60 -37.71 -0.09
C ILE E 126 -11.17 -37.90 1.32
N GLU E 127 -12.38 -38.46 1.40
CA GLU E 127 -12.96 -38.76 2.70
C GLU E 127 -12.34 -39.98 3.34
N LYS E 128 -12.01 -40.99 2.55
CA LYS E 128 -11.43 -42.21 3.10
C LYS E 128 -10.10 -41.92 3.78
N LEU E 129 -9.22 -41.16 3.12
CA LEU E 129 -7.96 -40.79 3.72
C LEU E 129 -8.16 -39.84 4.89
N LYS E 130 -8.97 -38.80 4.69
CA LYS E 130 -9.22 -37.83 5.75
C LYS E 130 -9.77 -38.49 7.00
N GLU E 131 -10.51 -39.59 6.83
CA GLU E 131 -10.92 -40.38 7.98
C GLU E 131 -9.71 -41.03 8.65
N ALA E 132 -8.75 -41.52 7.86
CA ALA E 132 -7.55 -42.12 8.42
C ALA E 132 -6.60 -41.08 9.00
N ILE E 133 -6.53 -39.89 8.38
CA ILE E 133 -5.67 -38.83 8.91
C ILE E 133 -6.22 -38.22 10.19
N ARG E 134 -7.45 -38.57 10.57
CA ARG E 134 -8.03 -38.04 11.80
C ARG E 134 -7.14 -38.32 13.01
N ASP E 135 -6.44 -39.45 13.02
CA ASP E 135 -5.58 -39.81 14.14
C ASP E 135 -4.20 -40.29 13.71
N THR E 136 -3.88 -40.25 12.41
CA THR E 136 -2.59 -40.74 11.95
C THR E 136 -1.46 -39.88 12.49
N ASN E 137 -0.45 -40.53 13.06
CA ASN E 137 0.73 -39.85 13.58
C ASN E 137 1.86 -39.92 12.55
N LYS E 138 1.60 -39.31 11.39
CA LYS E 138 2.55 -39.29 10.30
C LYS E 138 2.54 -37.92 9.66
N ALA E 139 3.73 -37.36 9.41
CA ALA E 139 3.82 -36.04 8.80
C ALA E 139 3.23 -36.05 7.40
N VAL E 140 3.57 -37.06 6.60
CA VAL E 140 3.07 -37.20 5.24
C VAL E 140 2.59 -38.63 5.05
N GLN E 141 1.37 -38.78 4.54
CA GLN E 141 0.82 -40.07 4.20
C GLN E 141 0.27 -40.03 2.79
N SER E 142 0.53 -41.08 2.01
CA SER E 142 0.07 -41.16 0.63
C SER E 142 -0.56 -42.52 0.39
N VAL E 143 -1.79 -42.51 -0.14
CA VAL E 143 -2.47 -43.70 -0.62
C VAL E 143 -3.07 -43.37 -1.98
N CYS E 144 -2.87 -44.24 -2.96
CA CYS E 144 -3.24 -43.93 -4.33
C CYS E 144 -4.03 -45.09 -4.91
N SER E 145 -5.30 -44.84 -5.24
CA SER E 145 -6.03 -45.75 -6.11
C SER E 145 -5.37 -45.81 -7.48
N SER E 146 -4.99 -44.65 -8.00
CA SER E 146 -4.12 -44.53 -9.16
C SER E 146 -2.98 -43.59 -8.82
N VAL E 147 -1.80 -43.87 -9.37
CA VAL E 147 -0.64 -43.02 -9.08
C VAL E 147 -0.91 -41.59 -9.54
N GLY E 148 -1.53 -41.43 -10.71
CA GLY E 148 -2.08 -40.14 -11.07
C GLY E 148 -3.40 -39.90 -10.38
N ASN E 149 -3.70 -38.61 -10.15
CA ASN E 149 -4.91 -38.21 -9.43
C ASN E 149 -4.97 -38.88 -8.05
N CYS E 150 -3.82 -38.96 -7.38
CA CYS E 150 -3.71 -39.58 -6.08
C CYS E 150 -4.00 -38.54 -5.00
N ILE E 151 -3.74 -38.90 -3.74
CA ILE E 151 -3.96 -38.01 -2.61
C ILE E 151 -2.75 -38.09 -1.69
N VAL E 152 -2.34 -36.94 -1.15
CA VAL E 152 -1.24 -36.85 -0.21
C VAL E 152 -1.65 -35.88 0.91
N ALA E 153 -1.39 -36.28 2.15
CA ALA E 153 -1.81 -35.52 3.32
C ALA E 153 -0.59 -35.04 4.10
N ILE E 154 -0.73 -33.86 4.71
CA ILE E 154 0.33 -33.25 5.50
C ILE E 154 -0.25 -32.85 6.85
N LYS E 155 0.45 -33.20 7.93
CA LYS E 155 -0.02 -32.95 9.29
C LYS E 155 0.73 -31.79 9.94
N SER E 156 1.10 -30.79 9.14
CA SER E 156 1.67 -29.52 9.62
C SER E 156 2.90 -29.83 10.48
N VAL E 157 2.99 -29.32 11.71
CA VAL E 157 4.20 -29.38 12.51
C VAL E 157 4.29 -30.68 13.31
N GLN E 158 3.42 -31.64 12.99
CA GLN E 158 3.41 -32.90 13.73
C GLN E 158 4.79 -33.56 13.71
N ASP E 159 5.55 -33.36 12.64
CA ASP E 159 6.92 -33.87 12.61
C ASP E 159 7.76 -33.27 13.73
N TYR E 160 7.65 -31.95 13.95
CA TYR E 160 8.35 -31.33 15.05
C TYR E 160 7.72 -31.72 16.39
N VAL E 161 6.41 -32.00 16.39
CA VAL E 161 5.78 -32.53 17.60
C VAL E 161 6.41 -33.86 17.98
N ASN E 162 6.75 -34.68 17.00
CA ASN E 162 7.51 -35.90 17.27
C ASN E 162 8.87 -35.60 17.86
N LYS E 163 9.39 -34.38 17.65
CA LYS E 163 10.64 -33.98 18.27
C LYS E 163 10.44 -33.32 19.62
N GLU E 164 9.29 -32.67 19.85
CA GLU E 164 9.03 -32.07 21.15
C GLU E 164 8.72 -33.13 22.20
N ILE E 165 8.05 -34.21 21.82
CA ILE E 165 7.64 -35.22 22.78
C ILE E 165 8.86 -35.93 23.36
N VAL E 166 9.93 -36.08 22.58
CA VAL E 166 11.08 -36.87 23.04
C VAL E 166 11.69 -36.32 24.32
N PRO E 167 12.03 -35.03 24.43
CA PRO E 167 12.52 -34.53 25.73
C PRO E 167 11.38 -34.28 26.71
N SER E 168 10.25 -33.77 26.21
CA SER E 168 9.14 -33.39 27.08
C SER E 168 8.51 -34.58 27.79
N ILE E 169 8.79 -35.81 27.35
CA ILE E 169 8.30 -36.98 28.06
C ILE E 169 8.88 -37.10 29.46
N ALA E 170 9.89 -36.29 29.79
CA ALA E 170 10.53 -36.34 31.08
C ALA E 170 10.51 -35.02 31.85
N ARG E 171 10.47 -33.87 31.17
CA ARG E 171 10.58 -32.59 31.87
C ARG E 171 9.61 -31.54 31.32
N LEU E 172 8.49 -31.97 30.73
CA LEU E 172 7.57 -31.02 30.12
C LEU E 172 7.09 -29.97 31.12
N GLY E 173 6.60 -30.41 32.28
CA GLY E 173 6.10 -29.52 33.31
C GLY E 173 5.09 -28.49 32.86
N CYS E 174 4.48 -28.72 31.69
CA CYS E 174 3.49 -27.84 31.08
C CYS E 174 4.15 -26.56 30.57
N GLU E 175 5.44 -26.40 30.85
CA GLU E 175 6.22 -25.25 30.39
C GLU E 175 7.19 -25.61 29.28
N ALA E 176 7.97 -26.67 29.48
CA ALA E 176 8.89 -27.14 28.45
C ALA E 176 8.18 -27.81 27.27
N ALA E 177 6.88 -28.07 27.39
CA ALA E 177 6.08 -28.58 26.29
C ALA E 177 4.93 -27.63 25.92
N GLY E 178 4.13 -27.22 26.89
CA GLY E 178 2.97 -26.40 26.58
C GLY E 178 3.36 -25.07 25.95
N LEU E 179 4.27 -24.34 26.59
CA LEU E 179 4.78 -23.12 25.99
C LEU E 179 5.63 -23.42 24.76
N GLN E 180 6.42 -24.50 24.81
CA GLN E 180 7.25 -24.87 23.67
C GLN E 180 6.38 -25.17 22.46
N LEU E 181 5.31 -25.94 22.64
CA LEU E 181 4.37 -26.16 21.55
C LEU E 181 3.55 -24.91 21.26
N GLY E 182 3.24 -24.13 22.30
CA GLY E 182 2.48 -22.91 22.08
C GLY E 182 3.22 -21.91 21.21
N ILE E 183 4.49 -21.67 21.51
CA ILE E 183 5.28 -20.77 20.68
C ILE E 183 5.51 -21.37 19.31
N ALA E 184 5.64 -22.70 19.22
CA ALA E 184 5.87 -23.35 17.94
C ALA E 184 4.71 -23.09 16.99
N LEU E 185 3.48 -23.33 17.45
CA LEU E 185 2.33 -23.08 16.60
C LEU E 185 2.06 -21.59 16.42
N THR E 186 2.32 -20.78 17.45
CA THR E 186 2.11 -19.34 17.34
C THR E 186 2.98 -18.76 16.23
N GLN E 187 4.26 -19.14 16.19
CA GLN E 187 5.10 -18.78 15.06
C GLN E 187 4.58 -19.44 13.79
N HIS E 188 4.16 -20.70 13.87
CA HIS E 188 3.56 -21.37 12.73
C HIS E 188 2.32 -20.63 12.26
N TYR E 189 1.39 -20.36 13.19
CA TYR E 189 0.16 -19.65 12.83
C TYR E 189 0.45 -18.30 12.20
N SER E 190 1.53 -17.64 12.64
CA SER E 190 1.90 -16.37 12.02
C SER E 190 2.22 -16.56 10.55
N GLU E 191 2.99 -17.59 10.22
CA GLU E 191 3.34 -17.84 8.82
C GLU E 191 2.14 -18.37 8.04
N LEU E 192 1.32 -19.22 8.68
CA LEU E 192 0.14 -19.75 8.02
C LEU E 192 -0.79 -18.63 7.56
N THR E 193 -0.95 -17.60 8.39
CA THR E 193 -1.78 -16.47 7.99
C THR E 193 -1.21 -15.72 6.79
N ASN E 194 0.11 -15.78 6.60
CA ASN E 194 0.73 -15.00 5.53
C ASN E 194 0.38 -15.54 4.15
N CYS E 195 0.51 -16.83 3.93
CA CYS E 195 0.32 -17.42 2.61
C CYS E 195 -1.07 -18.02 2.40
N PHE E 196 -1.95 -17.89 3.39
CA PHE E 196 -3.35 -18.26 3.26
C PHE E 196 -4.26 -17.06 3.47
N GLY E 197 -3.89 -15.92 2.88
CA GLY E 197 -4.68 -14.71 2.98
C GLY E 197 -5.31 -14.31 1.65
N GLY E 207 -6.17 -18.68 -4.64
CA GLY E 207 -5.02 -18.37 -5.48
C GLY E 207 -3.72 -18.28 -4.71
N ILE E 208 -3.06 -19.44 -4.56
CA ILE E 208 -1.80 -19.53 -3.83
C ILE E 208 -0.75 -20.11 -4.77
N LYS E 209 0.50 -19.73 -4.55
CA LYS E 209 1.63 -20.27 -5.30
C LYS E 209 2.23 -21.43 -4.53
N LEU E 210 2.75 -22.41 -5.28
CA LEU E 210 3.22 -23.65 -4.67
C LEU E 210 4.38 -23.44 -3.70
N GLN E 211 5.11 -22.33 -3.83
CA GLN E 211 6.24 -22.07 -2.94
C GLN E 211 5.79 -22.00 -1.49
N CYS E 212 4.78 -21.16 -1.21
CA CYS E 212 4.23 -21.10 0.14
C CYS E 212 3.71 -22.46 0.58
N ILE E 213 3.08 -23.20 -0.34
CA ILE E 213 2.53 -24.51 0.01
C ILE E 213 3.66 -25.45 0.43
N ALA E 214 4.81 -25.34 -0.23
CA ALA E 214 5.96 -26.17 0.09
C ALA E 214 6.80 -25.59 1.23
N SER E 215 7.09 -24.29 1.17
CA SER E 215 8.00 -23.68 2.13
C SER E 215 7.43 -23.72 3.54
N LEU E 216 6.12 -23.50 3.68
CA LEU E 216 5.51 -23.42 5.00
C LEU E 216 5.69 -24.70 5.80
N TYR E 217 5.90 -25.83 5.15
CA TYR E 217 6.10 -27.11 5.82
C TYR E 217 7.56 -27.55 5.79
N ARG E 218 8.46 -26.69 5.33
CA ARG E 218 9.90 -26.96 5.30
C ARG E 218 10.23 -28.22 4.50
N THR E 219 9.49 -28.46 3.41
CA THR E 219 9.74 -29.57 2.52
C THR E 219 9.72 -29.07 1.09
N ASN E 220 10.51 -29.71 0.23
CA ASN E 220 10.53 -29.34 -1.18
C ASN E 220 9.49 -30.15 -1.95
N ILE E 221 9.28 -29.75 -3.21
CA ILE E 221 8.23 -30.35 -4.02
C ILE E 221 8.54 -31.82 -4.31
N THR E 222 9.82 -32.17 -4.47
CA THR E 222 10.17 -33.52 -4.87
C THR E 222 9.71 -34.55 -3.85
N GLU E 223 9.62 -34.17 -2.57
CA GLU E 223 9.21 -35.12 -1.55
C GLU E 223 7.70 -35.28 -1.49
N ILE E 224 6.96 -34.17 -1.51
CA ILE E 224 5.51 -34.22 -1.35
C ILE E 224 4.79 -34.84 -2.52
N PHE E 225 5.47 -35.03 -3.65
CA PHE E 225 4.88 -35.58 -4.87
C PHE E 225 5.72 -36.73 -5.38
N THR E 226 6.05 -37.67 -4.50
CA THR E 226 6.96 -38.75 -4.87
C THR E 226 6.29 -39.69 -5.85
N THR E 227 6.44 -39.42 -7.14
CA THR E 227 5.90 -40.23 -8.23
C THR E 227 6.91 -40.19 -9.37
N SER E 228 6.52 -40.75 -10.51
CA SER E 228 7.35 -40.64 -11.72
C SER E 228 6.96 -39.43 -12.56
N THR E 229 6.82 -38.29 -11.91
CA THR E 229 6.55 -37.01 -12.56
C THR E 229 7.50 -35.92 -12.12
N VAL E 230 7.88 -35.89 -10.84
CA VAL E 230 8.79 -34.86 -10.34
C VAL E 230 10.24 -35.30 -10.37
N ASP E 231 10.50 -36.61 -10.33
CA ASP E 231 11.86 -37.15 -10.42
C ASP E 231 12.43 -37.07 -11.83
N LYS E 232 11.74 -36.39 -12.74
CA LYS E 232 12.19 -36.24 -14.12
C LYS E 232 12.57 -34.81 -14.48
N TYR E 233 12.05 -33.83 -13.76
CA TYR E 233 12.36 -32.43 -14.06
C TYR E 233 13.82 -32.14 -13.79
N ASP E 234 14.36 -31.18 -14.54
CA ASP E 234 15.72 -30.70 -14.30
C ASP E 234 15.77 -29.91 -12.99
N ILE E 235 16.99 -29.67 -12.51
CA ILE E 235 17.17 -28.87 -11.31
C ILE E 235 16.66 -27.45 -11.53
N TYR E 236 16.90 -26.91 -12.71
CA TYR E 236 16.34 -25.61 -13.10
C TYR E 236 14.92 -25.71 -13.62
N ASP E 237 14.27 -26.85 -13.44
CA ASP E 237 12.89 -27.05 -13.89
C ASP E 237 11.91 -27.10 -12.73
N LEU E 238 12.21 -27.85 -11.67
CA LEU E 238 11.31 -27.92 -10.54
C LEU E 238 11.13 -26.57 -9.86
N LEU E 239 12.05 -25.63 -10.06
CA LEU E 239 11.84 -24.27 -9.58
C LEU E 239 10.70 -23.59 -10.31
N PHE E 240 10.43 -23.98 -11.56
CA PHE E 240 9.30 -23.40 -12.28
C PHE E 240 7.98 -23.92 -11.72
N THR E 241 7.90 -25.23 -11.43
CA THR E 241 6.66 -25.80 -10.96
C THR E 241 6.24 -25.22 -9.62
N GLU E 242 7.21 -24.86 -8.78
CA GLU E 242 6.88 -24.23 -7.50
C GLU E 242 6.23 -22.87 -7.68
N SER E 243 6.35 -22.28 -8.87
CA SER E 243 5.71 -21.01 -9.18
C SER E 243 4.29 -21.16 -9.72
N ILE E 244 3.82 -22.39 -9.92
CA ILE E 244 2.49 -22.59 -10.47
C ILE E 244 1.44 -22.23 -9.42
N LYS E 245 0.24 -21.93 -9.90
CA LYS E 245 -0.86 -21.57 -9.02
C LYS E 245 -1.53 -22.82 -8.46
N VAL E 246 -2.12 -22.67 -7.28
CA VAL E 246 -2.79 -23.77 -6.59
C VAL E 246 -4.18 -23.32 -6.17
N ARG E 247 -5.18 -24.11 -6.50
CA ARG E 247 -6.57 -23.80 -6.15
C ARG E 247 -6.94 -24.42 -4.81
N VAL E 248 -8.09 -24.01 -4.30
CA VAL E 248 -8.70 -24.60 -3.12
C VAL E 248 -10.11 -25.05 -3.50
N ILE E 249 -10.48 -26.26 -3.10
CA ILE E 249 -11.74 -26.83 -3.54
C ILE E 249 -12.60 -27.36 -2.39
N ASP E 250 -12.04 -27.70 -1.24
CA ASP E 250 -12.84 -28.21 -0.13
C ASP E 250 -12.28 -27.67 1.18
N VAL E 251 -13.17 -27.17 2.02
CA VAL E 251 -12.82 -26.74 3.37
C VAL E 251 -13.88 -27.27 4.32
N ASP E 252 -13.44 -27.84 5.43
CA ASP E 252 -14.34 -28.31 6.47
C ASP E 252 -13.97 -27.67 7.80
N LEU E 253 -14.97 -27.46 8.65
CA LEU E 253 -14.79 -26.79 9.92
C LEU E 253 -14.71 -27.77 11.09
N ASN E 254 -14.62 -29.07 10.82
CA ASN E 254 -14.48 -30.07 11.86
C ASN E 254 -13.02 -30.45 12.10
N ASP E 255 -12.30 -30.85 11.04
CA ASP E 255 -10.88 -31.12 11.12
C ASP E 255 -10.04 -30.00 10.56
N TYR E 256 -10.66 -28.92 10.08
CA TYR E 256 -9.98 -27.74 9.54
C TYR E 256 -9.16 -28.07 8.30
N SER E 257 -9.44 -29.20 7.65
CA SER E 257 -8.68 -29.59 6.48
C SER E 257 -8.96 -28.65 5.31
N ILE E 258 -7.96 -28.50 4.45
CA ILE E 258 -8.10 -27.75 3.21
C ILE E 258 -7.62 -28.62 2.08
N THR E 259 -8.42 -28.73 1.02
CA THR E 259 -8.12 -29.59 -0.11
C THR E 259 -7.60 -28.75 -1.27
N LEU E 260 -6.45 -29.12 -1.80
CA LEU E 260 -5.75 -28.35 -2.82
C LEU E 260 -5.60 -29.23 -4.06
N GLN E 261 -6.12 -28.76 -5.18
CA GLN E 261 -5.97 -29.45 -6.46
C GLN E 261 -4.84 -28.79 -7.21
N VAL E 262 -3.66 -29.39 -7.16
CA VAL E 262 -2.48 -28.89 -7.86
C VAL E 262 -2.46 -29.50 -9.25
N ARG E 263 -2.03 -28.70 -10.22
CA ARG E 263 -1.93 -29.14 -11.61
C ARG E 263 -0.44 -29.29 -11.93
N LEU E 264 0.12 -30.46 -11.62
CA LEU E 264 1.51 -30.71 -11.92
C LEU E 264 1.72 -30.73 -13.43
N PRO E 265 2.86 -30.27 -13.91
CA PRO E 265 3.08 -30.16 -15.35
C PRO E 265 3.76 -31.40 -15.94
N LEU E 266 3.58 -31.54 -17.25
CA LEU E 266 4.31 -32.52 -18.06
C LEU E 266 4.90 -31.74 -19.22
N LEU E 267 6.16 -31.34 -19.07
CA LEU E 267 6.77 -30.36 -19.97
C LEU E 267 7.36 -31.03 -21.20
N THR E 268 7.07 -30.45 -22.35
CA THR E 268 7.59 -30.91 -23.63
C THR E 268 8.56 -29.88 -24.19
N ARG E 269 9.64 -30.37 -24.80
CA ARG E 269 10.65 -29.51 -25.39
C ARG E 269 10.14 -28.71 -26.59
N LEU E 270 8.96 -29.04 -27.11
CA LEU E 270 8.44 -28.47 -28.33
C LEU E 270 9.49 -28.70 -29.43
N LEU E 271 9.56 -27.83 -30.43
CA LEU E 271 10.53 -27.99 -31.51
C LEU E 271 10.58 -26.73 -32.36
N ASN E 272 11.77 -26.42 -32.88
CA ASN E 272 11.97 -25.27 -33.77
C ASN E 272 11.56 -23.96 -33.10
N THR E 273 11.67 -23.90 -31.78
CA THR E 273 11.30 -22.71 -31.02
C THR E 273 12.45 -22.36 -30.08
N GLN E 274 13.16 -21.28 -30.39
CA GLN E 274 14.26 -20.80 -29.56
C GLN E 274 14.05 -19.33 -29.21
N ILE E 275 14.44 -18.98 -27.99
CA ILE E 275 14.20 -17.64 -27.45
C ILE E 275 15.50 -16.84 -27.57
N TYR E 276 15.46 -15.74 -28.30
CA TYR E 276 16.58 -14.80 -28.36
C TYR E 276 16.27 -13.60 -27.47
N LYS E 277 17.12 -13.36 -26.49
CA LYS E 277 17.09 -12.07 -25.81
C LYS E 277 17.66 -11.00 -26.72
N VAL E 278 17.07 -9.81 -26.70
CA VAL E 278 17.44 -8.74 -27.61
C VAL E 278 17.68 -7.46 -26.81
N ASP E 279 18.76 -6.76 -27.13
CA ASP E 279 19.10 -5.48 -26.52
C ASP E 279 19.41 -4.46 -27.61
N SER E 280 19.28 -3.19 -27.25
CA SER E 280 19.52 -2.10 -28.17
C SER E 280 20.56 -1.13 -27.60
N ILE E 281 21.23 -0.42 -28.50
CA ILE E 281 22.22 0.58 -28.12
C ILE E 281 21.99 1.85 -28.93
N SER E 282 22.67 2.92 -28.53
CA SER E 282 22.38 4.26 -29.01
C SER E 282 22.91 4.45 -30.43
N TYR E 283 22.07 4.10 -31.40
CA TYR E 283 22.34 4.48 -32.78
C TYR E 283 22.28 6.00 -32.92
N ASN E 284 23.42 6.59 -33.28
CA ASN E 284 23.58 8.05 -33.26
C ASN E 284 23.36 8.61 -34.66
N ILE E 285 22.34 9.45 -34.81
CA ILE E 285 22.11 10.19 -36.05
C ILE E 285 22.38 11.67 -35.77
N GLN E 286 23.40 12.22 -36.44
CA GLN E 286 23.70 13.64 -36.43
C GLN E 286 23.76 14.21 -35.01
N ASN E 287 24.55 13.55 -34.17
CA ASN E 287 24.87 13.90 -32.79
C ASN E 287 23.69 13.66 -31.86
N ARG E 288 22.52 13.28 -32.35
CA ARG E 288 21.37 12.97 -31.51
C ARG E 288 21.30 11.47 -31.27
N GLU E 289 20.84 11.10 -30.07
CA GLU E 289 20.80 9.71 -29.67
C GLU E 289 19.47 9.08 -30.07
N TRP E 290 19.54 7.90 -30.67
CA TRP E 290 18.36 7.13 -31.03
C TRP E 290 18.63 5.67 -30.75
N TYR E 291 17.57 4.90 -30.54
CA TYR E 291 17.72 3.47 -30.35
C TYR E 291 16.46 2.78 -30.83
N ILE E 292 16.58 1.48 -31.09
CA ILE E 292 15.53 0.69 -31.70
C ILE E 292 14.74 0.00 -30.59
N PRO E 293 13.43 0.23 -30.48
CA PRO E 293 12.64 -0.26 -29.32
C PRO E 293 12.17 -1.70 -29.46
N LEU E 294 13.12 -2.62 -29.37
CA LEU E 294 12.81 -4.04 -29.46
C LEU E 294 12.25 -4.57 -28.14
N PRO E 295 11.39 -5.59 -28.19
CA PRO E 295 10.90 -6.21 -26.96
C PRO E 295 12.02 -6.90 -26.21
N SER E 296 11.70 -7.33 -24.99
CA SER E 296 12.70 -7.94 -24.13
C SER E 296 13.17 -9.29 -24.64
N HIS E 297 12.37 -9.97 -25.46
CA HIS E 297 12.74 -11.27 -25.99
C HIS E 297 12.12 -11.45 -27.37
N ILE E 298 12.71 -12.35 -28.14
CA ILE E 298 12.22 -12.72 -29.47
C ILE E 298 12.34 -14.23 -29.61
N MET E 299 11.28 -14.86 -30.12
CA MET E 299 11.32 -16.29 -30.42
C MET E 299 11.03 -16.52 -31.90
N THR E 300 11.65 -17.56 -32.45
CA THR E 300 11.40 -17.99 -33.81
C THR E 300 10.80 -19.39 -33.77
N LYS E 301 9.71 -19.59 -34.51
CA LYS E 301 9.01 -20.87 -34.53
C LYS E 301 8.57 -21.13 -35.97
N GLY E 302 9.42 -21.81 -36.73
CA GLY E 302 9.13 -22.01 -38.14
C GLY E 302 9.02 -20.67 -38.84
N ALA E 303 7.82 -20.36 -39.33
CA ALA E 303 7.57 -19.06 -39.93
C ALA E 303 7.21 -17.99 -38.89
N PHE E 304 6.93 -18.38 -37.65
CA PHE E 304 6.62 -17.42 -36.60
C PHE E 304 7.91 -16.72 -36.21
N LEU E 305 8.12 -15.53 -36.76
CA LEU E 305 9.46 -14.92 -36.74
C LEU E 305 9.81 -14.36 -35.36
N GLY E 306 8.87 -13.70 -34.69
CA GLY E 306 9.22 -13.01 -33.47
C GLY E 306 8.11 -12.72 -32.50
N GLY E 307 8.37 -11.78 -31.59
CA GLY E 307 7.49 -11.51 -30.48
C GLY E 307 7.67 -12.54 -29.39
N ALA E 308 7.70 -12.11 -28.13
CA ALA E 308 7.93 -13.05 -27.04
C ALA E 308 7.59 -12.36 -25.72
N ASP E 309 7.55 -13.17 -24.67
CA ASP E 309 7.32 -12.68 -23.32
C ASP E 309 7.89 -13.72 -22.36
N VAL E 310 8.47 -13.24 -21.26
CA VAL E 310 9.21 -14.13 -20.37
C VAL E 310 8.81 -13.89 -18.91
N LYS E 311 8.06 -12.81 -18.66
CA LYS E 311 7.76 -12.43 -17.29
C LYS E 311 7.07 -13.55 -16.54
N GLU E 312 6.23 -14.33 -17.22
CA GLU E 312 5.66 -15.52 -16.61
C GLU E 312 6.67 -16.66 -16.58
N CYS E 313 7.55 -16.73 -17.57
CA CYS E 313 8.39 -17.89 -17.79
C CYS E 313 9.58 -17.92 -16.84
N ILE E 314 10.15 -19.12 -16.71
CA ILE E 314 11.43 -19.32 -16.06
C ILE E 314 12.41 -19.82 -17.11
N GLU E 315 13.71 -19.66 -16.83
CA GLU E 315 14.74 -20.05 -17.78
C GLU E 315 15.72 -21.01 -17.11
N ALA E 316 16.04 -22.09 -17.82
CA ALA E 316 17.04 -23.04 -17.36
C ALA E 316 18.40 -22.64 -17.91
N PHE E 317 19.37 -23.54 -17.83
CA PHE E 317 20.71 -23.25 -18.36
C PHE E 317 20.66 -22.99 -19.85
N SER E 318 19.88 -23.78 -20.60
CA SER E 318 19.80 -23.60 -22.04
C SER E 318 18.37 -23.63 -22.57
N SER E 319 17.37 -23.34 -21.73
CA SER E 319 16.00 -23.42 -22.19
C SER E 319 15.09 -22.59 -21.29
N TYR E 320 14.13 -21.92 -21.91
CA TYR E 320 13.05 -21.26 -21.18
C TYR E 320 11.91 -22.24 -20.95
N ILE E 321 11.19 -22.03 -19.85
CA ILE E 321 10.03 -22.83 -19.52
C ILE E 321 8.85 -21.88 -19.33
N CYS E 322 7.78 -22.11 -20.08
CA CYS E 322 6.62 -21.24 -20.03
C CYS E 322 5.36 -22.07 -19.85
N PRO E 323 4.38 -21.58 -19.09
CA PRO E 323 3.10 -22.29 -18.98
C PRO E 323 2.31 -22.22 -20.27
N SER E 324 2.21 -21.03 -20.84
CA SER E 324 1.52 -20.81 -22.10
C SER E 324 2.51 -20.76 -23.26
N ASP E 325 2.04 -20.34 -24.42
CA ASP E 325 2.92 -20.03 -25.54
C ASP E 325 2.99 -18.51 -25.66
N PRO E 326 3.95 -17.87 -24.98
CA PRO E 326 3.90 -16.40 -24.84
C PRO E 326 4.04 -15.64 -26.14
N GLY E 327 4.51 -16.27 -27.22
CA GLY E 327 4.74 -15.56 -28.46
C GLY E 327 3.52 -14.82 -28.98
N PHE E 328 3.71 -13.54 -29.30
CA PHE E 328 2.66 -12.71 -29.86
C PHE E 328 3.22 -11.97 -31.07
N VAL E 329 2.35 -11.74 -32.06
CA VAL E 329 2.79 -11.15 -33.31
C VAL E 329 3.31 -9.73 -33.07
N LEU E 330 4.35 -9.37 -33.80
CA LEU E 330 4.87 -8.02 -33.82
C LEU E 330 4.30 -7.27 -35.02
N ASN E 331 4.54 -5.97 -35.06
CA ASN E 331 4.16 -5.18 -36.22
C ASN E 331 4.97 -5.62 -37.43
N HIS E 332 4.37 -5.46 -38.62
CA HIS E 332 5.05 -5.89 -39.84
C HIS E 332 6.36 -5.12 -40.03
N GLU E 333 6.33 -3.81 -39.82
CA GLU E 333 7.58 -3.04 -39.83
C GLU E 333 8.49 -3.48 -38.70
N MET E 334 7.92 -3.76 -37.52
CA MET E 334 8.70 -4.23 -36.40
C MET E 334 9.29 -5.61 -36.67
N GLU E 335 8.53 -6.48 -37.33
CA GLU E 335 8.99 -7.83 -37.63
C GLU E 335 9.98 -7.84 -38.80
N SER E 336 9.77 -6.97 -39.79
CA SER E 336 10.68 -6.93 -40.93
C SER E 336 12.08 -6.52 -40.53
N CYS E 337 12.22 -5.74 -39.45
CA CYS E 337 13.54 -5.34 -38.99
C CYS E 337 14.37 -6.55 -38.57
N LEU E 338 13.75 -7.50 -37.88
CA LEU E 338 14.43 -8.72 -37.47
C LEU E 338 14.57 -9.72 -38.60
N SER E 339 13.91 -9.51 -39.73
CA SER E 339 13.95 -10.45 -40.85
C SER E 339 15.13 -10.24 -41.77
N GLY E 340 15.86 -9.12 -41.64
CA GLY E 340 17.05 -8.89 -42.42
C GLY E 340 17.09 -7.55 -43.15
N ASN E 341 15.98 -7.14 -43.76
CA ASN E 341 15.87 -5.78 -44.27
C ASN E 341 15.84 -4.79 -43.11
N ILE E 342 16.91 -4.00 -43.00
CA ILE E 342 17.18 -3.18 -41.84
C ILE E 342 16.65 -1.76 -41.97
N SER E 343 16.39 -1.30 -43.20
CA SER E 343 15.98 0.09 -43.42
C SER E 343 14.54 0.36 -43.00
N GLN E 344 13.89 -0.57 -42.31
CA GLN E 344 12.51 -0.36 -41.86
C GLN E 344 12.36 -0.60 -40.36
N CYS E 345 13.44 -0.48 -39.59
CA CYS E 345 13.33 -0.60 -38.16
C CYS E 345 12.71 0.65 -37.57
N PRO E 346 12.07 0.55 -36.41
CA PRO E 346 11.55 1.74 -35.74
C PRO E 346 12.66 2.45 -34.97
N ARG E 347 12.66 3.78 -35.04
CA ARG E 347 13.74 4.58 -34.46
C ARG E 347 13.14 5.46 -33.36
N THR E 348 13.66 5.31 -32.14
CA THR E 348 13.11 5.97 -30.96
C THR E 348 14.15 6.93 -30.38
N THR E 349 13.70 8.11 -29.98
CA THR E 349 14.58 9.06 -29.32
C THR E 349 14.89 8.59 -27.90
N VAL E 350 16.17 8.65 -27.53
CA VAL E 350 16.59 8.26 -26.19
C VAL E 350 16.26 9.39 -25.23
N THR E 351 15.63 9.04 -24.10
CA THR E 351 15.35 10.06 -23.09
C THR E 351 16.58 10.26 -22.20
N SER E 352 16.94 9.24 -21.43
CA SER E 352 18.15 9.29 -20.60
C SER E 352 18.37 7.94 -19.96
N ASP E 353 19.63 7.52 -19.88
CA ASP E 353 20.11 6.45 -19.00
C ASP E 353 19.38 5.12 -19.20
N ILE E 354 18.60 4.98 -20.26
CA ILE E 354 17.88 3.73 -20.53
C ILE E 354 18.48 2.97 -21.70
N VAL E 355 19.56 3.47 -22.29
CA VAL E 355 20.22 2.80 -23.41
C VAL E 355 21.69 2.66 -23.09
N PRO E 356 22.25 1.46 -23.18
CA PRO E 356 23.63 1.22 -22.68
C PRO E 356 24.69 2.08 -23.35
N ARG E 357 24.54 2.38 -24.64
CA ARG E 357 25.46 3.22 -25.42
C ARG E 357 26.77 2.52 -25.73
N TYR E 358 26.99 1.34 -25.16
CA TYR E 358 28.16 0.52 -25.47
C TYR E 358 27.98 -0.86 -24.87
N ALA E 359 28.35 -1.88 -25.63
CA ALA E 359 28.18 -3.26 -25.20
C ALA E 359 29.26 -4.11 -25.84
N PHE E 360 29.49 -5.29 -25.24
CA PHE E 360 30.53 -6.20 -25.70
C PHE E 360 29.87 -7.36 -26.44
N VAL E 361 29.90 -7.30 -27.77
CA VAL E 361 29.49 -8.43 -28.59
C VAL E 361 30.56 -9.50 -28.46
N ASN E 362 30.27 -10.71 -28.95
CA ASN E 362 31.18 -11.84 -28.80
C ASN E 362 32.58 -11.51 -29.30
N GLY E 363 33.54 -11.49 -28.38
CA GLY E 363 34.93 -11.22 -28.74
C GLY E 363 35.15 -9.88 -29.43
N GLY E 364 34.43 -8.84 -29.00
CA GLY E 364 34.57 -7.56 -29.63
C GLY E 364 33.93 -6.48 -28.80
N VAL E 365 33.93 -5.26 -29.36
CA VAL E 365 33.32 -4.11 -28.70
C VAL E 365 32.55 -3.32 -29.75
N VAL E 366 31.29 -3.03 -29.46
CA VAL E 366 30.45 -2.16 -30.28
C VAL E 366 29.93 -1.05 -29.39
N ALA E 367 30.07 0.20 -29.85
CA ALA E 367 29.75 1.33 -29.01
C ALA E 367 29.41 2.53 -29.87
N ASN E 368 28.75 3.51 -29.25
CA ASN E 368 28.50 4.81 -29.86
C ASN E 368 29.67 5.71 -29.52
N CYS E 369 30.70 5.67 -30.37
CA CYS E 369 31.98 6.29 -30.03
C CYS E 369 31.90 7.80 -29.98
N ILE E 370 30.87 8.41 -30.56
CA ILE E 370 30.69 9.85 -30.41
C ILE E 370 30.31 10.20 -28.97
N THR E 371 29.32 9.48 -28.42
CA THR E 371 28.86 9.79 -27.08
C THR E 371 29.85 9.33 -26.02
N THR E 372 30.40 8.13 -26.17
CA THR E 372 31.30 7.56 -25.18
C THR E 372 32.71 7.48 -25.75
N THR E 373 33.69 7.59 -24.85
CA THR E 373 35.09 7.68 -25.26
C THR E 373 35.62 6.31 -25.64
N CYS E 374 35.98 6.15 -26.92
CA CYS E 374 36.63 4.93 -27.40
C CYS E 374 38.10 5.25 -27.65
N THR E 375 38.98 4.61 -26.88
CA THR E 375 40.42 4.79 -27.05
C THR E 375 41.05 3.45 -27.42
N CYS E 376 42.01 3.49 -28.34
CA CYS E 376 42.62 2.29 -28.90
C CYS E 376 44.09 2.21 -28.52
N ASN E 377 44.49 1.09 -27.94
CA ASN E 377 45.89 0.79 -27.64
C ASN E 377 46.55 1.92 -26.87
N GLY E 378 45.86 2.41 -25.85
CA GLY E 378 46.35 3.55 -25.10
C GLY E 378 45.27 4.57 -24.79
N ILE E 379 45.26 5.09 -23.57
CA ILE E 379 44.26 6.04 -23.11
C ILE E 379 44.18 7.24 -24.03
N GLY E 380 45.33 7.80 -24.40
CA GLY E 380 45.37 9.00 -25.19
C GLY E 380 45.11 8.84 -26.67
N ASN E 381 44.94 7.60 -27.16
CA ASN E 381 44.71 7.35 -28.57
C ASN E 381 43.22 7.10 -28.80
N ARG E 382 42.47 8.19 -28.96
CA ARG E 382 41.02 8.12 -29.09
C ARG E 382 40.62 7.63 -30.47
N ILE E 383 39.56 6.83 -30.52
CA ILE E 383 38.95 6.41 -31.77
C ILE E 383 38.05 7.52 -32.29
N ASN E 384 38.23 7.88 -33.55
CA ASN E 384 37.35 8.83 -34.22
C ASN E 384 36.22 8.08 -34.89
N GLN E 385 35.01 8.61 -34.77
CA GLN E 385 33.82 7.99 -35.34
C GLN E 385 33.21 8.91 -36.38
N PRO E 386 32.92 8.42 -37.58
CA PRO E 386 32.23 9.24 -38.57
C PRO E 386 30.87 9.67 -38.05
N PRO E 387 30.57 10.96 -38.06
CA PRO E 387 29.29 11.43 -37.52
C PRO E 387 28.08 10.87 -38.23
N ASP E 388 28.18 10.63 -39.54
CA ASP E 388 27.04 10.12 -40.29
C ASP E 388 26.70 8.69 -39.87
N GLN E 389 27.71 7.87 -39.62
CA GLN E 389 27.48 6.48 -39.27
C GLN E 389 26.99 6.34 -37.84
N GLY E 390 26.40 5.18 -37.55
CA GLY E 390 25.96 4.86 -36.21
C GLY E 390 27.08 4.30 -35.37
N VAL E 391 26.83 3.20 -34.67
CA VAL E 391 27.83 2.62 -33.80
C VAL E 391 28.97 2.01 -34.62
N LYS E 392 30.17 2.03 -34.05
CA LYS E 392 31.37 1.52 -34.70
C LYS E 392 31.82 0.24 -34.03
N ILE E 393 32.19 -0.76 -34.85
CA ILE E 393 32.53 -2.09 -34.38
C ILE E 393 34.05 -2.23 -34.37
N ILE E 394 34.59 -2.67 -33.24
CA ILE E 394 36.03 -2.91 -33.08
C ILE E 394 36.20 -4.37 -32.73
N THR E 395 36.82 -5.14 -33.63
CA THR E 395 36.89 -6.59 -33.49
C THR E 395 38.04 -7.07 -34.38
N HIS E 396 38.28 -8.39 -34.36
CA HIS E 396 39.38 -9.06 -35.08
C HIS E 396 40.73 -8.54 -34.63
N LYS E 397 40.79 -8.03 -33.40
CA LYS E 397 42.01 -7.45 -32.85
C LYS E 397 42.48 -6.28 -33.69
N GLU E 398 41.53 -5.53 -34.25
CA GLU E 398 41.86 -4.21 -34.81
C GLU E 398 42.52 -3.34 -33.76
N CYS E 399 42.06 -3.45 -32.51
CA CYS E 399 42.70 -2.83 -31.36
C CYS E 399 42.92 -3.92 -30.31
N ASN E 400 44.17 -4.34 -30.15
CA ASN E 400 44.47 -5.37 -29.16
C ASN E 400 44.19 -4.89 -27.75
N THR E 401 44.13 -3.58 -27.54
CA THR E 401 43.69 -2.99 -26.29
C THR E 401 42.67 -1.90 -26.60
N ILE E 402 41.47 -2.01 -26.02
CA ILE E 402 40.40 -1.05 -26.25
C ILE E 402 39.92 -0.54 -24.90
N GLY E 403 39.82 0.78 -24.77
CA GLY E 403 39.40 1.37 -23.53
C GLY E 403 38.03 2.05 -23.60
N ILE E 404 37.02 1.42 -23.00
CA ILE E 404 35.74 2.08 -22.87
C ILE E 404 35.88 3.22 -21.86
N ASN E 405 35.50 4.43 -22.31
CA ASN E 405 35.54 5.69 -21.55
C ASN E 405 36.71 5.71 -20.56
N GLY E 406 37.90 5.40 -21.04
CA GLY E 406 39.07 5.35 -20.19
C GLY E 406 39.17 4.12 -19.31
N MET E 407 38.89 2.93 -19.84
CA MET E 407 39.02 1.68 -19.09
C MET E 407 39.44 0.60 -20.08
N LEU E 408 40.74 0.28 -20.10
CA LEU E 408 41.30 -0.54 -21.16
C LEU E 408 40.89 -1.99 -21.05
N PHE E 409 40.48 -2.58 -22.17
CA PHE E 409 40.21 -4.00 -22.29
C PHE E 409 40.98 -4.54 -23.49
N ASN E 410 41.14 -5.85 -23.54
CA ASN E 410 41.88 -6.50 -24.62
C ASN E 410 40.91 -7.34 -25.46
N THR E 411 40.80 -7.00 -26.74
CA THR E 411 39.91 -7.73 -27.64
C THR E 411 40.29 -9.20 -27.70
N ASN E 412 39.27 -10.06 -27.69
CA ASN E 412 39.48 -11.50 -27.72
C ASN E 412 39.88 -11.91 -29.14
N LYS E 413 40.04 -13.22 -29.36
CA LYS E 413 40.53 -13.73 -30.64
C LYS E 413 39.44 -14.35 -31.50
N GLU E 414 38.33 -14.81 -30.91
CA GLU E 414 37.26 -15.47 -31.65
C GLU E 414 36.21 -14.50 -32.18
N GLY E 415 36.38 -13.20 -31.95
CA GLY E 415 35.33 -12.26 -32.32
C GLY E 415 35.14 -12.18 -33.82
N THR E 416 33.94 -11.79 -34.21
CA THR E 416 33.56 -11.65 -35.62
C THR E 416 33.30 -10.19 -35.92
N LEU E 417 33.99 -9.65 -36.92
CA LEU E 417 33.81 -8.28 -37.34
C LEU E 417 33.16 -8.25 -38.71
N ALA E 418 32.37 -7.20 -38.94
CA ALA E 418 31.67 -7.05 -40.21
C ALA E 418 31.52 -5.54 -40.47
N PHE E 419 32.43 -4.99 -41.25
CA PHE E 419 32.33 -3.59 -41.65
C PHE E 419 31.60 -3.42 -42.97
N TYR E 420 31.25 -4.51 -43.65
CA TYR E 420 30.49 -4.37 -44.88
C TYR E 420 29.11 -3.80 -44.55
N THR E 421 28.45 -3.32 -45.60
CA THR E 421 27.33 -2.40 -45.48
C THR E 421 27.69 -1.20 -44.61
N PRO E 422 28.76 -0.46 -44.93
CA PRO E 422 28.94 0.86 -44.31
C PRO E 422 28.07 1.92 -44.94
N ASP E 423 27.34 1.54 -46.00
CA ASP E 423 26.28 2.36 -46.56
C ASP E 423 25.37 2.83 -45.43
N ASP E 424 25.10 4.14 -45.41
CA ASP E 424 24.30 4.70 -44.33
C ASP E 424 22.95 4.00 -44.28
N ILE E 425 22.60 3.52 -43.08
CA ILE E 425 21.42 2.67 -42.94
C ILE E 425 20.16 3.43 -43.31
N THR E 426 20.06 4.69 -42.87
CA THR E 426 18.93 5.58 -43.18
C THR E 426 17.61 4.96 -42.71
N LEU E 427 17.49 4.79 -41.40
CA LEU E 427 16.23 4.37 -40.81
C LEU E 427 15.23 5.51 -40.90
N ASN E 428 14.01 5.19 -41.31
CA ASN E 428 13.00 6.20 -41.56
C ASN E 428 11.76 6.05 -40.68
N ASN E 429 11.52 4.87 -40.12
CA ASN E 429 10.41 4.68 -39.19
C ASN E 429 10.81 5.26 -37.85
N SER E 430 10.41 6.50 -37.62
CA SER E 430 10.67 7.20 -36.36
C SER E 430 9.41 7.15 -35.52
N VAL E 431 9.53 6.56 -34.32
CA VAL E 431 8.37 6.36 -33.45
C VAL E 431 8.66 7.01 -32.11
N ALA E 432 7.60 7.37 -31.41
CA ALA E 432 7.67 7.95 -30.08
C ALA E 432 6.74 7.19 -29.15
N LEU E 433 7.28 6.73 -28.03
CA LEU E 433 6.54 5.92 -27.08
C LEU E 433 5.82 6.74 -26.01
N ASP E 434 5.51 8.00 -26.31
CA ASP E 434 4.83 8.88 -25.36
C ASP E 434 3.56 9.39 -26.00
N PRO E 435 2.38 9.03 -25.49
CA PRO E 435 1.13 9.40 -26.17
C PRO E 435 0.94 10.90 -26.33
N ILE E 436 1.55 11.71 -25.47
CA ILE E 436 1.48 13.16 -25.64
C ILE E 436 2.14 13.56 -26.95
N ASP E 437 3.31 12.96 -27.25
CA ASP E 437 4.01 13.28 -28.50
C ASP E 437 3.14 12.95 -29.71
N ILE E 438 2.52 11.78 -29.70
CA ILE E 438 1.65 11.39 -30.80
C ILE E 438 0.48 12.34 -30.93
N SER E 439 -0.14 12.69 -29.80
CA SER E 439 -1.30 13.56 -29.84
C SER E 439 -0.95 14.94 -30.39
N ILE E 440 0.19 15.48 -29.97
CA ILE E 440 0.62 16.78 -30.49
C ILE E 440 0.92 16.69 -31.98
N GLU E 441 1.54 15.59 -32.41
CA GLU E 441 1.93 15.44 -33.81
C GLU E 441 0.72 15.50 -34.73
N LEU E 442 -0.32 14.72 -34.43
CA LEU E 442 -1.49 14.68 -35.31
C LEU E 442 -2.28 15.98 -35.27
N ASN E 443 -2.17 16.76 -34.19
CA ASN E 443 -2.74 18.10 -34.21
C ASN E 443 -2.11 18.94 -35.31
N LYS E 444 -0.78 18.85 -35.44
CA LYS E 444 -0.12 19.47 -36.58
C LYS E 444 -0.57 18.81 -37.88
N VAL E 445 -0.72 17.49 -37.88
CA VAL E 445 -1.21 16.78 -39.05
C VAL E 445 -2.64 17.16 -39.38
N LYS E 446 -3.38 17.70 -38.41
CA LYS E 446 -4.74 18.19 -38.66
C LYS E 446 -4.72 19.67 -39.02
N SER E 447 -4.00 20.49 -38.25
CA SER E 447 -4.00 21.93 -38.48
C SER E 447 -3.43 22.27 -39.85
N ASP E 448 -2.52 21.46 -40.37
CA ASP E 448 -1.99 21.67 -41.72
C ASP E 448 -2.85 21.00 -42.78
N LEU E 449 -3.89 20.27 -42.39
CA LEU E 449 -4.77 19.59 -43.31
C LEU E 449 -6.08 20.33 -43.55
N GLU E 450 -6.57 21.05 -42.53
CA GLU E 450 -7.85 21.74 -42.66
C GLU E 450 -7.81 22.79 -43.76
N GLU E 451 -6.75 23.59 -43.80
CA GLU E 451 -6.64 24.60 -44.85
C GLU E 451 -6.26 23.99 -46.19
N SER E 452 -5.75 22.76 -46.20
CA SER E 452 -5.39 22.11 -47.45
C SER E 452 -6.60 21.89 -48.34
N LYS E 453 -7.79 21.78 -47.74
CA LYS E 453 -9.01 21.65 -48.54
C LYS E 453 -9.28 22.91 -49.35
N GLU E 454 -8.78 24.06 -48.91
CA GLU E 454 -9.01 25.31 -49.59
C GLU E 454 -7.75 25.76 -50.35
C1 NAG F . -15.68 -9.73 15.35
C2 NAG F . -16.69 -10.68 14.70
C3 NAG F . -17.69 -11.17 15.73
C4 NAG F . -16.97 -11.76 16.95
C5 NAG F . -15.97 -10.76 17.50
C6 NAG F . -15.15 -11.31 18.63
C7 NAG F . -17.08 -10.23 12.31
C8 NAG F . -17.90 -9.47 11.32
N2 NAG F . -17.39 -10.02 13.60
O3 NAG F . -18.52 -12.17 15.14
O4 NAG F . -17.91 -12.11 17.95
O5 NAG F . -15.06 -10.37 16.46
O6 NAG F . -15.80 -12.37 19.29
O7 NAG F . -16.18 -10.98 11.97
C1 NAG G . -26.68 4.31 -32.56
C2 NAG G . -26.53 5.60 -33.36
C3 NAG G . -25.81 6.63 -32.51
C4 NAG G . -26.64 6.84 -31.27
C5 NAG G . -26.78 5.51 -30.55
C6 NAG G . -27.54 5.66 -29.23
C7 NAG G . -25.24 6.17 -35.38
C8 NAG G . -23.81 5.90 -35.70
N2 NAG G . -25.84 5.29 -34.60
O3 NAG G . -25.70 7.88 -33.20
O4 NAG G . -26.01 7.80 -30.42
O5 NAG G . -27.45 4.56 -31.39
O6 NAG G . -26.80 6.52 -28.36
O7 NAG G . -25.83 7.15 -35.83
C1 NAG H . -18.53 0.49 -41.97
C2 NAG H . -19.36 1.72 -42.34
C3 NAG H . -20.48 1.34 -43.31
C4 NAG H . -19.90 0.61 -44.51
C5 NAG H . -19.07 -0.58 -44.05
C6 NAG H . -18.37 -1.30 -45.20
C7 NAG H . -19.93 3.67 -40.97
C8 NAG H . -20.55 4.16 -39.68
N2 NAG H . -19.92 2.35 -41.15
O3 NAG H . -21.16 2.51 -43.73
O4 NAG H . -20.95 0.15 -45.36
O5 NAG H . -18.04 -0.14 -43.15
O6 NAG H . -17.02 -1.60 -44.87
O7 NAG H . -19.46 4.46 -41.79
C1 NAG I . 22.31 4.71 14.53
C2 NAG I . 21.27 5.84 14.63
C3 NAG I . 21.48 6.67 15.89
C4 NAG I . 22.06 5.80 16.99
C5 NAG I . 23.49 5.42 16.63
C6 NAG I . 23.99 4.19 17.37
C7 NAG I . 20.88 7.91 13.29
C8 NAG I . 21.08 8.53 11.93
N2 NAG I . 21.33 6.66 13.43
O3 NAG I . 20.25 7.25 16.29
O4 NAG I . 22.07 6.51 18.24
O5 NAG I . 23.58 5.14 15.21
O6 NAG I . 25.35 4.32 17.75
O7 NAG I . 20.31 8.52 14.19
C1 NAG J . 5.56 32.29 -28.09
C2 NAG J . 4.61 31.45 -28.97
C3 NAG J . 4.34 32.14 -30.30
C4 NAG J . 3.91 33.59 -30.08
C5 NAG J . 4.92 34.32 -29.20
C6 NAG J . 4.51 35.73 -28.88
C7 NAG J . 6.24 29.82 -29.86
C8 NAG J . 6.59 28.37 -29.97
N2 NAG J . 5.12 30.10 -29.18
O3 NAG J . 3.32 31.44 -31.00
O4 NAG J . 3.83 34.26 -31.34
O5 NAG J . 5.05 33.63 -27.94
O6 NAG J . 4.28 35.92 -27.49
O7 NAG J . 6.93 30.70 -30.37
C1 NAG K . -5.56 29.17 -30.69
C2 NAG K . -4.79 29.98 -31.75
C3 NAG K . -5.48 31.33 -31.99
C4 NAG K . -6.96 31.13 -32.29
C5 NAG K . -7.61 30.29 -31.19
C6 NAG K . -9.05 29.96 -31.47
C7 NAG K . -2.36 29.80 -32.10
C8 NAG K . -1.01 30.05 -31.51
N2 NAG K . -3.41 30.17 -31.35
O3 NAG K . -4.84 32.01 -33.05
O4 NAG K . -7.64 32.38 -32.38
O5 NAG K . -6.91 29.04 -31.08
O6 NAG K . -9.27 28.55 -31.44
O7 NAG K . -2.50 29.28 -33.20
C1 NAG L . 14.36 -32.20 -0.68
C2 NAG L . 15.58 -32.38 -1.57
C3 NAG L . 16.26 -33.72 -1.29
C4 NAG L . 16.56 -33.85 0.20
C5 NAG L . 15.30 -33.60 1.02
C6 NAG L . 15.56 -33.58 2.52
C7 NAG L . 15.37 -31.15 -3.69
C8 NAG L . 14.96 -31.22 -5.12
N2 NAG L . 15.24 -32.27 -2.98
O3 NAG L . 17.46 -33.82 -2.04
O4 NAG L . 17.06 -35.16 0.49
O5 NAG L . 14.74 -32.32 0.69
O6 NAG L . 14.35 -33.60 3.25
O7 NAG L . 15.79 -30.11 -3.17
C1 NAG M . 12.81 -5.14 -47.36
C2 NAG M . 11.58 -4.55 -48.12
C3 NAG M . 11.23 -5.39 -49.36
C4 NAG M . 12.44 -5.66 -50.24
C5 NAG M . 13.44 -6.41 -49.40
C6 NAG M . 14.70 -6.75 -50.15
C7 NAG M . 9.25 -3.93 -47.58
C8 NAG M . 8.18 -4.00 -46.55
N2 NAG M . 10.43 -4.48 -47.23
O3 NAG M . 10.21 -4.75 -50.13
O4 NAG M . 12.07 -6.50 -51.33
O5 NAG M . 13.83 -5.56 -48.31
O6 NAG M . 15.62 -5.67 -50.10
O7 NAG M . 9.09 -3.41 -48.67
C1 NAG N . 14.49 7.05 -46.14
C2 NAG N . 14.25 6.56 -47.57
C3 NAG N . 15.35 7.06 -48.49
C4 NAG N . 15.51 8.57 -48.37
C5 NAG N . 15.69 8.96 -46.91
C6 NAG N . 15.74 10.46 -46.70
C7 NAG N . 13.05 4.43 -47.33
C8 NAG N . 13.15 2.94 -47.41
N2 NAG N . 14.17 5.11 -47.61
O3 NAG N . 15.05 6.70 -49.83
O4 NAG N . 16.64 9.01 -49.12
O5 NAG N . 14.59 8.47 -46.14
O6 NAG N . 15.94 10.79 -45.33
O7 NAG N . 12.01 4.99 -47.00
#